data_6L1F
# 
_entry.id   6L1F 
# 
_audit_conform.dict_name       mmcif_pdbx.dic 
_audit_conform.dict_version    5.380 
_audit_conform.dict_location   http://mmcif.pdb.org/dictionaries/ascii/mmcif_pdbx.dic 
# 
loop_
_database_2.database_id 
_database_2.database_code 
_database_2.pdbx_database_accession 
_database_2.pdbx_DOI 
PDB   6L1F         pdb_00006l1f 10.2210/pdb6l1f/pdb 
WWPDB D_1300013985 ?            ?                   
# 
_pdbx_database_status.status_code                     REL 
_pdbx_database_status.status_code_sf                  REL 
_pdbx_database_status.status_code_mr                  ? 
_pdbx_database_status.entry_id                        6L1F 
_pdbx_database_status.recvd_initial_deposition_date   2019-09-29 
_pdbx_database_status.SG_entry                        N 
_pdbx_database_status.deposit_site                    PDBJ 
_pdbx_database_status.process_site                    PDBJ 
_pdbx_database_status.status_code_cs                  ? 
_pdbx_database_status.methods_development_category    ? 
_pdbx_database_status.pdb_format_compatible           Y 
_pdbx_database_status.status_code_nmr_data            ? 
# 
loop_
_audit_author.name 
_audit_author.pdbx_ordinal 
_audit_author.identifier_ORCID 
'Lv, M.Q.' 1 ? 
'Gao, J.'  2 ? 
# 
_citation.abstract                  ? 
_citation.abstract_id_CAS           ? 
_citation.book_id_ISBN              ? 
_citation.book_publisher            ? 
_citation.book_publisher_city       ? 
_citation.book_title                ? 
_citation.coordinate_linkage        ? 
_citation.country                   US 
_citation.database_id_Medline       ? 
_citation.details                   ? 
_citation.id                        primary 
_citation.journal_abbrev            'J Phys Chem Lett' 
_citation.journal_id_ASTM           ? 
_citation.journal_id_CSD            ? 
_citation.journal_id_ISSN           1948-7185 
_citation.journal_full              ? 
_citation.journal_issue             ? 
_citation.journal_volume            11 
_citation.language                  ? 
_citation.page_first                7932 
_citation.page_last                 7938 
_citation.title                     'Conformational Selection in Ligand Recognition by the First Tudor Domain of PHF20L1.' 
_citation.year                      2020 
_citation.database_id_CSD           ? 
_citation.pdbx_database_id_DOI      10.1021/acs.jpclett.0c02039 
_citation.pdbx_database_id_PubMed   32885980 
_citation.unpublished_flag          ? 
# 
loop_
_citation_author.citation_id 
_citation_author.name 
_citation_author.ordinal 
_citation_author.identifier_ORCID 
primary 'Lv, M.'    1  ? 
primary 'Gao, J.'   2  ? 
primary 'Li, M.'    3  ? 
primary 'Ma, R.'    4  ? 
primary 'Li, F.'    5  ? 
primary 'Liu, Y.'   6  ? 
primary 'Liu, M.'   7  ? 
primary 'Zhang, J.' 8  ? 
primary 'Yao, X.'   9  ? 
primary 'Wu, J.'    10 ? 
primary 'Shi, Y.'   11 ? 
primary 'Tang, Y.'  12 ? 
primary 'Pan, Y.'   13 ? 
primary 'Zhang, Z.' 14 ? 
primary 'Ruan, K.'  15 ? 
# 
_cell.angle_alpha                  90.000 
_cell.angle_alpha_esd              ? 
_cell.angle_beta                   90.000 
_cell.angle_beta_esd               ? 
_cell.angle_gamma                  90.000 
_cell.angle_gamma_esd              ? 
_cell.entry_id                     6L1F 
_cell.details                      ? 
_cell.formula_units_Z              ? 
_cell.length_a                     42.702 
_cell.length_a_esd                 ? 
_cell.length_b                     52.932 
_cell.length_b_esd                 ? 
_cell.length_c                     31.394 
_cell.length_c_esd                 ? 
_cell.volume                       ? 
_cell.volume_esd                   ? 
_cell.Z_PDB                        4 
_cell.reciprocal_angle_alpha       ? 
_cell.reciprocal_angle_beta        ? 
_cell.reciprocal_angle_gamma       ? 
_cell.reciprocal_angle_alpha_esd   ? 
_cell.reciprocal_angle_beta_esd    ? 
_cell.reciprocal_angle_gamma_esd   ? 
_cell.reciprocal_length_a          ? 
_cell.reciprocal_length_b          ? 
_cell.reciprocal_length_c          ? 
_cell.reciprocal_length_a_esd      ? 
_cell.reciprocal_length_b_esd      ? 
_cell.reciprocal_length_c_esd      ? 
_cell.pdbx_unique_axis             ? 
# 
_symmetry.entry_id                         6L1F 
_symmetry.cell_setting                     ? 
_symmetry.Int_Tables_number                18 
_symmetry.space_group_name_Hall            ? 
_symmetry.space_group_name_H-M             'P 21 21 2' 
_symmetry.pdbx_full_space_group_name_H-M   ? 
# 
loop_
_entity.id 
_entity.type 
_entity.src_method 
_entity.pdbx_description 
_entity.formula_weight 
_entity.pdbx_number_of_molecules 
_entity.pdbx_ec 
_entity.pdbx_mutation 
_entity.pdbx_fragment 
_entity.details 
1 polymer syn 'the K142me1 DNMT1 peptide'            663.703  1  ? ? ? 'MLZ represent mono-methylated lysine' 
2 polymer man 'PHD finger protein 20-like protein 1' 8693.805 1  ? ? ? ?                                      
3 water   nat water                                  18.015   32 ? ? ? ?                                      
# 
_entity_name_com.entity_id   2 
_entity_name_com.name        'Plant Homeodomain (PHD) Finger Protein 20-like 1' 
# 
loop_
_entity_poly.entity_id 
_entity_poly.type 
_entity_poly.nstd_linkage 
_entity_poly.nstd_monomer 
_entity_poly.pdbx_seq_one_letter_code 
_entity_poly.pdbx_seq_one_letter_code_can 
_entity_poly.pdbx_strand_id 
_entity_poly.pdbx_target_identifier 
1 'polypeptide(L)' no yes 'RS(MLZ)SDG'                                                           RSKSDG A ? 
2 'polypeptide(L)' no no  GSHMPPNRPGITFEIGARLEALDYLQKWYPSRIEKIDYEEGKMLVHFERWSHRYDEWIYWDSNRLRPLER 
GSHMPPNRPGITFEIGARLEALDYLQKWYPSRIEKIDYEEGKMLVHFERWSHRYDEWIYWDSNRLRPLER B ? 
# 
loop_
_entity_poly_seq.entity_id 
_entity_poly_seq.num 
_entity_poly_seq.mon_id 
_entity_poly_seq.hetero 
1 1  ARG n 
1 2  SER n 
1 3  MLZ n 
1 4  SER n 
1 5  ASP n 
1 6  GLY n 
2 1  GLY n 
2 2  SER n 
2 3  HIS n 
2 4  MET n 
2 5  PRO n 
2 6  PRO n 
2 7  ASN n 
2 8  ARG n 
2 9  PRO n 
2 10 GLY n 
2 11 ILE n 
2 12 THR n 
2 13 PHE n 
2 14 GLU n 
2 15 ILE n 
2 16 GLY n 
2 17 ALA n 
2 18 ARG n 
2 19 LEU n 
2 20 GLU n 
2 21 ALA n 
2 22 LEU n 
2 23 ASP n 
2 24 TYR n 
2 25 LEU n 
2 26 GLN n 
2 27 LYS n 
2 28 TRP n 
2 29 TYR n 
2 30 PRO n 
2 31 SER n 
2 32 ARG n 
2 33 ILE n 
2 34 GLU n 
2 35 LYS n 
2 36 ILE n 
2 37 ASP n 
2 38 TYR n 
2 39 GLU n 
2 40 GLU n 
2 41 GLY n 
2 42 LYS n 
2 43 MET n 
2 44 LEU n 
2 45 VAL n 
2 46 HIS n 
2 47 PHE n 
2 48 GLU n 
2 49 ARG n 
2 50 TRP n 
2 51 SER n 
2 52 HIS n 
2 53 ARG n 
2 54 TYR n 
2 55 ASP n 
2 56 GLU n 
2 57 TRP n 
2 58 ILE n 
2 59 TYR n 
2 60 TRP n 
2 61 ASP n 
2 62 SER n 
2 63 ASN n 
2 64 ARG n 
2 65 LEU n 
2 66 ARG n 
2 67 PRO n 
2 68 LEU n 
2 69 GLU n 
2 70 ARG n 
# 
_entity_src_gen.entity_id                          2 
_entity_src_gen.pdbx_src_id                        1 
_entity_src_gen.pdbx_alt_source_flag               sample 
_entity_src_gen.pdbx_seq_type                      'Biological sequence' 
_entity_src_gen.pdbx_beg_seq_num                   1 
_entity_src_gen.pdbx_end_seq_num                   70 
_entity_src_gen.gene_src_common_name               Human 
_entity_src_gen.gene_src_genus                     ? 
_entity_src_gen.pdbx_gene_src_gene                 'PHF20L1, CGI-72' 
_entity_src_gen.gene_src_species                   ? 
_entity_src_gen.gene_src_strain                    ? 
_entity_src_gen.gene_src_tissue                    ? 
_entity_src_gen.gene_src_tissue_fraction           ? 
_entity_src_gen.gene_src_details                   ? 
_entity_src_gen.pdbx_gene_src_fragment             ? 
_entity_src_gen.pdbx_gene_src_scientific_name      'Homo sapiens' 
_entity_src_gen.pdbx_gene_src_ncbi_taxonomy_id     9606 
_entity_src_gen.pdbx_gene_src_variant              ? 
_entity_src_gen.pdbx_gene_src_cell_line            ? 
_entity_src_gen.pdbx_gene_src_atcc                 ? 
_entity_src_gen.pdbx_gene_src_organ                ? 
_entity_src_gen.pdbx_gene_src_organelle            ? 
_entity_src_gen.pdbx_gene_src_cell                 ? 
_entity_src_gen.pdbx_gene_src_cellular_location    ? 
_entity_src_gen.host_org_common_name               ? 
_entity_src_gen.pdbx_host_org_scientific_name      'Escherichia coli' 
_entity_src_gen.pdbx_host_org_ncbi_taxonomy_id     562 
_entity_src_gen.host_org_genus                     ? 
_entity_src_gen.pdbx_host_org_gene                 ? 
_entity_src_gen.pdbx_host_org_organ                ? 
_entity_src_gen.host_org_species                   ? 
_entity_src_gen.pdbx_host_org_tissue               ? 
_entity_src_gen.pdbx_host_org_tissue_fraction      ? 
_entity_src_gen.pdbx_host_org_strain               ? 
_entity_src_gen.pdbx_host_org_variant              ? 
_entity_src_gen.pdbx_host_org_cell_line            ? 
_entity_src_gen.pdbx_host_org_atcc                 ? 
_entity_src_gen.pdbx_host_org_culture_collection   ? 
_entity_src_gen.pdbx_host_org_cell                 ? 
_entity_src_gen.pdbx_host_org_organelle            ? 
_entity_src_gen.pdbx_host_org_cellular_location    ? 
_entity_src_gen.pdbx_host_org_vector_type          ? 
_entity_src_gen.pdbx_host_org_vector               ? 
_entity_src_gen.host_org_details                   ? 
_entity_src_gen.expression_system_id               ? 
_entity_src_gen.plasmid_name                       ? 
_entity_src_gen.plasmid_details                    ? 
_entity_src_gen.pdbx_description                   ? 
# 
_pdbx_entity_src_syn.entity_id              1 
_pdbx_entity_src_syn.pdbx_src_id            1 
_pdbx_entity_src_syn.pdbx_alt_source_flag   sample 
_pdbx_entity_src_syn.pdbx_beg_seq_num       1 
_pdbx_entity_src_syn.pdbx_end_seq_num       6 
_pdbx_entity_src_syn.organism_scientific    'Homo sapiens' 
_pdbx_entity_src_syn.organism_common_name   Human 
_pdbx_entity_src_syn.ncbi_taxonomy_id       9606 
_pdbx_entity_src_syn.details                ? 
# 
loop_
_struct_ref.id 
_struct_ref.db_name 
_struct_ref.db_code 
_struct_ref.pdbx_db_accession 
_struct_ref.pdbx_db_isoform 
_struct_ref.entity_id 
_struct_ref.pdbx_seq_one_letter_code 
_struct_ref.pdbx_align_begin 
1 UNP DNMT1_HUMAN P26358 ? 1 RSKSDG                                                             140 
2 UNP P20L1_HUMAN A8MW92 ? 2 PPNRPGITFEIGARLEALDYLQKWYPSRIEKIDYEEGKMLVHFERWSHRYDEWIYWDSNRLRPLER 5   
# 
loop_
_struct_ref_seq.align_id 
_struct_ref_seq.ref_id 
_struct_ref_seq.pdbx_PDB_id_code 
_struct_ref_seq.pdbx_strand_id 
_struct_ref_seq.seq_align_beg 
_struct_ref_seq.pdbx_seq_align_beg_ins_code 
_struct_ref_seq.seq_align_end 
_struct_ref_seq.pdbx_seq_align_end_ins_code 
_struct_ref_seq.pdbx_db_accession 
_struct_ref_seq.db_align_beg 
_struct_ref_seq.pdbx_db_align_beg_ins_code 
_struct_ref_seq.db_align_end 
_struct_ref_seq.pdbx_db_align_end_ins_code 
_struct_ref_seq.pdbx_auth_seq_align_beg 
_struct_ref_seq.pdbx_auth_seq_align_end 
1 1 6L1F A 1 ? 6  ? P26358 140 ? 145 ? 140 145 
2 2 6L1F B 5 ? 70 ? A8MW92 5   ? 70  ? 5   70  
# 
loop_
_struct_ref_seq_dif.align_id 
_struct_ref_seq_dif.pdbx_pdb_id_code 
_struct_ref_seq_dif.mon_id 
_struct_ref_seq_dif.pdbx_pdb_strand_id 
_struct_ref_seq_dif.seq_num 
_struct_ref_seq_dif.pdbx_pdb_ins_code 
_struct_ref_seq_dif.pdbx_seq_db_name 
_struct_ref_seq_dif.pdbx_seq_db_accession_code 
_struct_ref_seq_dif.db_mon_id 
_struct_ref_seq_dif.pdbx_seq_db_seq_num 
_struct_ref_seq_dif.details 
_struct_ref_seq_dif.pdbx_auth_seq_num 
_struct_ref_seq_dif.pdbx_ordinal 
2 6L1F GLY B 1 ? UNP A8MW92 ? ? 'expression tag' 1 1 
2 6L1F SER B 2 ? UNP A8MW92 ? ? 'expression tag' 2 2 
2 6L1F HIS B 3 ? UNP A8MW92 ? ? 'expression tag' 3 3 
2 6L1F MET B 4 ? UNP A8MW92 ? ? 'expression tag' 4 4 
# 
loop_
_chem_comp.id 
_chem_comp.type 
_chem_comp.mon_nstd_flag 
_chem_comp.name 
_chem_comp.pdbx_synonyms 
_chem_comp.formula 
_chem_comp.formula_weight 
ALA 'L-peptide linking' y ALANINE         ? 'C3 H7 N O2'     89.093  
ARG 'L-peptide linking' y ARGININE        ? 'C6 H15 N4 O2 1' 175.209 
ASN 'L-peptide linking' y ASPARAGINE      ? 'C4 H8 N2 O3'    132.118 
ASP 'L-peptide linking' y 'ASPARTIC ACID' ? 'C4 H7 N O4'     133.103 
GLN 'L-peptide linking' y GLUTAMINE       ? 'C5 H10 N2 O3'   146.144 
GLU 'L-peptide linking' y 'GLUTAMIC ACID' ? 'C5 H9 N O4'     147.129 
GLY 'peptide linking'   y GLYCINE         ? 'C2 H5 N O2'     75.067  
HIS 'L-peptide linking' y HISTIDINE       ? 'C6 H10 N3 O2 1' 156.162 
HOH non-polymer         . WATER           ? 'H2 O'           18.015  
ILE 'L-peptide linking' y ISOLEUCINE      ? 'C6 H13 N O2'    131.173 
LEU 'L-peptide linking' y LEUCINE         ? 'C6 H13 N O2'    131.173 
LYS 'L-peptide linking' y LYSINE          ? 'C6 H15 N2 O2 1' 147.195 
MET 'L-peptide linking' y METHIONINE      ? 'C5 H11 N O2 S'  149.211 
MLZ 'L-peptide linking' n N-METHYL-LYSINE ? 'C7 H16 N2 O2'   160.214 
PHE 'L-peptide linking' y PHENYLALANINE   ? 'C9 H11 N O2'    165.189 
PRO 'L-peptide linking' y PROLINE         ? 'C5 H9 N O2'     115.130 
SER 'L-peptide linking' y SERINE          ? 'C3 H7 N O3'     105.093 
THR 'L-peptide linking' y THREONINE       ? 'C4 H9 N O3'     119.119 
TRP 'L-peptide linking' y TRYPTOPHAN      ? 'C11 H12 N2 O2'  204.225 
TYR 'L-peptide linking' y TYROSINE        ? 'C9 H11 N O3'    181.189 
VAL 'L-peptide linking' y VALINE          ? 'C5 H11 N O2'    117.146 
# 
_exptl.absorpt_coefficient_mu     ? 
_exptl.absorpt_correction_T_max   ? 
_exptl.absorpt_correction_T_min   ? 
_exptl.absorpt_correction_type    ? 
_exptl.absorpt_process_details    ? 
_exptl.entry_id                   6L1F 
_exptl.crystals_number            1 
_exptl.details                    ? 
_exptl.method                     'X-RAY DIFFRACTION' 
_exptl.method_details             ? 
# 
_exptl_crystal.colour                      ? 
_exptl_crystal.density_diffrn              ? 
_exptl_crystal.density_Matthews            2.07 
_exptl_crystal.density_method              ? 
_exptl_crystal.density_percent_sol         35.12 
_exptl_crystal.description                 ? 
_exptl_crystal.F_000                       ? 
_exptl_crystal.id                          1 
_exptl_crystal.preparation                 ? 
_exptl_crystal.size_max                    ? 
_exptl_crystal.size_mid                    ? 
_exptl_crystal.size_min                    ? 
_exptl_crystal.size_rad                    ? 
_exptl_crystal.colour_lustre               ? 
_exptl_crystal.colour_modifier             ? 
_exptl_crystal.colour_primary              ? 
_exptl_crystal.density_meas                ? 
_exptl_crystal.density_meas_esd            ? 
_exptl_crystal.density_meas_gt             ? 
_exptl_crystal.density_meas_lt             ? 
_exptl_crystal.density_meas_temp           ? 
_exptl_crystal.density_meas_temp_esd       ? 
_exptl_crystal.density_meas_temp_gt        ? 
_exptl_crystal.density_meas_temp_lt        ? 
_exptl_crystal.pdbx_crystal_image_url      ? 
_exptl_crystal.pdbx_crystal_image_format   ? 
_exptl_crystal.pdbx_mosaicity              ? 
_exptl_crystal.pdbx_mosaicity_esd          ? 
# 
_exptl_crystal_grow.apparatus       ? 
_exptl_crystal_grow.atmosphere      ? 
_exptl_crystal_grow.crystal_id      1 
_exptl_crystal_grow.details         ? 
_exptl_crystal_grow.method          'VAPOR DIFFUSION, HANGING DROP' 
_exptl_crystal_grow.method_ref      ? 
_exptl_crystal_grow.pH              ? 
_exptl_crystal_grow.pressure        ? 
_exptl_crystal_grow.pressure_esd    ? 
_exptl_crystal_grow.seeding         ? 
_exptl_crystal_grow.seeding_ref     ? 
_exptl_crystal_grow.temp            293 
_exptl_crystal_grow.temp_details    ? 
_exptl_crystal_grow.temp_esd        ? 
_exptl_crystal_grow.time            ? 
_exptl_crystal_grow.pdbx_details    '30% PEG MME 2000, 0.1M sodium cacodylate, pH 6.0' 
_exptl_crystal_grow.pdbx_pH_range   ? 
# 
_diffrn.ambient_environment              ? 
_diffrn.ambient_temp                     100 
_diffrn.ambient_temp_details             ? 
_diffrn.ambient_temp_esd                 ? 
_diffrn.crystal_id                       1 
_diffrn.crystal_support                  ? 
_diffrn.crystal_treatment                ? 
_diffrn.details                          ? 
_diffrn.id                               1 
_diffrn.ambient_pressure                 ? 
_diffrn.ambient_pressure_esd             ? 
_diffrn.ambient_pressure_gt              ? 
_diffrn.ambient_pressure_lt              ? 
_diffrn.ambient_temp_gt                  ? 
_diffrn.ambient_temp_lt                  ? 
_diffrn.pdbx_serial_crystal_experiment   N 
# 
_diffrn_detector.details                      ? 
_diffrn_detector.detector                     PIXEL 
_diffrn_detector.diffrn_id                    1 
_diffrn_detector.type                         'DECTRIS PILATUS 6M' 
_diffrn_detector.area_resol_mean              ? 
_diffrn_detector.dtime                        ? 
_diffrn_detector.pdbx_frames_total            ? 
_diffrn_detector.pdbx_collection_time_total   ? 
_diffrn_detector.pdbx_collection_date         2018-04-14 
_diffrn_detector.pdbx_frequency               ? 
# 
_diffrn_radiation.collimation                      ? 
_diffrn_radiation.diffrn_id                        1 
_diffrn_radiation.filter_edge                      ? 
_diffrn_radiation.inhomogeneity                    ? 
_diffrn_radiation.monochromator                    ? 
_diffrn_radiation.polarisn_norm                    ? 
_diffrn_radiation.polarisn_ratio                   ? 
_diffrn_radiation.probe                            ? 
_diffrn_radiation.type                             ? 
_diffrn_radiation.xray_symbol                      ? 
_diffrn_radiation.wavelength_id                    1 
_diffrn_radiation.pdbx_monochromatic_or_laue_m_l   M 
_diffrn_radiation.pdbx_wavelength_list             ? 
_diffrn_radiation.pdbx_wavelength                  ? 
_diffrn_radiation.pdbx_diffrn_protocol             'SINGLE WAVELENGTH' 
_diffrn_radiation.pdbx_analyzer                    ? 
_diffrn_radiation.pdbx_scattering_type             x-ray 
# 
_diffrn_radiation_wavelength.id           1 
_diffrn_radiation_wavelength.wavelength   0.979 
_diffrn_radiation_wavelength.wt           1.0 
# 
_diffrn_source.current                     ? 
_diffrn_source.details                     ? 
_diffrn_source.diffrn_id                   1 
_diffrn_source.power                       ? 
_diffrn_source.size                        ? 
_diffrn_source.source                      SYNCHROTRON 
_diffrn_source.target                      ? 
_diffrn_source.type                        'SSRF BEAMLINE BL19U1' 
_diffrn_source.voltage                     ? 
_diffrn_source.take-off_angle              ? 
_diffrn_source.pdbx_wavelength_list        0.979 
_diffrn_source.pdbx_wavelength             ? 
_diffrn_source.pdbx_synchrotron_beamline   BL19U1 
_diffrn_source.pdbx_synchrotron_site       SSRF 
# 
_reflns.B_iso_Wilson_estimate            ? 
_reflns.entry_id                         6L1F 
_reflns.data_reduction_details           ? 
_reflns.data_reduction_method            ? 
_reflns.d_resolution_high                1.90 
_reflns.d_resolution_low                 33.24 
_reflns.details                          ? 
_reflns.limit_h_max                      ? 
_reflns.limit_h_min                      ? 
_reflns.limit_k_max                      ? 
_reflns.limit_k_min                      ? 
_reflns.limit_l_max                      ? 
_reflns.limit_l_min                      ? 
_reflns.number_all                       ? 
_reflns.number_obs                       5921 
_reflns.observed_criterion               ? 
_reflns.observed_criterion_F_max         ? 
_reflns.observed_criterion_F_min         ? 
_reflns.observed_criterion_I_max         ? 
_reflns.observed_criterion_I_min         ? 
_reflns.observed_criterion_sigma_F       ? 
_reflns.observed_criterion_sigma_I       ? 
_reflns.percent_possible_obs             99.01 
_reflns.R_free_details                   ? 
_reflns.Rmerge_F_all                     ? 
_reflns.Rmerge_F_obs                     ? 
_reflns.Friedel_coverage                 ? 
_reflns.number_gt                        ? 
_reflns.threshold_expression             ? 
_reflns.pdbx_redundancy                  6.3 
_reflns.pdbx_Rmerge_I_obs                0.119 
_reflns.pdbx_Rmerge_I_all                ? 
_reflns.pdbx_Rsym_value                  ? 
_reflns.pdbx_netI_over_av_sigmaI         ? 
_reflns.pdbx_netI_over_sigmaI            16.9 
_reflns.pdbx_res_netI_over_av_sigmaI_2   ? 
_reflns.pdbx_res_netI_over_sigmaI_2      ? 
_reflns.pdbx_chi_squared                 ? 
_reflns.pdbx_scaling_rejects             ? 
_reflns.pdbx_d_res_high_opt              ? 
_reflns.pdbx_d_res_low_opt               ? 
_reflns.pdbx_d_res_opt_method            ? 
_reflns.phase_calculation_details        ? 
_reflns.pdbx_Rrim_I_all                  ? 
_reflns.pdbx_Rpim_I_all                  ? 
_reflns.pdbx_d_opt                       ? 
_reflns.pdbx_number_measured_all         ? 
_reflns.pdbx_diffrn_id                   1 
_reflns.pdbx_ordinal                     1 
_reflns.pdbx_CC_half                     ? 
_reflns.pdbx_CC_star                     ? 
_reflns.pdbx_R_split                     ? 
# 
_reflns_shell.d_res_high                  1.90 
_reflns_shell.d_res_low                   1.93 
_reflns_shell.meanI_over_sigI_all         ? 
_reflns_shell.meanI_over_sigI_obs         2.1 
_reflns_shell.number_measured_all         ? 
_reflns_shell.number_measured_obs         ? 
_reflns_shell.number_possible             ? 
_reflns_shell.number_unique_all           ? 
_reflns_shell.number_unique_obs           553 
_reflns_shell.percent_possible_all        ? 
_reflns_shell.percent_possible_obs        ? 
_reflns_shell.Rmerge_F_all                ? 
_reflns_shell.Rmerge_F_obs                ? 
_reflns_shell.Rmerge_I_all                ? 
_reflns_shell.Rmerge_I_obs                0.541 
_reflns_shell.meanI_over_sigI_gt          ? 
_reflns_shell.meanI_over_uI_all           ? 
_reflns_shell.meanI_over_uI_gt            ? 
_reflns_shell.number_measured_gt          ? 
_reflns_shell.number_unique_gt            ? 
_reflns_shell.percent_possible_gt         ? 
_reflns_shell.Rmerge_F_gt                 ? 
_reflns_shell.Rmerge_I_gt                 ? 
_reflns_shell.pdbx_redundancy             ? 
_reflns_shell.pdbx_Rsym_value             ? 
_reflns_shell.pdbx_chi_squared            ? 
_reflns_shell.pdbx_netI_over_sigmaI_all   ? 
_reflns_shell.pdbx_netI_over_sigmaI_obs   ? 
_reflns_shell.pdbx_Rrim_I_all             ? 
_reflns_shell.pdbx_Rpim_I_all             ? 
_reflns_shell.pdbx_rejects                ? 
_reflns_shell.pdbx_ordinal                1 
_reflns_shell.pdbx_diffrn_id              1 
_reflns_shell.pdbx_CC_half                ? 
_reflns_shell.pdbx_CC_star                ? 
_reflns_shell.pdbx_R_split                ? 
# 
_refine.aniso_B[1][1]                            ? 
_refine.aniso_B[1][2]                            ? 
_refine.aniso_B[1][3]                            ? 
_refine.aniso_B[2][2]                            ? 
_refine.aniso_B[2][3]                            ? 
_refine.aniso_B[3][3]                            ? 
_refine.B_iso_max                                68.800 
_refine.B_iso_mean                               27.3073 
_refine.B_iso_min                                11.780 
_refine.correlation_coeff_Fo_to_Fc               ? 
_refine.correlation_coeff_Fo_to_Fc_free          ? 
_refine.details                                  ? 
_refine.diff_density_max                         ? 
_refine.diff_density_max_esd                     ? 
_refine.diff_density_min                         ? 
_refine.diff_density_min_esd                     ? 
_refine.diff_density_rms                         ? 
_refine.diff_density_rms_esd                     ? 
_refine.entry_id                                 6L1F 
_refine.pdbx_refine_id                           'X-RAY DIFFRACTION' 
_refine.ls_abs_structure_details                 ? 
_refine.ls_abs_structure_Flack                   ? 
_refine.ls_abs_structure_Flack_esd               ? 
_refine.ls_abs_structure_Rogers                  ? 
_refine.ls_abs_structure_Rogers_esd              ? 
_refine.ls_d_res_high                            1.9000 
_refine.ls_d_res_low                             33.2350 
_refine.ls_extinction_coef                       ? 
_refine.ls_extinction_coef_esd                   ? 
_refine.ls_extinction_expression                 ? 
_refine.ls_extinction_method                     ? 
_refine.ls_goodness_of_fit_all                   ? 
_refine.ls_goodness_of_fit_all_esd               ? 
_refine.ls_goodness_of_fit_obs                   ? 
_refine.ls_goodness_of_fit_obs_esd               ? 
_refine.ls_hydrogen_treatment                    ? 
_refine.ls_matrix_type                           ? 
_refine.ls_number_constraints                    ? 
_refine.ls_number_parameters                     ? 
_refine.ls_number_reflns_all                     ? 
_refine.ls_number_reflns_obs                     5921 
_refine.ls_number_reflns_R_free                  553 
_refine.ls_number_reflns_R_work                  ? 
_refine.ls_number_restraints                     ? 
_refine.ls_percent_reflns_obs                    99.0100 
_refine.ls_percent_reflns_R_free                 9.3400 
_refine.ls_R_factor_all                          ? 
_refine.ls_R_factor_obs                          0.1960 
_refine.ls_R_factor_R_free                       0.2297 
_refine.ls_R_factor_R_free_error                 ? 
_refine.ls_R_factor_R_free_error_details         ? 
_refine.ls_R_factor_R_work                       0.1922 
_refine.ls_R_Fsqd_factor_obs                     ? 
_refine.ls_R_I_factor_obs                        ? 
_refine.ls_redundancy_reflns_all                 ? 
_refine.ls_redundancy_reflns_obs                 ? 
_refine.ls_restrained_S_all                      ? 
_refine.ls_restrained_S_obs                      ? 
_refine.ls_shift_over_esd_max                    ? 
_refine.ls_shift_over_esd_mean                   ? 
_refine.ls_structure_factor_coef                 ? 
_refine.ls_weighting_details                     ? 
_refine.ls_weighting_scheme                      ? 
_refine.ls_wR_factor_all                         ? 
_refine.ls_wR_factor_obs                         ? 
_refine.ls_wR_factor_R_free                      ? 
_refine.ls_wR_factor_R_work                      ? 
_refine.occupancy_max                            ? 
_refine.occupancy_min                            ? 
_refine.solvent_model_details                    ? 
_refine.solvent_model_param_bsol                 ? 
_refine.solvent_model_param_ksol                 ? 
_refine.pdbx_R_complete                          ? 
_refine.ls_R_factor_gt                           ? 
_refine.ls_goodness_of_fit_gt                    ? 
_refine.ls_goodness_of_fit_ref                   ? 
_refine.ls_shift_over_su_max                     ? 
_refine.ls_shift_over_su_max_lt                  ? 
_refine.ls_shift_over_su_mean                    ? 
_refine.ls_shift_over_su_mean_lt                 ? 
_refine.pdbx_ls_sigma_I                          ? 
_refine.pdbx_ls_sigma_F                          1.380 
_refine.pdbx_ls_sigma_Fsqd                       ? 
_refine.pdbx_data_cutoff_high_absF               ? 
_refine.pdbx_data_cutoff_high_rms_absF           ? 
_refine.pdbx_data_cutoff_low_absF                ? 
_refine.pdbx_isotropic_thermal_model             ? 
_refine.pdbx_ls_cross_valid_method               THROUGHOUT 
_refine.pdbx_method_to_determine_struct          'MOLECULAR REPLACEMENT' 
_refine.pdbx_starting_model                      3SD4 
_refine.pdbx_stereochemistry_target_values       ? 
_refine.pdbx_R_Free_selection_details            RANDOM 
_refine.pdbx_stereochem_target_val_spec_case     ? 
_refine.pdbx_overall_ESU_R                       ? 
_refine.pdbx_overall_ESU_R_Free                  ? 
_refine.pdbx_solvent_vdw_probe_radii             1.1100 
_refine.pdbx_solvent_ion_probe_radii             ? 
_refine.pdbx_solvent_shrinkage_radii             0.9000 
_refine.pdbx_real_space_R                        ? 
_refine.pdbx_density_correlation                 ? 
_refine.pdbx_pd_number_of_powder_patterns        ? 
_refine.pdbx_pd_number_of_points                 ? 
_refine.pdbx_pd_meas_number_of_points            ? 
_refine.pdbx_pd_proc_ls_prof_R_factor            ? 
_refine.pdbx_pd_proc_ls_prof_wR_factor           ? 
_refine.pdbx_pd_Marquardt_correlation_coeff      ? 
_refine.pdbx_pd_Fsqrd_R_factor                   ? 
_refine.pdbx_pd_ls_matrix_band_width             ? 
_refine.pdbx_overall_phase_error                 24.9800 
_refine.pdbx_overall_SU_R_free_Cruickshank_DPI   ? 
_refine.pdbx_overall_SU_R_free_Blow_DPI          ? 
_refine.pdbx_overall_SU_R_Blow_DPI               ? 
_refine.pdbx_TLS_residual_ADP_flag               ? 
_refine.pdbx_diffrn_id                           1 
_refine.overall_SU_B                             ? 
_refine.overall_SU_ML                            0.1700 
_refine.overall_SU_R_Cruickshank_DPI             ? 
_refine.overall_SU_R_free                        ? 
_refine.overall_FOM_free_R_set                   ? 
_refine.overall_FOM_work_R_set                   ? 
_refine.pdbx_average_fsc_overall                 ? 
_refine.pdbx_average_fsc_work                    ? 
_refine.pdbx_average_fsc_free                    ? 
# 
_refine_hist.pdbx_refine_id                   'X-RAY DIFFRACTION' 
_refine_hist.cycle_id                         final 
_refine_hist.details                          ? 
_refine_hist.d_res_high                       1.9000 
_refine_hist.d_res_low                        33.2350 
_refine_hist.number_atoms_solvent             32 
_refine_hist.number_atoms_total               667 
_refine_hist.number_reflns_all                ? 
_refine_hist.number_reflns_obs                ? 
_refine_hist.number_reflns_R_free             ? 
_refine_hist.number_reflns_R_work             ? 
_refine_hist.R_factor_all                     ? 
_refine_hist.R_factor_obs                     ? 
_refine_hist.R_factor_R_free                  ? 
_refine_hist.R_factor_R_work                  ? 
_refine_hist.pdbx_number_residues_total       73 
_refine_hist.pdbx_B_iso_mean_ligand           ? 
_refine_hist.pdbx_B_iso_mean_solvent          32.35 
_refine_hist.pdbx_number_atoms_protein        635 
_refine_hist.pdbx_number_atoms_nucleic_acid   0 
_refine_hist.pdbx_number_atoms_ligand         0 
_refine_hist.pdbx_number_atoms_lipid          ? 
_refine_hist.pdbx_number_atoms_carb           ? 
_refine_hist.pdbx_pseudo_atom_details         ? 
# 
loop_
_refine_ls_shell.pdbx_refine_id 
_refine_ls_shell.d_res_high 
_refine_ls_shell.d_res_low 
_refine_ls_shell.number_reflns_all 
_refine_ls_shell.number_reflns_obs 
_refine_ls_shell.number_reflns_R_free 
_refine_ls_shell.number_reflns_R_work 
_refine_ls_shell.percent_reflns_obs 
_refine_ls_shell.percent_reflns_R_free 
_refine_ls_shell.R_factor_all 
_refine_ls_shell.R_factor_obs 
_refine_ls_shell.R_factor_R_free 
_refine_ls_shell.R_factor_R_free_error 
_refine_ls_shell.R_factor_R_work 
_refine_ls_shell.redundancy_reflns_all 
_refine_ls_shell.redundancy_reflns_obs 
_refine_ls_shell.wR_factor_all 
_refine_ls_shell.wR_factor_obs 
_refine_ls_shell.wR_factor_R_free 
_refine_ls_shell.wR_factor_R_work 
_refine_ls_shell.pdbx_R_complete 
_refine_ls_shell.pdbx_total_number_of_bins_used 
_refine_ls_shell.pdbx_phase_error 
_refine_ls_shell.pdbx_fsc_work 
_refine_ls_shell.pdbx_fsc_free 
'X-RAY DIFFRACTION' 1.9000 2.0910  . . 111 1290 97.0000  . . . 0.2754 0.0000 0.1960 . . . . . . . . . . . 
'X-RAY DIFFRACTION' 2.0910 2.3935  . . 124 1343 100.0000 . . . 0.2503 0.0000 0.1956 . . . . . . . . . . . 
'X-RAY DIFFRACTION' 2.3935 3.0152  . . 154 1326 100.0000 . . . 0.2725 0.0000 0.2143 . . . . . . . . . . . 
'X-RAY DIFFRACTION' 3.0152 33.2303 . . 164 1409 99.0000  . . . 0.2017 0.0000 0.1810 . . . . . . . . . . . 
# 
_struct.entry_id                     6L1F 
_struct.title                        'Crystal structure of PHF20L1 Tudor1 in complex with K142me1 DNMT1' 
_struct.pdbx_model_details           ? 
_struct.pdbx_formula_weight          ? 
_struct.pdbx_formula_weight_method   ? 
_struct.pdbx_model_type_details      ? 
_struct.pdbx_CASP_flag               N 
# 
_struct_keywords.entry_id        6L1F 
_struct_keywords.text            'PHF20L1, Tudor, apo, METAL BINDING PROTEIN-PEPTIDE complex' 
_struct_keywords.pdbx_keywords   'METAL BINDING PROTEIN/PEPTIDE' 
# 
loop_
_struct_asym.id 
_struct_asym.pdbx_blank_PDB_chainid_flag 
_struct_asym.pdbx_modified 
_struct_asym.entity_id 
_struct_asym.details 
A N N 1 ? 
B N N 2 ? 
C N N 3 ? 
# 
_struct_conf.conf_type_id            HELX_P 
_struct_conf.id                      HELX_P1 
_struct_conf.pdbx_PDB_helix_id       AA1 
_struct_conf.beg_label_comp_id       SER 
_struct_conf.beg_label_asym_id       B 
_struct_conf.beg_label_seq_id        51 
_struct_conf.pdbx_beg_PDB_ins_code   ? 
_struct_conf.end_label_comp_id       ASP 
_struct_conf.end_label_asym_id       B 
_struct_conf.end_label_seq_id        55 
_struct_conf.pdbx_end_PDB_ins_code   ? 
_struct_conf.beg_auth_comp_id        SER 
_struct_conf.beg_auth_asym_id        B 
_struct_conf.beg_auth_seq_id         51 
_struct_conf.end_auth_comp_id        ASP 
_struct_conf.end_auth_asym_id        B 
_struct_conf.end_auth_seq_id         55 
_struct_conf.pdbx_PDB_helix_class    5 
_struct_conf.details                 ? 
_struct_conf.pdbx_PDB_helix_length   5 
# 
_struct_conf_type.id          HELX_P 
_struct_conf_type.criteria    ? 
_struct_conf_type.reference   ? 
# 
loop_
_struct_conn.id 
_struct_conn.conn_type_id 
_struct_conn.pdbx_leaving_atom_flag 
_struct_conn.pdbx_PDB_id 
_struct_conn.ptnr1_label_asym_id 
_struct_conn.ptnr1_label_comp_id 
_struct_conn.ptnr1_label_seq_id 
_struct_conn.ptnr1_label_atom_id 
_struct_conn.pdbx_ptnr1_label_alt_id 
_struct_conn.pdbx_ptnr1_PDB_ins_code 
_struct_conn.pdbx_ptnr1_standard_comp_id 
_struct_conn.ptnr1_symmetry 
_struct_conn.ptnr2_label_asym_id 
_struct_conn.ptnr2_label_comp_id 
_struct_conn.ptnr2_label_seq_id 
_struct_conn.ptnr2_label_atom_id 
_struct_conn.pdbx_ptnr2_label_alt_id 
_struct_conn.pdbx_ptnr2_PDB_ins_code 
_struct_conn.ptnr1_auth_asym_id 
_struct_conn.ptnr1_auth_comp_id 
_struct_conn.ptnr1_auth_seq_id 
_struct_conn.ptnr2_auth_asym_id 
_struct_conn.ptnr2_auth_comp_id 
_struct_conn.ptnr2_auth_seq_id 
_struct_conn.ptnr2_symmetry 
_struct_conn.pdbx_ptnr3_label_atom_id 
_struct_conn.pdbx_ptnr3_label_seq_id 
_struct_conn.pdbx_ptnr3_label_comp_id 
_struct_conn.pdbx_ptnr3_label_asym_id 
_struct_conn.pdbx_ptnr3_label_alt_id 
_struct_conn.pdbx_ptnr3_PDB_ins_code 
_struct_conn.details 
_struct_conn.pdbx_dist_value 
_struct_conn.pdbx_value_order 
_struct_conn.pdbx_role 
covale1 covale both ? A SER 2 C ? ? ? 1_555 A MLZ 3 N ? ? A SER 141 A MLZ 142 1_555 ? ? ? ? ? ? ? 1.334 ? ? 
covale2 covale both ? A MLZ 3 C ? ? ? 1_555 A SER 4 N ? ? A MLZ 142 A SER 143 1_555 ? ? ? ? ? ? ? 1.324 ? ? 
# 
_struct_conn_type.id          covale 
_struct_conn_type.criteria    ? 
_struct_conn_type.reference   ? 
# 
_struct_sheet.id               AA1 
_struct_sheet.type             ? 
_struct_sheet.number_strands   5 
_struct_sheet.details          ? 
# 
loop_
_struct_sheet_order.sheet_id 
_struct_sheet_order.range_id_1 
_struct_sheet_order.range_id_2 
_struct_sheet_order.offset 
_struct_sheet_order.sense 
AA1 1 2 ? anti-parallel 
AA1 2 3 ? anti-parallel 
AA1 3 4 ? anti-parallel 
AA1 4 5 ? anti-parallel 
# 
loop_
_struct_sheet_range.sheet_id 
_struct_sheet_range.id 
_struct_sheet_range.beg_label_comp_id 
_struct_sheet_range.beg_label_asym_id 
_struct_sheet_range.beg_label_seq_id 
_struct_sheet_range.pdbx_beg_PDB_ins_code 
_struct_sheet_range.end_label_comp_id 
_struct_sheet_range.end_label_asym_id 
_struct_sheet_range.end_label_seq_id 
_struct_sheet_range.pdbx_end_PDB_ins_code 
_struct_sheet_range.beg_auth_comp_id 
_struct_sheet_range.beg_auth_asym_id 
_struct_sheet_range.beg_auth_seq_id 
_struct_sheet_range.end_auth_comp_id 
_struct_sheet_range.end_auth_asym_id 
_struct_sheet_range.end_auth_seq_id 
AA1 1 GLU B 56 ? TYR B 59 ? GLU B 56 TYR B 59 
AA1 2 LYS B 42 ? PHE B 47 ? LYS B 42 PHE B 47 
AA1 3 TRP B 28 ? ASP B 37 ? TRP B 28 ASP B 37 
AA1 4 ARG B 18 ? LEU B 22 ? ARG B 18 LEU B 22 
AA1 5 LEU B 65 ? ARG B 66 ? LEU B 65 ARG B 66 
# 
loop_
_pdbx_struct_sheet_hbond.sheet_id 
_pdbx_struct_sheet_hbond.range_id_1 
_pdbx_struct_sheet_hbond.range_id_2 
_pdbx_struct_sheet_hbond.range_1_label_atom_id 
_pdbx_struct_sheet_hbond.range_1_label_comp_id 
_pdbx_struct_sheet_hbond.range_1_label_asym_id 
_pdbx_struct_sheet_hbond.range_1_label_seq_id 
_pdbx_struct_sheet_hbond.range_1_PDB_ins_code 
_pdbx_struct_sheet_hbond.range_1_auth_atom_id 
_pdbx_struct_sheet_hbond.range_1_auth_comp_id 
_pdbx_struct_sheet_hbond.range_1_auth_asym_id 
_pdbx_struct_sheet_hbond.range_1_auth_seq_id 
_pdbx_struct_sheet_hbond.range_2_label_atom_id 
_pdbx_struct_sheet_hbond.range_2_label_comp_id 
_pdbx_struct_sheet_hbond.range_2_label_asym_id 
_pdbx_struct_sheet_hbond.range_2_label_seq_id 
_pdbx_struct_sheet_hbond.range_2_PDB_ins_code 
_pdbx_struct_sheet_hbond.range_2_auth_atom_id 
_pdbx_struct_sheet_hbond.range_2_auth_comp_id 
_pdbx_struct_sheet_hbond.range_2_auth_asym_id 
_pdbx_struct_sheet_hbond.range_2_auth_seq_id 
AA1 1 2 O GLU B 56 ? O GLU B 56 N VAL B 45 ? N VAL B 45 
AA1 2 3 O LEU B 44 ? O LEU B 44 N GLU B 34 ? N GLU B 34 
AA1 3 4 O SER B 31 ? O SER B 31 N LEU B 19 ? N LEU B 19 
AA1 4 5 N GLU B 20 ? N GLU B 20 O ARG B 66 ? O ARG B 66 
# 
_atom_sites.entry_id                    6L1F 
_atom_sites.Cartn_transf_matrix[1][1]   ? 
_atom_sites.Cartn_transf_matrix[1][2]   ? 
_atom_sites.Cartn_transf_matrix[1][3]   ? 
_atom_sites.Cartn_transf_matrix[2][1]   ? 
_atom_sites.Cartn_transf_matrix[2][2]   ? 
_atom_sites.Cartn_transf_matrix[2][3]   ? 
_atom_sites.Cartn_transf_matrix[3][1]   ? 
_atom_sites.Cartn_transf_matrix[3][2]   ? 
_atom_sites.Cartn_transf_matrix[3][3]   ? 
_atom_sites.Cartn_transf_vector[1]      ? 
_atom_sites.Cartn_transf_vector[2]      ? 
_atom_sites.Cartn_transf_vector[3]      ? 
_atom_sites.fract_transf_matrix[1][1]   0.00262935 
_atom_sites.fract_transf_matrix[1][2]   0.01478371 
_atom_sites.fract_transf_matrix[1][3]   -0.01797029 
_atom_sites.fract_transf_matrix[2][1]   0.01556420 
_atom_sites.fract_transf_matrix[2][2]   -0.00927438 
_atom_sites.fract_transf_matrix[2][3]   -0.00535250 
_atom_sites.fract_transf_matrix[3][1]   -0.01769669 
_atom_sites.fract_transf_matrix[3][2]   -0.01912417 
_atom_sites.fract_transf_matrix[3][3]   -0.01832230 
_atom_sites.fract_transf_vector[1]      -0.231475 
_atom_sites.fract_transf_vector[2]      0.201814 
_atom_sites.fract_transf_vector[3]      -0.425866 
_atom_sites.solution_primary            ? 
_atom_sites.solution_secondary          ? 
_atom_sites.solution_hydrogens          ? 
_atom_sites.special_details             ? 
# 
loop_
_atom_type.symbol 
C 
N 
O 
S 
# 
loop_
_atom_site.group_PDB 
_atom_site.id 
_atom_site.type_symbol 
_atom_site.label_atom_id 
_atom_site.label_alt_id 
_atom_site.label_comp_id 
_atom_site.label_asym_id 
_atom_site.label_entity_id 
_atom_site.label_seq_id 
_atom_site.pdbx_PDB_ins_code 
_atom_site.Cartn_x 
_atom_site.Cartn_y 
_atom_site.Cartn_z 
_atom_site.occupancy 
_atom_site.B_iso_or_equiv 
_atom_site.pdbx_formal_charge 
_atom_site.auth_seq_id 
_atom_site.auth_comp_id 
_atom_site.auth_asym_id 
_atom_site.auth_atom_id 
_atom_site.pdbx_PDB_model_num 
ATOM   1   N N   . ARG A 1 1  ? -3.419  -18.483 -6.136  1.00 62.13 ? 140 ARG A N   1 
ATOM   2   C CA  . ARG A 1 1  ? -2.357  -17.524 -6.410  1.00 56.81 ? 140 ARG A CA  1 
ATOM   3   C C   . ARG A 1 1  ? -1.402  -17.402 -5.223  1.00 56.01 ? 140 ARG A C   1 
ATOM   4   O O   . ARG A 1 1  ? -1.813  -17.047 -4.116  1.00 51.07 ? 140 ARG A O   1 
ATOM   5   C CB  . ARG A 1 1  ? -2.958  -16.163 -6.752  1.00 58.01 ? 140 ARG A CB  1 
ATOM   6   C CG  . ARG A 1 1  ? -4.217  -15.843 -5.955  1.00 65.76 ? 140 ARG A CG  1 
ATOM   7   C CD  . ARG A 1 1  ? -5.074  -14.785 -6.637  1.00 68.80 ? 140 ARG A CD  1 
ATOM   8   N NE  . ARG A 1 1  ? -4.266  -13.737 -7.257  1.00 66.17 ? 140 ARG A NE  1 
ATOM   9   C CZ  . ARG A 1 1  ? -4.756  -12.776 -8.035  1.00 63.05 ? 140 ARG A CZ  1 
ATOM   10  N NH1 . ARG A 1 1  ? -6.057  -12.727 -8.286  1.00 64.19 ? 140 ARG A NH1 1 
ATOM   11  N NH2 . ARG A 1 1  ? -3.950  -11.862 -8.558  1.00 56.06 ? 140 ARG A NH2 1 
ATOM   12  N N   . SER A 1 2  ? -0.130  -17.721 -5.461  1.00 55.50 ? 141 SER A N   1 
ATOM   13  C CA  . SER A 1 2  ? 0.926   -17.565 -4.457  1.00 46.22 ? 141 SER A CA  1 
ATOM   14  C C   . SER A 1 2  ? 2.064   -16.741 -5.060  1.00 37.97 ? 141 SER A C   1 
ATOM   15  O O   . SER A 1 2  ? 2.086   -16.523 -6.267  1.00 40.32 ? 141 SER A O   1 
ATOM   16  C CB  . SER A 1 2  ? 1.435   -18.926 -3.969  1.00 47.27 ? 141 SER A CB  1 
ATOM   17  O OG  . SER A 1 2  ? 2.361   -19.496 -4.880  1.00 47.73 ? 141 SER A OG  1 
HETATM 18  N N   . MLZ A 1 3  ? 3.004   -16.281 -4.233  1.00 30.44 ? 142 MLZ A N   1 
HETATM 19  C CA  . MLZ A 1 3  ? 4.058   -15.376 -4.707  1.00 28.47 ? 142 MLZ A CA  1 
HETATM 20  C CB  . MLZ A 1 3  ? 4.029   -14.051 -3.940  1.00 23.01 ? 142 MLZ A CB  1 
HETATM 21  C CG  . MLZ A 1 3  ? 2.770   -13.273 -4.241  1.00 24.23 ? 142 MLZ A CG  1 
HETATM 22  C CD  . MLZ A 1 3  ? 2.938   -11.830 -3.818  1.00 22.65 ? 142 MLZ A CD  1 
HETATM 23  C CE  . MLZ A 1 3  ? 1.637   -11.063 -4.032  1.00 19.07 ? 142 MLZ A CE  1 
HETATM 24  N NZ  . MLZ A 1 3  ? 1.792   -9.649  -3.685  1.00 19.99 ? 142 MLZ A NZ  1 
HETATM 25  C CM  . MLZ A 1 3  ? 0.674   -8.830  -4.083  1.00 24.98 ? 142 MLZ A CM  1 
HETATM 26  C C   . MLZ A 1 3  ? 5.522   -15.926 -4.628  1.00 35.77 ? 142 MLZ A C   1 
HETATM 27  O O   . MLZ A 1 3  ? 6.519   -15.168 -4.832  1.00 34.34 ? 142 MLZ A O   1 
ATOM   28  N N   . SER A 1 4  ? 5.647   -17.211 -4.332  1.00 35.93 ? 143 SER A N   1 
ATOM   29  C CA  . SER A 1 4  ? 6.945   -17.858 -4.365  1.00 33.00 ? 143 SER A CA  1 
ATOM   30  C C   . SER A 1 4  ? 6.786   -19.228 -4.993  1.00 36.14 ? 143 SER A C   1 
ATOM   31  O O   . SER A 1 4  ? 5.680   -19.768 -5.094  1.00 36.23 ? 143 SER A O   1 
ATOM   32  C CB  . SER A 1 4  ? 7.558   -17.958 -2.962  1.00 37.00 ? 143 SER A CB  1 
ATOM   33  O OG  . SER A 1 4  ? 6.786   -18.789 -2.115  1.00 35.82 ? 143 SER A OG  1 
ATOM   34  N N   . ASP A 1 5  ? 7.900   -19.781 -5.447  1.00 39.52 ? 144 ASP A N   1 
ATOM   35  C CA  . ASP A 1 5  ? 7.885   -21.047 -6.169  1.00 41.45 ? 144 ASP A CA  1 
ATOM   36  C C   . ASP A 1 5  ? 9.015   -21.899 -5.600  1.00 49.87 ? 144 ASP A C   1 
ATOM   37  O O   . ASP A 1 5  ? 10.188  -21.661 -5.902  1.00 52.49 ? 144 ASP A O   1 
ATOM   38  C CB  . ASP A 1 5  ? 8.036   -20.814 -7.665  1.00 37.71 ? 144 ASP A CB  1 
ATOM   39  C CG  . ASP A 1 5  ? 7.893   -22.077 -8.456  1.00 48.41 ? 144 ASP A CG  1 
ATOM   40  O OD1 . ASP A 1 5  ? 8.785   -22.360 -9.275  1.00 59.15 ? 144 ASP A OD1 1 
ATOM   41  O OD2 . ASP A 1 5  ? 6.897   -22.797 -8.240  1.00 54.04 ? 144 ASP A OD2 1 
ATOM   42  N N   . GLY A 1 6  ? 8.655   -22.867 -4.760  1.00 56.00 ? 145 GLY A N   1 
ATOM   43  C CA  . GLY A 1 6  ? 9.626   -23.712 -4.089  1.00 59.71 ? 145 GLY A CA  1 
ATOM   44  C C   . GLY A 1 6  ? 10.287  -23.035 -2.907  1.00 58.19 ? 145 GLY A C   1 
ATOM   45  O O   . GLY A 1 6  ? 11.507  -23.110 -2.751  1.00 59.79 ? 145 GLY A O   1 
ATOM   46  N N   . HIS B 2 3  ? 2.316   11.373  14.195  1.00 41.79 ? 3   HIS B N   1 
ATOM   47  C CA  . HIS B 2 3  ? 2.788   12.173  13.068  1.00 40.09 ? 3   HIS B CA  1 
ATOM   48  C C   . HIS B 2 3  ? 1.713   12.299  11.997  1.00 35.58 ? 3   HIS B C   1 
ATOM   49  O O   . HIS B 2 3  ? 0.816   11.464  11.901  1.00 26.53 ? 3   HIS B O   1 
ATOM   50  C CB  . HIS B 2 3  ? 4.059   11.565  12.465  1.00 44.92 ? 3   HIS B CB  1 
ATOM   51  C CG  . HIS B 2 3  ? 5.214   11.523  13.416  1.00 52.27 ? 3   HIS B CG  1 
ATOM   52  N ND1 . HIS B 2 3  ? 5.636   10.361  14.027  1.00 52.32 ? 3   HIS B ND1 1 
ATOM   53  C CD2 . HIS B 2 3  ? 6.021   12.507  13.880  1.00 53.82 ? 3   HIS B CD2 1 
ATOM   54  C CE1 . HIS B 2 3  ? 6.661   10.630  14.817  1.00 57.43 ? 3   HIS B CE1 1 
ATOM   55  N NE2 . HIS B 2 3  ? 6.913   11.925  14.747  1.00 56.90 ? 3   HIS B NE2 1 
ATOM   56  N N   . MET B 2 4  ? 1.823   13.337  11.182  1.00 35.46 ? 4   MET B N   1 
ATOM   57  C CA  . MET B 2 4  ? 0.823   13.478  10.136  1.00 32.87 ? 4   MET B CA  1 
ATOM   58  C C   . MET B 2 4  ? 1.369   13.047  8.779   1.00 29.65 ? 4   MET B C   1 
ATOM   59  O O   . MET B 2 4  ? 2.534   13.319  8.455   1.00 26.89 ? 4   MET B O   1 
ATOM   60  C CB  . MET B 2 4  ? 0.343   14.925  10.054  1.00 37.10 ? 4   MET B CB  1 
ATOM   61  C CG  . MET B 2 4  ? -0.302  15.413  11.333  1.00 42.95 ? 4   MET B CG  1 
ATOM   62  S SD  . MET B 2 4  ? -0.575  17.189  11.278  1.00 48.63 ? 4   MET B SD  1 
ATOM   63  C CE  . MET B 2 4  ? 0.978   17.778  10.607  1.00 52.62 ? 4   MET B CE  1 
ATOM   64  N N   . PRO B 2 5  ? 0.542   12.396  7.970   1.00 25.77 ? 5   PRO B N   1 
ATOM   65  C CA  . PRO B 2 5  ? 0.996   11.919  6.665   1.00 23.26 ? 5   PRO B CA  1 
ATOM   66  C C   . PRO B 2 5  ? 1.292   13.087  5.744   1.00 31.29 ? 5   PRO B C   1 
ATOM   67  O O   . PRO B 2 5  ? 0.771   14.194  5.943   1.00 25.94 ? 5   PRO B O   1 
ATOM   68  C CB  . PRO B 2 5  ? -0.198  11.093  6.147   1.00 24.68 ? 5   PRO B CB  1 
ATOM   69  C CG  . PRO B 2 5  ? -1.180  11.018  7.298   1.00 30.30 ? 5   PRO B CG  1 
ATOM   70  C CD  . PRO B 2 5  ? -0.900  12.190  8.168   1.00 30.19 ? 5   PRO B CD  1 
ATOM   71  N N   . PRO B 2 6  ? 2.121   12.887  4.726   1.00 32.08 ? 6   PRO B N   1 
ATOM   72  C CA  . PRO B 2 6  ? 2.410   13.973  3.787   1.00 28.82 ? 6   PRO B CA  1 
ATOM   73  C C   . PRO B 2 6  ? 1.268   14.147  2.796   1.00 26.39 ? 6   PRO B C   1 
ATOM   74  O O   . PRO B 2 6  ? 0.423   13.269  2.614   1.00 32.09 ? 6   PRO B O   1 
ATOM   75  C CB  . PRO B 2 6  ? 3.673   13.483  3.079   1.00 35.17 ? 6   PRO B CB  1 
ATOM   76  C CG  . PRO B 2 6  ? 3.456   11.988  3.019   1.00 33.97 ? 6   PRO B CG  1 
ATOM   77  C CD  . PRO B 2 6  ? 2.756   11.621  4.315   1.00 31.77 ? 6   PRO B CD  1 
ATOM   78  N N   . ASN B 2 7  ? 1.258   15.300  2.139   1.00 22.57 ? 7   ASN B N   1 
ATOM   79  C CA  . ASN B 2 7  ? 0.325   15.539  1.041   1.00 21.87 ? 7   ASN B CA  1 
ATOM   80  C C   . ASN B 2 7  ? 0.995   15.160  -0.275  1.00 30.94 ? 7   ASN B C   1 
ATOM   81  O O   . ASN B 2 7  ? 2.061   15.689  -0.613  1.00 38.20 ? 7   ASN B O   1 
ATOM   82  C CB  . ASN B 2 7  ? -0.128  16.999  1.002   1.00 33.23 ? 7   ASN B CB  1 
ATOM   83  C CG  . ASN B 2 7  ? -1.006  17.304  -0.208  1.00 38.29 ? 7   ASN B CG  1 
ATOM   84  O OD1 . ASN B 2 7  ? -0.885  18.359  -0.825  1.00 48.14 ? 7   ASN B OD1 1 
ATOM   85  N ND2 . ASN B 2 7  ? -1.891  16.372  -0.552  1.00 43.29 ? 7   ASN B ND2 1 
ATOM   86  N N   . ARG B 2 8  ? 0.370   14.255  -1.022  1.00 26.20 ? 8   ARG B N   1 
ATOM   87  C CA  . ARG B 2 8  ? 0.877   13.874  -2.331  1.00 25.04 ? 8   ARG B CA  1 
ATOM   88  C C   . ARG B 2 8  ? -0.277  13.844  -3.323  1.00 23.72 ? 8   ARG B C   1 
ATOM   89  O O   . ARG B 2 8  ? -1.371  13.375  -2.987  1.00 28.18 ? 8   ARG B O   1 
ATOM   90  C CB  . ARG B 2 8  ? 1.571   12.499  -2.282  1.00 27.56 ? 8   ARG B CB  1 
ATOM   91  C CG  . ARG B 2 8  ? 2.713   12.427  -1.293  1.00 28.36 ? 8   ARG B CG  1 
ATOM   92  C CD  . ARG B 2 8  ? 3.103   10.987  -1.002  1.00 40.66 ? 8   ARG B CD  1 
ATOM   93  N NE  . ARG B 2 8  ? 4.044   10.478  -1.992  1.00 39.36 ? 8   ARG B NE  1 
ATOM   94  C CZ  . ARG B 2 8  ? 4.511   9.228   -2.031  1.00 37.07 ? 8   ARG B CZ  1 
ATOM   95  N NH1 . ARG B 2 8  ? 4.128   8.298   -1.130  1.00 18.33 ? 8   ARG B NH1 1 
ATOM   96  N NH2 . ARG B 2 8  ? 5.364   8.902   -2.996  1.00 29.92 ? 8   ARG B NH2 1 
ATOM   97  N N   . PRO B 2 9  ? -0.076  14.346  -4.540  1.00 24.62 ? 9   PRO B N   1 
ATOM   98  C CA  . PRO B 2 9  ? -1.194  14.425  -5.487  1.00 19.84 ? 9   PRO B CA  1 
ATOM   99  C C   . PRO B 2 9  ? -1.690  13.041  -5.874  1.00 24.46 ? 9   PRO B C   1 
ATOM   100 O O   . PRO B 2 9  ? -0.909  12.100  -6.021  1.00 27.44 ? 9   PRO B O   1 
ATOM   101 C CB  . PRO B 2 9  ? -0.602  15.168  -6.690  1.00 21.59 ? 9   PRO B CB  1 
ATOM   102 C CG  . PRO B 2 9  ? 0.885   14.983  -6.566  1.00 28.79 ? 9   PRO B CG  1 
ATOM   103 C CD  . PRO B 2 9  ? 1.167   14.910  -5.091  1.00 31.95 ? 9   PRO B CD  1 
ATOM   104 N N   . GLY B 2 10 ? -3.011  12.928  -6.027  1.00 23.63 ? 10  GLY B N   1 
ATOM   105 C CA  . GLY B 2 10 ? -3.644  11.692  -6.430  1.00 26.71 ? 10  GLY B CA  1 
ATOM   106 C C   . GLY B 2 10 ? -3.802  10.647  -5.344  1.00 28.54 ? 10  GLY B C   1 
ATOM   107 O O   . GLY B 2 10 ? -4.417  9.597   -5.606  1.00 29.12 ? 10  GLY B O   1 
ATOM   108 N N   . ILE B 2 11 ? -3.278  10.890  -4.139  1.00 22.07 ? 11  ILE B N   1 
ATOM   109 C CA  . ILE B 2 11 ? -3.327  9.937   -3.033  1.00 22.00 ? 11  ILE B CA  1 
ATOM   110 C C   . ILE B 2 11 ? -3.937  10.628  -1.823  1.00 25.29 ? 11  ILE B C   1 
ATOM   111 O O   . ILE B 2 11 ? -3.647  11.798  -1.560  1.00 26.02 ? 11  ILE B O   1 
ATOM   112 C CB  . ILE B 2 11 ? -1.926  9.387   -2.673  1.00 24.96 ? 11  ILE B CB  1 
ATOM   113 C CG1 . ILE B 2 11 ? -1.331  8.582   -3.830  1.00 34.00 ? 11  ILE B CG1 1 
ATOM   114 C CG2 . ILE B 2 11 ? -1.973  8.528   -1.417  1.00 25.49 ? 11  ILE B CG2 1 
ATOM   115 C CD1 . ILE B 2 11 ? 0.106   8.175   -3.581  1.00 36.77 ? 11  ILE B CD1 1 
ATOM   116 N N   . THR B 2 12 ? -4.779  9.906   -1.086  1.00 21.26 ? 12  THR B N   1 
ATOM   117 C CA  . THR B 2 12 ? -5.235  10.330  0.228   1.00 22.32 ? 12  THR B CA  1 
ATOM   118 C C   . THR B 2 12 ? -4.850  9.271   1.248   1.00 22.61 ? 12  THR B C   1 
ATOM   119 O O   . THR B 2 12 ? -5.205  8.100   1.088   1.00 20.54 ? 12  THR B O   1 
ATOM   120 C CB  . THR B 2 12 ? -6.740  10.548  0.245   1.00 23.11 ? 12  THR B CB  1 
ATOM   121 O OG1 . THR B 2 12 ? -7.049  11.658  -0.601  1.00 28.09 ? 12  THR B OG1 1 
ATOM   122 C CG2 . THR B 2 12 ? -7.218  10.820  1.671   1.00 21.41 ? 12  THR B CG2 1 
ATOM   123 N N   . PHE B 2 13 ? -4.142  9.688   2.296   1.00 20.22 ? 13  PHE B N   1 
ATOM   124 C CA  . PHE B 2 13 ? -3.644  8.770   3.318   1.00 21.49 ? 13  PHE B CA  1 
ATOM   125 C C   . PHE B 2 13 ? -4.692  8.642   4.424   1.00 20.99 ? 13  PHE B C   1 
ATOM   126 O O   . PHE B 2 13 ? -4.630  9.285   5.476   1.00 26.30 ? 13  PHE B O   1 
ATOM   127 C CB  . PHE B 2 13 ? -2.301  9.250   3.849   1.00 24.15 ? 13  PHE B CB  1 
ATOM   128 C CG  . PHE B 2 13 ? -1.232  9.248   2.814   1.00 28.71 ? 13  PHE B CG  1 
ATOM   129 C CD1 . PHE B 2 13 ? -0.614  8.066   2.451   1.00 32.81 ? 13  PHE B CD1 1 
ATOM   130 C CD2 . PHE B 2 13 ? -0.878  10.413  2.160   1.00 32.91 ? 13  PHE B CD2 1 
ATOM   131 C CE1 . PHE B 2 13 ? 0.360   8.053   1.478   1.00 32.39 ? 13  PHE B CE1 1 
ATOM   132 C CE2 . PHE B 2 13 ? 0.102   10.399  1.175   1.00 29.00 ? 13  PHE B CE2 1 
ATOM   133 C CZ  . PHE B 2 13 ? 0.716   9.222   0.844   1.00 30.15 ? 13  PHE B CZ  1 
ATOM   134 N N   . GLU B 2 14 ? -5.683  7.797   4.157   1.00 21.12 ? 14  GLU B N   1 
ATOM   135 C CA  . GLU B 2 14 ? -6.726  7.495   5.127   1.00 19.86 ? 14  GLU B CA  1 
ATOM   136 C C   . GLU B 2 14 ? -7.179  6.054   4.918   1.00 19.25 ? 14  GLU B C   1 
ATOM   137 O O   . GLU B 2 14 ? -6.973  5.463   3.850   1.00 20.34 ? 14  GLU B O   1 
ATOM   138 C CB  . GLU B 2 14 ? -7.897  8.473   5.020   1.00 23.32 ? 14  GLU B CB  1 
ATOM   139 C CG  . GLU B 2 14 ? -8.853  8.206   3.871   1.00 22.16 ? 14  GLU B CG  1 
ATOM   140 C CD  . GLU B 2 14 ? -10.035 9.164   3.846   1.00 33.90 ? 14  GLU B CD  1 
ATOM   141 O OE1 . GLU B 2 14 ? -10.500 9.596   4.922   1.00 37.46 ? 14  GLU B OE1 1 
ATOM   142 O OE2 . GLU B 2 14 ? -10.514 9.472   2.740   1.00 38.89 ? 14  GLU B OE2 1 
ATOM   143 N N   . ILE B 2 15 ? -7.781  5.491   5.969   1.00 20.67 ? 15  ILE B N   1 
ATOM   144 C CA  . ILE B 2 15 ? -8.185  4.087   5.950   1.00 22.48 ? 15  ILE B CA  1 
ATOM   145 C C   . ILE B 2 15 ? -9.192  3.855   4.840   1.00 20.49 ? 15  ILE B C   1 
ATOM   146 O O   . ILE B 2 15 ? -10.163 4.604   4.686   1.00 19.67 ? 15  ILE B O   1 
ATOM   147 C CB  . ILE B 2 15 ? -8.760  3.675   7.315   1.00 17.84 ? 15  ILE B CB  1 
ATOM   148 C CG1 . ILE B 2 15 ? -7.734  3.937   8.419   1.00 19.39 ? 15  ILE B CG1 1 
ATOM   149 C CG2 . ILE B 2 15 ? -9.127  2.187   7.326   1.00 14.94 ? 15  ILE B CG2 1 
ATOM   150 C CD1 . ILE B 2 15 ? -6.551  2.962   8.396   1.00 21.19 ? 15  ILE B CD1 1 
ATOM   151 N N   . GLY B 2 16 ? -8.969  2.803   4.063   1.00 19.76 ? 16  GLY B N   1 
ATOM   152 C CA  . GLY B 2 16 ? -9.870  2.449   2.993   1.00 20.32 ? 16  GLY B CA  1 
ATOM   153 C C   . GLY B 2 16 ? -9.619  3.184   1.701   1.00 20.32 ? 16  GLY B C   1 
ATOM   154 O O   . GLY B 2 16 ? -10.271 2.881   0.693   1.00 18.61 ? 16  GLY B O   1 
ATOM   155 N N   . ALA B 2 17 ? -8.719  4.161   1.701   1.00 16.26 ? 17  ALA B N   1 
ATOM   156 C CA  . ALA B 2 17 ? -8.405  4.853   0.468   1.00 20.51 ? 17  ALA B CA  1 
ATOM   157 C C   . ALA B 2 17 ? -7.704  3.910   -0.494  1.00 20.46 ? 17  ALA B C   1 
ATOM   158 O O   . ALA B 2 17 ? -6.942  3.023   -0.095  1.00 19.60 ? 17  ALA B O   1 
ATOM   159 C CB  . ALA B 2 17 ? -7.522  6.066   0.741   1.00 20.95 ? 17  ALA B CB  1 
ATOM   160 N N   . ARG B 2 18 ? -7.941  4.128   -1.777  1.00 17.60 ? 18  ARG B N   1 
ATOM   161 C CA  . ARG B 2 18 ? -7.404  3.265   -2.810  1.00 19.24 ? 18  ARG B CA  1 
ATOM   162 C C   . ARG B 2 18 ? -6.277  3.961   -3.559  1.00 17.58 ? 18  ARG B C   1 
ATOM   163 O O   . ARG B 2 18 ? -6.288  5.183   -3.751  1.00 18.87 ? 18  ARG B O   1 
ATOM   164 C CB  . ARG B 2 18 ? -8.508  2.839   -3.780  1.00 27.75 ? 18  ARG B CB  1 
ATOM   165 C CG  . ARG B 2 18 ? -9.489  1.892   -3.120  1.00 34.92 ? 18  ARG B CG  1 
ATOM   166 C CD  . ARG B 2 18 ? -10.529 1.412   -4.101  1.00 40.51 ? 18  ARG B CD  1 
ATOM   167 N NE  . ARG B 2 18 ? -9.986  0.423   -5.023  1.00 43.33 ? 18  ARG B NE  1 
ATOM   168 C CZ  . ARG B 2 18 ? -10.443 0.235   -6.253  1.00 40.45 ? 18  ARG B CZ  1 
ATOM   169 N NH1 . ARG B 2 18 ? -9.894  -0.688  -7.027  1.00 38.60 ? 18  ARG B NH1 1 
ATOM   170 N NH2 . ARG B 2 18 ? -11.452 0.972   -6.703  1.00 35.74 ? 18  ARG B NH2 1 
ATOM   171 N N   . LEU B 2 19 ? -5.298  3.159   -3.965  1.00 15.07 ? 19  LEU B N   1 
ATOM   172 C CA  . LEU B 2 19 ? -4.139  3.628   -4.712  1.00 12.56 ? 19  LEU B CA  1 
ATOM   173 C C   . LEU B 2 19 ? -3.593  2.436   -5.484  1.00 19.14 ? 19  LEU B C   1 
ATOM   174 O O   . LEU B 2 19 ? -4.162  1.341   -5.450  1.00 19.26 ? 19  LEU B O   1 
ATOM   175 C CB  . LEU B 2 19 ? -3.077  4.239   -3.790  1.00 15.94 ? 19  LEU B CB  1 
ATOM   176 C CG  . LEU B 2 19 ? -2.724  3.585   -2.451  1.00 19.20 ? 19  LEU B CG  1 
ATOM   177 C CD1 . LEU B 2 19 ? -2.070  2.239   -2.624  1.00 27.00 ? 19  LEU B CD1 1 
ATOM   178 C CD2 . LEU B 2 19 ? -1.772  4.505   -1.681  1.00 22.28 ? 19  LEU B CD2 1 
ATOM   179 N N   . GLU B 2 20 ? -2.473  2.645   -6.164  1.00 18.47 ? 20  GLU B N   1 
ATOM   180 C CA  . GLU B 2 20 ? -1.728  1.553   -6.766  1.00 19.31 ? 20  GLU B CA  1 
ATOM   181 C C   . GLU B 2 20 ? -0.465  1.335   -5.950  1.00 25.51 ? 20  GLU B C   1 
ATOM   182 O O   . GLU B 2 20 ? 0.172   2.304   -5.510  1.00 17.78 ? 20  GLU B O   1 
ATOM   183 C CB  . GLU B 2 20 ? -1.382  1.844   -8.228  1.00 25.01 ? 20  GLU B CB  1 
ATOM   184 C CG  . GLU B 2 20 ? -1.546  0.623   -9.113  1.00 28.22 ? 20  GLU B CG  1 
ATOM   185 C CD  . GLU B 2 20 ? -1.577  0.957   -10.590 1.00 40.67 ? 20  GLU B CD  1 
ATOM   186 O OE1 . GLU B 2 20 ? -0.994  1.997   -10.981 1.00 29.96 ? 20  GLU B OE1 1 
ATOM   187 O OE2 . GLU B 2 20 ? -2.184  0.167   -11.351 1.00 48.21 ? 20  GLU B OE2 1 
ATOM   188 N N   . ALA B 2 21 ? -0.121  0.069   -5.709  1.00 19.40 ? 21  ALA B N   1 
ATOM   189 C CA  . ALA B 2 21 ? 1.001   -0.244  -4.833  1.00 17.06 ? 21  ALA B CA  1 
ATOM   190 C C   . ALA B 2 21 ? 1.867   -1.328  -5.450  1.00 19.93 ? 21  ALA B C   1 
ATOM   191 O O   . ALA B 2 21 ? 1.364   -2.276  -6.065  1.00 18.86 ? 21  ALA B O   1 
ATOM   192 C CB  . ALA B 2 21 ? 0.530   -0.689  -3.441  1.00 18.24 ? 21  ALA B CB  1 
ATOM   193 N N   . LEU B 2 22 ? 3.175   -1.182  -5.264  1.00 16.85 ? 22  LEU B N   1 
ATOM   194 C CA  . LEU B 2 22 ? 4.163   -2.124  -5.778  1.00 11.78 ? 22  LEU B CA  1 
ATOM   195 C C   . LEU B 2 22 ? 4.443   -3.192  -4.721  1.00 13.35 ? 22  LEU B C   1 
ATOM   196 O O   . LEU B 2 22 ? 4.930   -2.867  -3.632  1.00 18.38 ? 22  LEU B O   1 
ATOM   197 C CB  . LEU B 2 22 ? 5.448   -1.379  -6.133  1.00 20.28 ? 22  LEU B CB  1 
ATOM   198 C CG  . LEU B 2 22 ? 6.415   -2.126  -7.033  1.00 22.05 ? 22  LEU B CG  1 
ATOM   199 C CD1 . LEU B 2 22 ? 5.770   -2.285  -8.401  1.00 18.27 ? 22  LEU B CD1 1 
ATOM   200 C CD2 . LEU B 2 22 ? 7.768   -1.412  -7.125  1.00 24.68 ? 22  LEU B CD2 1 
ATOM   201 N N   . ASP B 2 23 ? 4.165   -4.464  -5.042  1.00 16.49 ? 23  ASP B N   1 
ATOM   202 C CA  . ASP B 2 23 ? 4.478   -5.524  -4.089  1.00 15.49 ? 23  ASP B CA  1 
ATOM   203 C C   . ASP B 2 23 ? 5.970   -5.850  -4.134  1.00 19.21 ? 23  ASP B C   1 
ATOM   204 O O   . ASP B 2 23 ? 6.737   -5.286  -4.918  1.00 19.43 ? 23  ASP B O   1 
ATOM   205 C CB  . ASP B 2 23 ? 3.601   -6.761  -4.322  1.00 16.43 ? 23  ASP B CB  1 
ATOM   206 C CG  . ASP B 2 23 ? 4.004   -7.581  -5.533  1.00 22.38 ? 23  ASP B CG  1 
ATOM   207 O OD1 . ASP B 2 23 ? 4.889   -7.161  -6.294  1.00 20.73 ? 23  ASP B OD1 1 
ATOM   208 O OD2 . ASP B 2 23 ? 3.420   -8.681  -5.712  1.00 19.90 ? 23  ASP B OD2 1 
ATOM   209 N N   . TYR B 2 24 ? 6.398   -6.776  -3.279  1.00 17.55 ? 24  TYR B N   1 
ATOM   210 C CA  . TYR B 2 24 ? 7.833   -7.042  -3.189  1.00 16.47 ? 24  TYR B CA  1 
ATOM   211 C C   . TYR B 2 24 ? 8.384   -7.785  -4.399  1.00 20.77 ? 24  TYR B C   1 
ATOM   212 O O   . TYR B 2 24 ? 9.611   -7.891  -4.527  1.00 18.47 ? 24  TYR B O   1 
ATOM   213 C CB  . TYR B 2 24 ? 8.132   -7.817  -1.912  1.00 15.89 ? 24  TYR B CB  1 
ATOM   214 C CG  . TYR B 2 24 ? 7.864   -9.304  -1.989  1.00 21.24 ? 24  TYR B CG  1 
ATOM   215 C CD1 . TYR B 2 24 ? 6.590   -9.815  -1.767  1.00 20.82 ? 24  TYR B CD1 1 
ATOM   216 C CD2 . TYR B 2 24 ? 8.897   -10.203 -2.263  1.00 20.98 ? 24  TYR B CD2 1 
ATOM   217 C CE1 . TYR B 2 24 ? 6.350   -11.175 -1.819  1.00 23.16 ? 24  TYR B CE1 1 
ATOM   218 C CE2 . TYR B 2 24 ? 8.669   -11.560 -2.309  1.00 27.50 ? 24  TYR B CE2 1 
ATOM   219 C CZ  . TYR B 2 24 ? 7.394   -12.041 -2.086  1.00 28.50 ? 24  TYR B CZ  1 
ATOM   220 O OH  . TYR B 2 24 ? 7.165   -13.396 -2.137  1.00 33.05 ? 24  TYR B OH  1 
ATOM   221 N N   . LEU B 2 25 ? 7.519   -8.312  -5.267  1.00 19.79 ? 25  LEU B N   1 
ATOM   222 C CA  . LEU B 2 25 ? 7.884   -8.828  -6.580  1.00 21.62 ? 25  LEU B CA  1 
ATOM   223 C C   . LEU B 2 25 ? 7.919   -7.737  -7.649  1.00 16.51 ? 25  LEU B C   1 
ATOM   224 O O   . LEU B 2 25 ? 8.028   -8.049  -8.844  1.00 18.98 ? 25  LEU B O   1 
ATOM   225 C CB  . LEU B 2 25 ? 6.899   -9.916  -7.009  1.00 17.24 ? 25  LEU B CB  1 
ATOM   226 C CG  . LEU B 2 25 ? 6.809   -11.085 -6.031  1.00 24.90 ? 25  LEU B CG  1 
ATOM   227 C CD1 . LEU B 2 25 ? 5.788   -12.093 -6.540  1.00 32.73 ? 25  LEU B CD1 1 
ATOM   228 C CD2 . LEU B 2 25 ? 8.165   -11.733 -5.890  1.00 30.64 ? 25  LEU B CD2 1 
ATOM   229 N N   . GLN B 2 26 ? 7.820   -6.476  -7.246  1.00 13.98 ? 26  GLN B N   1 
ATOM   230 C CA  . GLN B 2 26 ? 7.845   -5.335  -8.166  1.00 14.17 ? 26  GLN B CA  1 
ATOM   231 C C   . GLN B 2 26 ? 6.737   -5.410  -9.214  1.00 24.12 ? 26  GLN B C   1 
ATOM   232 O O   . GLN B 2 26 ? 6.945   -5.088  -10.386 1.00 19.88 ? 26  GLN B O   1 
ATOM   233 C CB  . GLN B 2 26 ? 9.216   -5.188  -8.827  1.00 23.31 ? 26  GLN B CB  1 
ATOM   234 C CG  . GLN B 2 26 ? 10.355  -5.140  -7.830  1.00 24.48 ? 26  GLN B CG  1 
ATOM   235 C CD  . GLN B 2 26 ? 11.700  -4.915  -8.479  1.00 29.14 ? 26  GLN B CD  1 
ATOM   236 O OE1 . GLN B 2 26 ? 12.501  -5.839  -8.606  1.00 31.79 ? 26  GLN B OE1 1 
ATOM   237 N NE2 . GLN B 2 26 ? 11.967  -3.679  -8.875  1.00 21.15 ? 26  GLN B NE2 1 
ATOM   238 N N   . LYS B 2 27 ? 5.537   -5.815  -8.791  1.00 17.97 ? 27  LYS B N   1 
ATOM   239 C CA  . LYS B 2 27 ? 4.344   -5.783  -9.631  1.00 15.62 ? 27  LYS B CA  1 
ATOM   240 C C   . LYS B 2 27 ? 3.344   -4.802  -9.026  1.00 18.94 ? 27  LYS B C   1 
ATOM   241 O O   . LYS B 2 27 ? 3.155   -4.778  -7.806  1.00 20.99 ? 27  LYS B O   1 
ATOM   242 C CB  . LYS B 2 27 ? 3.692   -7.182  -9.732  1.00 20.97 ? 27  LYS B CB  1 
ATOM   243 C CG  . LYS B 2 27 ? 4.431   -8.216  -10.601 1.00 33.85 ? 27  LYS B CG  1 
ATOM   244 C CD  . LYS B 2 27 ? 3.535   -9.444  -10.854 1.00 46.41 ? 27  LYS B CD  1 
ATOM   245 C CE  . LYS B 2 27 ? 4.328   -10.736 -11.112 1.00 54.41 ? 27  LYS B CE  1 
ATOM   246 N NZ  . LYS B 2 27 ? 3.691   -11.955 -10.492 1.00 51.78 ? 27  LYS B NZ  1 
ATOM   247 N N   . TRP B 2 28 ? 2.698   -3.996  -9.877  1.00 19.65 ? 28  TRP B N   1 
ATOM   248 C CA  . TRP B 2 28 ? 1.722   -3.001  -9.433  1.00 18.89 ? 28  TRP B CA  1 
ATOM   249 C C   . TRP B 2 28 ? 0.340   -3.627  -9.306  1.00 22.41 ? 28  TRP B C   1 
ATOM   250 O O   . TRP B 2 28 ? -0.090  -4.388  -10.179 1.00 25.28 ? 28  TRP B O   1 
ATOM   251 C CB  . TRP B 2 28 ? 1.634   -1.821  -10.413 1.00 22.27 ? 28  TRP B CB  1 
ATOM   252 C CG  . TRP B 2 28 ? 2.824   -0.950  -10.415 1.00 24.74 ? 28  TRP B CG  1 
ATOM   253 C CD1 . TRP B 2 28 ? 3.823   -0.928  -11.348 1.00 19.07 ? 28  TRP B CD1 1 
ATOM   254 C CD2 . TRP B 2 28 ? 3.153   0.052   -9.448  1.00 22.11 ? 28  TRP B CD2 1 
ATOM   255 N NE1 . TRP B 2 28 ? 4.759   0.011   -11.009 1.00 23.45 ? 28  TRP B NE1 1 
ATOM   256 C CE2 . TRP B 2 28 ? 4.368   0.636   -9.855  1.00 19.79 ? 28  TRP B CE2 1 
ATOM   257 C CE3 . TRP B 2 28 ? 2.544   0.506   -8.274  1.00 20.39 ? 28  TRP B CE3 1 
ATOM   258 C CZ2 . TRP B 2 28 ? 4.991   1.646   -9.125  1.00 19.66 ? 28  TRP B CZ2 1 
ATOM   259 C CZ3 . TRP B 2 28 ? 3.154   1.511   -7.556  1.00 25.39 ? 28  TRP B CZ3 1 
ATOM   260 C CH2 . TRP B 2 28 ? 4.371   2.070   -7.979  1.00 23.02 ? 28  TRP B CH2 1 
ATOM   261 N N   . TYR B 2 29 ? -0.365  -3.290  -8.225  1.00 23.49 ? 29  TYR B N   1 
ATOM   262 C CA  . TYR B 2 29 ? -1.745  -3.733  -8.032  1.00 25.09 ? 29  TYR B CA  1 
ATOM   263 C C   . TYR B 2 29 ? -2.600  -2.608  -7.468  1.00 21.47 ? 29  TYR B C   1 
ATOM   264 O O   . TYR B 2 29 ? -2.146  -1.859  -6.588  1.00 19.30 ? 29  TYR B O   1 
ATOM   265 C CB  . TYR B 2 29 ? -1.831  -4.931  -7.074  1.00 25.55 ? 29  TYR B CB  1 
ATOM   266 C CG  . TYR B 2 29 ? -1.134  -6.149  -7.599  1.00 23.81 ? 29  TYR B CG  1 
ATOM   267 C CD1 . TYR B 2 29 ? -1.731  -6.948  -8.567  1.00 26.94 ? 29  TYR B CD1 1 
ATOM   268 C CD2 . TYR B 2 29 ? 0.128   -6.493  -7.148  1.00 18.30 ? 29  TYR B CD2 1 
ATOM   269 C CE1 . TYR B 2 29 ? -1.079  -8.066  -9.067  1.00 27.48 ? 29  TYR B CE1 1 
ATOM   270 C CE2 . TYR B 2 29 ? 0.780   -7.603  -7.626  1.00 22.63 ? 29  TYR B CE2 1 
ATOM   271 C CZ  . TYR B 2 29 ? 0.181   -8.383  -8.591  1.00 25.60 ? 29  TYR B CZ  1 
ATOM   272 O OH  . TYR B 2 29 ? 0.845   -9.487  -9.067  1.00 21.86 ? 29  TYR B OH  1 
ATOM   273 N N   . PRO B 2 30 ? -3.838  -2.484  -7.928  1.00 22.21 ? 30  PRO B N   1 
ATOM   274 C CA  . PRO B 2 30 ? -4.789  -1.643  -7.204  1.00 16.53 ? 30  PRO B CA  1 
ATOM   275 C C   . PRO B 2 30 ? -4.888  -2.169  -5.785  1.00 16.47 ? 30  PRO B C   1 
ATOM   276 O O   . PRO B 2 30 ? -4.986  -3.382  -5.565  1.00 17.78 ? 30  PRO B O   1 
ATOM   277 C CB  . PRO B 2 30 ? -6.097  -1.828  -7.981  1.00 22.00 ? 30  PRO B CB  1 
ATOM   278 C CG  . PRO B 2 30 ? -5.666  -2.422  -9.327  1.00 23.96 ? 30  PRO B CG  1 
ATOM   279 C CD  . PRO B 2 30 ? -4.499  -3.277  -8.976  1.00 16.51 ? 30  PRO B CD  1 
ATOM   280 N N   . SER B 2 31 ? -4.822  -1.252  -4.827  1.00 14.64 ? 31  SER B N   1 
ATOM   281 C CA  . SER B 2 31 ? -4.622  -1.604  -3.435  1.00 19.13 ? 31  SER B CA  1 
ATOM   282 C C   . SER B 2 31 ? -5.450  -0.691  -2.556  1.00 18.90 ? 31  SER B C   1 
ATOM   283 O O   . SER B 2 31 ? -6.035  0.293   -3.018  1.00 18.70 ? 31  SER B O   1 
ATOM   284 C CB  . SER B 2 31 ? -3.135  -1.529  -3.057  1.00 12.70 ? 31  SER B CB  1 
ATOM   285 O OG  . SER B 2 31 ? -2.434  -2.437  -3.879  1.00 20.42 ? 31  SER B OG  1 
ATOM   286 N N   . ARG B 2 32 ? -5.502  -1.043  -1.271  1.00 13.55 ? 32  ARG B N   1 
ATOM   287 C CA  . ARG B 2 32 ? -6.323  -0.350  -0.291  1.00 20.46 ? 32  ARG B CA  1 
ATOM   288 C C   . ARG B 2 32 ? -5.506  -0.181  0.980   1.00 18.33 ? 32  ARG B C   1 
ATOM   289 O O   . ARG B 2 32 ? -4.781  -1.097  1.381   1.00 21.43 ? 32  ARG B O   1 
ATOM   290 C CB  . ARG B 2 32 ? -7.608  -1.145  -0.018  1.00 25.61 ? 32  ARG B CB  1 
ATOM   291 C CG  . ARG B 2 32 ? -8.642  -0.491  0.882   1.00 36.29 ? 32  ARG B CG  1 
ATOM   292 C CD  . ARG B 2 32 ? -9.575  -1.563  1.445   1.00 42.84 ? 32  ARG B CD  1 
ATOM   293 N NE  . ARG B 2 32 ? -10.679 -1.029  2.246   1.00 50.45 ? 32  ARG B NE  1 
ATOM   294 C CZ  . ARG B 2 32 ? -10.688 -0.951  3.576   1.00 48.39 ? 32  ARG B CZ  1 
ATOM   295 N NH1 . ARG B 2 32 ? -9.645  -1.365  4.284   1.00 42.09 ? 32  ARG B NH1 1 
ATOM   296 N NH2 . ARG B 2 32 ? -11.753 -0.459  4.201   1.00 44.85 ? 32  ARG B NH2 1 
ATOM   297 N N   . ILE B 2 33 ? -5.623  0.981   1.615   1.00 15.26 ? 33  ILE B N   1 
ATOM   298 C CA  . ILE B 2 33 ? -4.934  1.219   2.885   1.00 13.07 ? 33  ILE B CA  1 
ATOM   299 C C   . ILE B 2 33 ? -5.734  0.561   4.003   1.00 18.48 ? 33  ILE B C   1 
ATOM   300 O O   . ILE B 2 33 ? -6.884  0.935   4.255   1.00 19.60 ? 33  ILE B O   1 
ATOM   301 C CB  . ILE B 2 33 ? -4.757  2.721   3.153   1.00 22.55 ? 33  ILE B CB  1 
ATOM   302 C CG1 . ILE B 2 33 ? -3.830  3.357   2.117   1.00 24.10 ? 33  ILE B CG1 1 
ATOM   303 C CG2 . ILE B 2 33 ? -4.208  2.959   4.565   1.00 17.98 ? 33  ILE B CG2 1 
ATOM   304 C CD1 . ILE B 2 33 ? -3.718  4.882   2.240   1.00 24.64 ? 33  ILE B CD1 1 
ATOM   305 N N   . GLU B 2 34 ? -5.119  -0.414  4.687   1.00 16.66 ? 34  GLU B N   1 
ATOM   306 C CA  . GLU B 2 34 ? -5.784  -1.170  5.745   1.00 18.95 ? 34  GLU B CA  1 
ATOM   307 C C   . GLU B 2 34 ? -5.568  -0.569  7.122   1.00 18.75 ? 34  GLU B C   1 
ATOM   308 O O   . GLU B 2 34 ? -6.503  -0.515  7.924   1.00 19.17 ? 34  GLU B O   1 
ATOM   309 C CB  . GLU B 2 34 ? -5.282  -2.616  5.768   1.00 24.57 ? 34  GLU B CB  1 
ATOM   310 C CG  . GLU B 2 34 ? -5.595  -3.391  4.512   1.00 25.53 ? 34  GLU B CG  1 
ATOM   311 C CD  . GLU B 2 34 ? -7.052  -3.781  4.409   1.00 34.16 ? 34  GLU B CD  1 
ATOM   312 O OE1 . GLU B 2 34 ? -7.603  -4.282  5.410   1.00 38.78 ? 34  GLU B OE1 1 
ATOM   313 O OE2 . GLU B 2 34 ? -7.643  -3.599  3.320   1.00 40.26 ? 34  GLU B OE2 1 
ATOM   314 N N   . LYS B 2 35 ? -4.345  -0.146  7.418   1.00 15.23 ? 35  LYS B N   1 
ATOM   315 C CA  . LYS B 2 35 ? -3.981  0.371   8.726   1.00 17.52 ? 35  LYS B CA  1 
ATOM   316 C C   . LYS B 2 35 ? -2.884  1.401   8.521   1.00 18.96 ? 35  LYS B C   1 
ATOM   317 O O   . LYS B 2 35 ? -2.064  1.270   7.607   1.00 19.70 ? 35  LYS B O   1 
ATOM   318 C CB  . LYS B 2 35 ? -3.491  -0.745  9.662   1.00 22.09 ? 35  LYS B CB  1 
ATOM   319 C CG  . LYS B 2 35 ? -4.575  -1.712  10.126  1.00 30.84 ? 35  LYS B CG  1 
ATOM   320 C CD  . LYS B 2 35 ? -3.971  -2.958  10.750  1.00 39.29 ? 35  LYS B CD  1 
ATOM   321 C CE  . LYS B 2 35 ? -5.063  -3.935  11.171  1.00 44.10 ? 35  LYS B CE  1 
ATOM   322 N NZ  . LYS B 2 35 ? -5.916  -3.365  12.259  1.00 51.06 ? 35  LYS B NZ  1 
ATOM   323 N N   . ILE B 2 36 ? -2.854  2.411   9.383   1.00 20.25 ? 36  ILE B N   1 
ATOM   324 C CA  . ILE B 2 36 ? -1.795  3.414   9.349   1.00 16.22 ? 36  ILE B CA  1 
ATOM   325 C C   . ILE B 2 36 ? -1.124  3.461   10.708  1.00 18.10 ? 36  ILE B C   1 
ATOM   326 O O   . ILE B 2 36 ? -1.792  3.641   11.735  1.00 19.51 ? 36  ILE B O   1 
ATOM   327 C CB  . ILE B 2 36 ? -2.321  4.806   8.961   1.00 19.71 ? 36  ILE B CB  1 
ATOM   328 C CG1 . ILE B 2 36 ? -2.900  4.770   7.542   1.00 13.58 ? 36  ILE B CG1 1 
ATOM   329 C CG2 . ILE B 2 36 ? -1.177  5.812   9.027   1.00 21.51 ? 36  ILE B CG2 1 
ATOM   330 C CD1 . ILE B 2 36 ? -3.582  6.092   7.117   1.00 14.64 ? 36  ILE B CD1 1 
ATOM   331 N N   . ASP B 2 37 ? 0.201   3.314   10.706  1.00 18.95 ? 37  ASP B N   1 
ATOM   332 C CA  . ASP B 2 37 ? 1.043   3.431   11.894  1.00 25.42 ? 37  ASP B CA  1 
ATOM   333 C C   . ASP B 2 37 ? 1.620   4.846   11.867  1.00 22.24 ? 37  ASP B C   1 
ATOM   334 O O   . ASP B 2 37 ? 2.614   5.107   11.183  1.00 18.74 ? 37  ASP B O   1 
ATOM   335 C CB  . ASP B 2 37 ? 2.129   2.352   11.873  1.00 23.88 ? 37  ASP B CB  1 
ATOM   336 C CG  . ASP B 2 37 ? 2.991   2.334   13.136  1.00 29.55 ? 37  ASP B CG  1 
ATOM   337 O OD1 . ASP B 2 37 ? 3.227   3.405   13.738  1.00 30.85 ? 37  ASP B OD1 1 
ATOM   338 O OD2 . ASP B 2 37 ? 3.452   1.233   13.510  1.00 29.50 ? 37  ASP B OD2 1 
ATOM   339 N N   . TYR B 2 38 ? 0.966   5.769   12.582  1.00 22.41 ? 38  TYR B N   1 
ATOM   340 C CA  . TYR B 2 38 ? 1.376   7.168   12.580  1.00 22.09 ? 38  TYR B CA  1 
ATOM   341 C C   . TYR B 2 38 ? 2.631   7.410   13.404  1.00 27.06 ? 38  TYR B C   1 
ATOM   342 O O   . TYR B 2 38 ? 3.215   8.495   13.304  1.00 27.11 ? 38  TYR B O   1 
ATOM   343 C CB  . TYR B 2 38 ? 0.252   8.068   13.111  1.00 20.06 ? 38  TYR B CB  1 
ATOM   344 C CG  . TYR B 2 38 ? -1.031  7.978   12.321  1.00 17.56 ? 38  TYR B CG  1 
ATOM   345 C CD1 . TYR B 2 38 ? -1.254  8.786   11.211  1.00 16.90 ? 38  TYR B CD1 1 
ATOM   346 C CD2 . TYR B 2 38 ? -2.014  7.079   12.684  1.00 18.92 ? 38  TYR B CD2 1 
ATOM   347 C CE1 . TYR B 2 38 ? -2.439  8.695   10.482  1.00 15.40 ? 38  TYR B CE1 1 
ATOM   348 C CE2 . TYR B 2 38 ? -3.193  6.971   11.968  1.00 21.66 ? 38  TYR B CE2 1 
ATOM   349 C CZ  . TYR B 2 38 ? -3.402  7.779   10.878  1.00 20.14 ? 38  TYR B CZ  1 
ATOM   350 O OH  . TYR B 2 38 ? -4.575  7.641   10.188  1.00 21.89 ? 38  TYR B OH  1 
ATOM   351 N N   . GLU B 2 39 ? 3.043   6.444   14.228  1.00 24.60 ? 39  GLU B N   1 
ATOM   352 C CA  . GLU B 2 39 ? 4.312   6.576   14.936  1.00 18.36 ? 39  GLU B CA  1 
ATOM   353 C C   . GLU B 2 39 ? 5.490   6.378   13.985  1.00 27.20 ? 39  GLU B C   1 
ATOM   354 O O   . GLU B 2 39 ? 6.438   7.171   13.980  1.00 34.56 ? 39  GLU B O   1 
ATOM   355 C CB  . GLU B 2 39 ? 4.374   5.572   16.089  1.00 23.15 ? 39  GLU B CB  1 
ATOM   356 N N   . GLU B 2 40 ? 5.449   5.315   13.173  1.00 28.63 ? 40  GLU B N   1 
ATOM   357 C CA  . GLU B 2 40 ? 6.514   5.017   12.220  1.00 32.42 ? 40  GLU B CA  1 
ATOM   358 C C   . GLU B 2 40 ? 6.319   5.696   10.869  1.00 27.48 ? 40  GLU B C   1 
ATOM   359 O O   . GLU B 2 40 ? 7.292   5.854   10.126  1.00 26.19 ? 40  GLU B O   1 
ATOM   360 C CB  . GLU B 2 40 ? 6.620   3.504   11.983  1.00 38.56 ? 40  GLU B CB  1 
ATOM   361 C CG  . GLU B 2 40 ? 6.587   2.650   13.245  1.00 51.96 ? 40  GLU B CG  1 
ATOM   362 C CD  . GLU B 2 40 ? 7.966   2.408   13.831  1.00 60.19 ? 40  GLU B CD  1 
ATOM   363 O OE1 . GLU B 2 40 ? 8.948   2.372   13.057  1.00 62.54 ? 40  GLU B OE1 1 
ATOM   364 O OE2 . GLU B 2 40 ? 8.069   2.252   15.067  1.00 64.95 ? 40  GLU B OE2 1 
ATOM   365 N N   . GLY B 2 41 ? 5.096   6.088   10.533  1.00 20.96 ? 41  GLY B N   1 
ATOM   366 C CA  . GLY B 2 41 ? 4.821   6.598   9.200   1.00 18.78 ? 41  GLY B CA  1 
ATOM   367 C C   . GLY B 2 41 ? 4.787   5.523   8.138   1.00 23.61 ? 41  GLY B C   1 
ATOM   368 O O   . GLY B 2 41 ? 5.233   5.763   7.008   1.00 23.94 ? 41  GLY B O   1 
ATOM   369 N N   . LYS B 2 42 ? 4.305   4.328   8.475   1.00 19.97 ? 42  LYS B N   1 
ATOM   370 C CA  . LYS B 2 42 ? 4.127   3.274   7.484   1.00 21.76 ? 42  LYS B CA  1 
ATOM   371 C C   . LYS B 2 42 ? 2.695   2.776   7.546   1.00 21.26 ? 42  LYS B C   1 
ATOM   372 O O   . LYS B 2 42 ? 1.990   2.969   8.541   1.00 26.98 ? 42  LYS B O   1 
ATOM   373 C CB  . LYS B 2 42 ? 5.109   2.107   7.670   1.00 30.84 ? 42  LYS B CB  1 
ATOM   374 C CG  . LYS B 2 42 ? 5.235   1.545   9.064   1.00 29.92 ? 42  LYS B CG  1 
ATOM   375 C CD  . LYS B 2 42 ? 6.373   0.535   9.078   1.00 31.14 ? 42  LYS B CD  1 
ATOM   376 C CE  . LYS B 2 42 ? 6.701   0.074   10.478  1.00 40.04 ? 42  LYS B CE  1 
ATOM   377 N NZ  . LYS B 2 42 ? 7.917   -0.802  10.504  1.00 44.47 ? 42  LYS B NZ  1 
ATOM   378 N N   . MET B 2 43 ? 2.258   2.152   6.454   1.00 18.24 ? 43  MET B N   1 
ATOM   379 C CA  . MET B 2 43 ? 0.865   1.778   6.292   1.00 19.70 ? 43  MET B CA  1 
ATOM   380 C C   . MET B 2 43 ? 0.764   0.334   5.832   1.00 25.15 ? 43  MET B C   1 
ATOM   381 O O   . MET B 2 43 ? 1.614   -0.155  5.081   1.00 23.75 ? 43  MET B O   1 
ATOM   382 C CB  . MET B 2 43 ? 0.170   2.684   5.272   1.00 18.12 ? 43  MET B CB  1 
ATOM   383 C CG  . MET B 2 43 ? 0.395   4.165   5.531   1.00 23.96 ? 43  MET B CG  1 
ATOM   384 S SD  . MET B 2 43 ? -0.566  5.130   4.360   1.00 28.49 ? 43  MET B SD  1 
ATOM   385 C CE  . MET B 2 43 ? 0.024   4.459   2.810   1.00 22.48 ? 43  MET B CE  1 
ATOM   386 N N   . LEU B 2 44 ? -0.288  -0.343  6.286   1.00 19.46 ? 44  LEU B N   1 
ATOM   387 C CA  . LEU B 2 44 ? -0.578  -1.698  5.841   1.00 19.92 ? 44  LEU B CA  1 
ATOM   388 C C   . LEU B 2 44 ? -1.378  -1.604  4.558   1.00 17.72 ? 44  LEU B C   1 
ATOM   389 O O   . LEU B 2 44 ? -2.495  -1.073  4.552   1.00 16.00 ? 44  LEU B O   1 
ATOM   390 C CB  . LEU B 2 44 ? -1.349  -2.491  6.890   1.00 16.57 ? 44  LEU B CB  1 
ATOM   391 C CG  . LEU B 2 44 ? -1.580  -3.968  6.542   1.00 14.32 ? 44  LEU B CG  1 
ATOM   392 C CD1 . LEU B 2 44 ? -0.260  -4.702  6.236   1.00 18.07 ? 44  LEU B CD1 1 
ATOM   393 C CD2 . LEU B 2 44 ? -2.312  -4.633  7.707   1.00 14.57 ? 44  LEU B CD2 1 
ATOM   394 N N   . VAL B 2 45 ? -0.805  -2.100  3.473   1.00 15.92 ? 45  VAL B N   1 
ATOM   395 C CA  . VAL B 2 45 ? -1.401  -1.985  2.148   1.00 14.98 ? 45  VAL B CA  1 
ATOM   396 C C   . VAL B 2 45 ? -1.925  -3.354  1.737   1.00 18.40 ? 45  VAL B C   1 
ATOM   397 O O   . VAL B 2 45 ? -1.210  -4.361  1.837   1.00 16.79 ? 45  VAL B O   1 
ATOM   398 C CB  . VAL B 2 45 ? -0.376  -1.443  1.137   1.00 20.90 ? 45  VAL B CB  1 
ATOM   399 C CG1 . VAL B 2 45 ? -0.882  -1.596  -0.296  1.00 22.27 ? 45  VAL B CG1 1 
ATOM   400 C CG2 . VAL B 2 45 ? -0.051  0.028   1.458   1.00 24.09 ? 45  VAL B CG2 1 
ATOM   401 N N   . HIS B 2 46 ? -3.167  -3.397  1.280   1.00 20.35 ? 46  HIS B N   1 
ATOM   402 C CA  . HIS B 2 46 ? -3.787  -4.640  0.829   1.00 20.13 ? 46  HIS B CA  1 
ATOM   403 C C   . HIS B 2 46 ? -3.868  -4.630  -0.689  1.00 20.07 ? 46  HIS B C   1 
ATOM   404 O O   . HIS B 2 46 ? -4.516  -3.756  -1.271  1.00 22.37 ? 46  HIS B O   1 
ATOM   405 C CB  . HIS B 2 46 ? -5.185  -4.806  1.424   1.00 24.29 ? 46  HIS B CB  1 
ATOM   406 C CG  . HIS B 2 46 ? -5.940  -5.955  0.846   1.00 19.40 ? 46  HIS B CG  1 
ATOM   407 N ND1 . HIS B 2 46 ? -5.581  -7.267  1.070   1.00 20.63 ? 46  HIS B ND1 1 
ATOM   408 C CD2 . HIS B 2 46 ? -7.019  -5.994  0.026   1.00 25.24 ? 46  HIS B CD2 1 
ATOM   409 C CE1 . HIS B 2 46 ? -6.412  -8.066  0.425   1.00 25.18 ? 46  HIS B CE1 1 
ATOM   410 N NE2 . HIS B 2 46 ? -7.288  -7.319  -0.225  1.00 23.77 ? 46  HIS B NE2 1 
ATOM   411 N N   . PHE B 2 47 ? -3.229  -5.602  -1.333  1.00 21.12 ? 47  PHE B N   1 
ATOM   412 C CA  . PHE B 2 47 ? -3.298  -5.698  -2.785  1.00 18.07 ? 47  PHE B CA  1 
ATOM   413 C C   . PHE B 2 47 ? -4.567  -6.450  -3.162  1.00 24.65 ? 47  PHE B C   1 
ATOM   414 O O   . PHE B 2 47 ? -4.769  -7.592  -2.735  1.00 26.02 ? 47  PHE B O   1 
ATOM   415 C CB  . PHE B 2 47 ? -2.050  -6.394  -3.319  1.00 16.55 ? 47  PHE B CB  1 
ATOM   416 C CG  . PHE B 2 47 ? -0.765  -5.801  -2.804  1.00 14.48 ? 47  PHE B CG  1 
ATOM   417 C CD1 . PHE B 2 47 ? -0.136  -4.788  -3.497  1.00 13.07 ? 47  PHE B CD1 1 
ATOM   418 C CD2 . PHE B 2 47 ? -0.194  -6.264  -1.614  1.00 16.24 ? 47  PHE B CD2 1 
ATOM   419 C CE1 . PHE B 2 47 ? 1.051   -4.218  -3.020  1.00 15.98 ? 47  PHE B CE1 1 
ATOM   420 C CE2 . PHE B 2 47 ? 0.985   -5.698  -1.123  1.00 21.85 ? 47  PHE B CE2 1 
ATOM   421 C CZ  . PHE B 2 47 ? 1.614   -4.684  -1.838  1.00 18.50 ? 47  PHE B CZ  1 
ATOM   422 N N   . GLU B 2 48 ? -5.436  -5.815  -3.943  1.00 22.93 ? 48  GLU B N   1 
ATOM   423 C CA  . GLU B 2 48 ? -6.779  -6.353  -4.096  1.00 27.75 ? 48  GLU B CA  1 
ATOM   424 C C   . GLU B 2 48 ? -6.758  -7.701  -4.811  1.00 22.11 ? 48  GLU B C   1 
ATOM   425 O O   . GLU B 2 48 ? -5.917  -7.964  -5.677  1.00 25.21 ? 48  GLU B O   1 
ATOM   426 C CB  . GLU B 2 48 ? -7.669  -5.357  -4.839  1.00 24.79 ? 48  GLU B CB  1 
ATOM   427 C CG  . GLU B 2 48 ? -8.032  -4.155  -3.971  1.00 28.06 ? 48  GLU B CG  1 
ATOM   428 C CD  . GLU B 2 48 ? -8.767  -3.069  -4.736  1.00 40.58 ? 48  GLU B CD  1 
ATOM   429 O OE1 . GLU B 2 48 ? -9.074  -3.272  -5.928  1.00 43.97 ? 48  GLU B OE1 1 
ATOM   430 O OE2 . GLU B 2 48 ? -9.041  -2.008  -4.139  1.00 47.72 ? 48  GLU B OE2 1 
ATOM   431 N N   . ARG B 2 49 ? -7.680  -8.568  -4.400  1.00 21.12 ? 49  ARG B N   1 
ATOM   432 C CA  . ARG B 2 49 ? -7.848  -9.927  -4.909  1.00 27.27 ? 49  ARG B CA  1 
ATOM   433 C C   . ARG B 2 49 ? -6.675  -10.839 -4.562  1.00 27.51 ? 49  ARG B C   1 
ATOM   434 O O   . ARG B 2 49 ? -6.529  -11.913 -5.154  1.00 27.56 ? 49  ARG B O   1 
ATOM   435 C CB  . ARG B 2 49 ? -8.100  -9.933  -6.421  1.00 29.17 ? 49  ARG B CB  1 
ATOM   436 C CG  . ARG B 2 49 ? -9.494  -9.429  -6.813  1.00 35.97 ? 49  ARG B CG  1 
ATOM   437 C CD  . ARG B 2 49 ? -9.508  -8.991  -8.266  1.00 40.50 ? 49  ARG B CD  1 
ATOM   438 N NE  . ARG B 2 49 ? -9.400  -10.128 -9.165  1.00 45.69 ? 49  ARG B NE  1 
ATOM   439 C CZ  . ARG B 2 49 ? -8.882  -10.067 -10.384 1.00 50.58 ? 49  ARG B CZ  1 
ATOM   440 N NH1 . ARG B 2 49 ? -8.405  -8.918  -10.845 1.00 42.77 ? 49  ARG B NH1 1 
ATOM   441 N NH2 . ARG B 2 49 ? -8.840  -11.158 -11.138 1.00 53.56 ? 49  ARG B NH2 1 
ATOM   442 N N   . TRP B 2 50 ? -5.837  -10.425 -3.614  1.00 20.23 ? 50  TRP B N   1 
ATOM   443 C CA  . TRP B 2 50 ? -4.831  -11.265 -2.990  1.00 22.68 ? 50  TRP B CA  1 
ATOM   444 C C   . TRP B 2 50 ? -5.218  -11.513 -1.544  1.00 28.77 ? 50  TRP B C   1 
ATOM   445 O O   . TRP B 2 50 ? -5.912  -10.699 -0.922  1.00 22.79 ? 50  TRP B O   1 
ATOM   446 C CB  . TRP B 2 50 ? -3.446  -10.613 -3.013  1.00 18.22 ? 50  TRP B CB  1 
ATOM   447 C CG  . TRP B 2 50 ? -2.829  -10.558 -4.356  1.00 20.16 ? 50  TRP B CG  1 
ATOM   448 C CD1 . TRP B 2 50 ? -2.915  -9.539  -5.263  1.00 18.71 ? 50  TRP B CD1 1 
ATOM   449 C CD2 . TRP B 2 50 ? -2.010  -11.560 -4.950  1.00 22.86 ? 50  TRP B CD2 1 
ATOM   450 N NE1 . TRP B 2 50 ? -2.204  -9.857  -6.391  1.00 25.47 ? 50  TRP B NE1 1 
ATOM   451 C CE2 . TRP B 2 50 ? -1.637  -11.092 -6.225  1.00 24.19 ? 50  TRP B CE2 1 
ATOM   452 C CE3 . TRP B 2 50 ? -1.559  -12.817 -4.528  1.00 25.69 ? 50  TRP B CE3 1 
ATOM   453 C CZ2 . TRP B 2 50 ? -0.825  -11.828 -7.078  1.00 30.42 ? 50  TRP B CZ2 1 
ATOM   454 C CZ3 . TRP B 2 50 ? -0.751  -13.553 -5.385  1.00 31.81 ? 50  TRP B CZ3 1 
ATOM   455 C CH2 . TRP B 2 50 ? -0.394  -13.058 -6.639  1.00 34.37 ? 50  TRP B CH2 1 
ATOM   456 N N   . SER B 2 51 ? -4.734  -12.626 -1.000  1.00 28.98 ? 51  SER B N   1 
ATOM   457 C CA  . SER B 2 51 ? -5.001  -12.922 0.396   1.00 24.56 ? 51  SER B CA  1 
ATOM   458 C C   . SER B 2 51 ? -4.366  -11.853 1.286   1.00 22.46 ? 51  SER B C   1 
ATOM   459 O O   . SER B 2 51 ? -3.357  -11.237 0.933   1.00 22.94 ? 51  SER B O   1 
ATOM   460 C CB  . SER B 2 51 ? -4.466  -14.315 0.749   1.00 32.61 ? 51  SER B CB  1 
ATOM   461 O OG  . SER B 2 51 ? -4.038  -14.382 2.096   1.00 35.47 ? 51  SER B OG  1 
ATOM   462 N N   . HIS B 2 52 ? -4.981  -11.616 2.449   1.00 23.46 ? 52  HIS B N   1 
ATOM   463 C CA  . HIS B 2 52 ? -4.427  -10.629 3.372   1.00 22.18 ? 52  HIS B CA  1 
ATOM   464 C C   . HIS B 2 52 ? -3.073  -11.058 3.911   1.00 21.61 ? 52  HIS B C   1 
ATOM   465 O O   . HIS B 2 52 ? -2.325  -10.218 4.428   1.00 17.30 ? 52  HIS B O   1 
ATOM   466 C CB  . HIS B 2 52 ? -5.403  -10.360 4.522   1.00 25.38 ? 52  HIS B CB  1 
ATOM   467 C CG  . HIS B 2 52 ? -6.442  -9.327  4.197   1.00 28.22 ? 52  HIS B CG  1 
ATOM   468 N ND1 . HIS B 2 52 ? -6.177  -7.974  4.213   1.00 27.17 ? 52  HIS B ND1 1 
ATOM   469 C CD2 . HIS B 2 52 ? -7.739  -9.451  3.821   1.00 29.94 ? 52  HIS B CD2 1 
ATOM   470 C CE1 . HIS B 2 52 ? -7.268  -7.308  3.870   1.00 30.04 ? 52  HIS B CE1 1 
ATOM   471 N NE2 . HIS B 2 52 ? -8.229  -8.181  3.626   1.00 31.94 ? 52  HIS B NE2 1 
ATOM   472 N N   . ARG B 2 53 ? -2.720  -12.337 3.779   1.00 22.62 ? 53  ARG B N   1 
ATOM   473 C CA  . ARG B 2 53 ? -1.370  -12.723 4.155   1.00 25.70 ? 53  ARG B CA  1 
ATOM   474 C C   . ARG B 2 53 ? -0.315  -12.109 3.242   1.00 23.93 ? 53  ARG B C   1 
ATOM   475 O O   . ARG B 2 53 ? 0.860   -12.113 3.611   1.00 26.48 ? 53  ARG B O   1 
ATOM   476 C CB  . ARG B 2 53 ? -1.239  -14.250 4.184   1.00 28.68 ? 53  ARG B CB  1 
ATOM   477 C CG  . ARG B 2 53 ? -0.599  -14.855 2.962   1.00 32.80 ? 53  ARG B CG  1 
ATOM   478 C CD  . ARG B 2 53 ? -0.598  -16.373 3.066   1.00 38.96 ? 53  ARG B CD  1 
ATOM   479 N NE  . ARG B 2 53 ? -0.674  -16.990 1.749   1.00 50.54 ? 53  ARG B NE  1 
ATOM   480 C CZ  . ARG B 2 53 ? -1.789  -17.490 1.222   1.00 59.29 ? 53  ARG B CZ  1 
ATOM   481 N NH1 . ARG B 2 53 ? -2.929  -17.460 1.906   1.00 57.55 ? 53  ARG B NH1 1 
ATOM   482 N NH2 . ARG B 2 53 ? -1.760  -18.030 0.010   1.00 61.70 ? 53  ARG B NH2 1 
ATOM   483 N N   . TYR B 2 54 ? -0.695  -11.557 2.087   1.00 18.94 ? 54  TYR B N   1 
ATOM   484 C CA  . TYR B 2 54 ? 0.247   -10.839 1.232   1.00 20.59 ? 54  TYR B CA  1 
ATOM   485 C C   . TYR B 2 54 ? 0.219   -9.323  1.416   1.00 25.07 ? 54  TYR B C   1 
ATOM   486 O O   . TYR B 2 54 ? 0.924   -8.620  0.681   1.00 19.33 ? 54  TYR B O   1 
ATOM   487 C CB  . TYR B 2 54 ? 0.003   -11.178 -0.240  1.00 25.26 ? 54  TYR B CB  1 
ATOM   488 C CG  . TYR B 2 54 ? 0.179   -12.648 -0.546  1.00 34.11 ? 54  TYR B CG  1 
ATOM   489 C CD1 . TYR B 2 54 ? 1.433   -13.247 -0.483  1.00 36.59 ? 54  TYR B CD1 1 
ATOM   490 C CD2 . TYR B 2 54 ? -0.911  -13.439 -0.888  1.00 41.24 ? 54  TYR B CD2 1 
ATOM   491 C CE1 . TYR B 2 54 ? 1.597   -14.599 -0.756  1.00 42.12 ? 54  TYR B CE1 1 
ATOM   492 C CE2 . TYR B 2 54 ? -0.758  -14.791 -1.167  1.00 47.71 ? 54  TYR B CE2 1 
ATOM   493 C CZ  . TYR B 2 54 ? 0.497   -15.364 -1.100  1.00 49.10 ? 54  TYR B CZ  1 
ATOM   494 O OH  . TYR B 2 54 ? 0.648   -16.709 -1.377  1.00 57.30 ? 54  TYR B OH  1 
ATOM   495 N N   . ASP B 2 55 ? -0.560  -8.797  2.367   1.00 19.70 ? 55  ASP B N   1 
ATOM   496 C CA  . ASP B 2 55 ? -0.475  -7.372  2.685   1.00 15.12 ? 55  ASP B CA  1 
ATOM   497 C C   . ASP B 2 55 ? 0.949   -7.024  3.104   1.00 17.75 ? 55  ASP B C   1 
ATOM   498 O O   . ASP B 2 55 ? 1.666   -7.852  3.670   1.00 19.91 ? 55  ASP B O   1 
ATOM   499 C CB  . ASP B 2 55 ? -1.442  -6.996  3.816   1.00 16.74 ? 55  ASP B CB  1 
ATOM   500 C CG  . ASP B 2 55 ? -2.907  -7.174  3.434   1.00 18.99 ? 55  ASP B CG  1 
ATOM   501 O OD1 . ASP B 2 55 ? -3.193  -7.585  2.292   1.00 24.33 ? 55  ASP B OD1 1 
ATOM   502 O OD2 . ASP B 2 55 ? -3.770  -6.935  4.309   1.00 20.43 ? 55  ASP B OD2 1 
ATOM   503 N N   . GLU B 2 56 ? 1.352   -5.784  2.828   1.00 18.85 ? 56  GLU B N   1 
ATOM   504 C CA  . GLU B 2 56 ? 2.711   -5.331  3.061   1.00 17.38 ? 56  GLU B CA  1 
ATOM   505 C C   . GLU B 2 56 ? 2.718   -3.953  3.716   1.00 17.67 ? 56  GLU B C   1 
ATOM   506 O O   . GLU B 2 56 ? 1.901   -3.097  3.380   1.00 15.97 ? 56  GLU B O   1 
ATOM   507 C CB  . GLU B 2 56 ? 3.481   -5.282  1.736   1.00 18.08 ? 56  GLU B CB  1 
ATOM   508 C CG  . GLU B 2 56 ? 3.768   -6.655  1.142   1.00 18.61 ? 56  GLU B CG  1 
ATOM   509 C CD  . GLU B 2 56 ? 4.815   -6.593  0.044   1.00 23.95 ? 56  GLU B CD  1 
ATOM   510 O OE1 . GLU B 2 56 ? 4.548   -7.137  -1.051  1.00 21.20 ? 56  GLU B OE1 1 
ATOM   511 O OE2 . GLU B 2 56 ? 5.901   -5.996  0.283   1.00 19.21 ? 56  GLU B OE2 1 
ATOM   512 N N   . TRP B 2 57 ? 3.656   -3.734  4.638   1.00 18.91 ? 57  TRP B N   1 
ATOM   513 C CA  . TRP B 2 57 ? 3.837   -2.427  5.253   1.00 14.74 ? 57  TRP B CA  1 
ATOM   514 C C   . TRP B 2 57 ? 4.763   -1.577  4.388   1.00 20.59 ? 57  TRP B C   1 
ATOM   515 O O   . TRP B 2 57 ? 5.895   -1.978  4.107   1.00 24.89 ? 57  TRP B O   1 
ATOM   516 C CB  . TRP B 2 57 ? 4.405   -2.569  6.657   1.00 19.79 ? 57  TRP B CB  1 
ATOM   517 C CG  . TRP B 2 57 ? 3.443   -3.210  7.607   1.00 21.44 ? 57  TRP B CG  1 
ATOM   518 C CD1 . TRP B 2 57 ? 3.284   -4.549  7.839   1.00 21.41 ? 57  TRP B CD1 1 
ATOM   519 C CD2 . TRP B 2 57 ? 2.496   -2.540  8.443   1.00 23.59 ? 57  TRP B CD2 1 
ATOM   520 N NE1 . TRP B 2 57 ? 2.302   -4.752  8.781   1.00 19.06 ? 57  TRP B NE1 1 
ATOM   521 C CE2 . TRP B 2 57 ? 1.800   -3.536  9.169   1.00 19.53 ? 57  TRP B CE2 1 
ATOM   522 C CE3 . TRP B 2 57 ? 2.175   -1.196  8.661   1.00 22.95 ? 57  TRP B CE3 1 
ATOM   523 C CZ2 . TRP B 2 57 ? 0.809   -3.230  10.094  1.00 20.13 ? 57  TRP B CZ2 1 
ATOM   524 C CZ3 . TRP B 2 57 ? 1.187   -0.893  9.578   1.00 29.49 ? 57  TRP B CZ3 1 
ATOM   525 C CH2 . TRP B 2 57 ? 0.512   -1.908  10.284  1.00 29.46 ? 57  TRP B CH2 1 
ATOM   526 N N   . ILE B 2 58 ? 4.290   -0.396  3.988   1.00 15.21 ? 58  ILE B N   1 
ATOM   527 C CA  . ILE B 2 58 ? 5.038   0.503   3.113   1.00 15.84 ? 58  ILE B CA  1 
ATOM   528 C C   . ILE B 2 58 ? 5.035   1.896   3.734   1.00 18.89 ? 58  ILE B C   1 
ATOM   529 O O   . ILE B 2 58 ? 3.989   2.370   4.195   1.00 21.26 ? 58  ILE B O   1 
ATOM   530 C CB  . ILE B 2 58 ? 4.435   0.520   1.694   1.00 17.63 ? 58  ILE B CB  1 
ATOM   531 C CG1 . ILE B 2 58 ? 4.522   -0.878  1.070   1.00 16.00 ? 58  ILE B CG1 1 
ATOM   532 C CG2 . ILE B 2 58 ? 5.116   1.548   0.824   1.00 18.05 ? 58  ILE B CG2 1 
ATOM   533 C CD1 . ILE B 2 58 ? 3.659   -1.064  -0.178  1.00 20.23 ? 58  ILE B CD1 1 
ATOM   534 N N   . TYR B 2 59 ? 6.209   2.536   3.780   1.00 17.87 ? 59  TYR B N   1 
ATOM   535 C CA  . TYR B 2 59 ? 6.297   3.891   4.321   1.00 20.92 ? 59  TYR B CA  1 
ATOM   536 C C   . TYR B 2 59 ? 5.468   4.841   3.473   1.00 25.78 ? 59  TYR B C   1 
ATOM   537 O O   . TYR B 2 59 ? 5.419   4.710   2.247   1.00 18.93 ? 59  TYR B O   1 
ATOM   538 C CB  . TYR B 2 59 ? 7.748   4.365   4.369   1.00 20.84 ? 59  TYR B CB  1 
ATOM   539 C CG  . TYR B 2 59 ? 8.483   3.796   5.554   1.00 24.72 ? 59  TYR B CG  1 
ATOM   540 C CD1 . TYR B 2 59 ? 8.292   4.319   6.825   1.00 19.43 ? 59  TYR B CD1 1 
ATOM   541 C CD2 . TYR B 2 59 ? 9.338   2.718   5.409   1.00 23.72 ? 59  TYR B CD2 1 
ATOM   542 C CE1 . TYR B 2 59 ? 8.944   3.786   7.921   1.00 23.92 ? 59  TYR B CE1 1 
ATOM   543 C CE2 . TYR B 2 59 ? 9.998   2.175   6.498   1.00 25.47 ? 59  TYR B CE2 1 
ATOM   544 C CZ  . TYR B 2 59 ? 9.796   2.712   7.746   1.00 32.61 ? 59  TYR B CZ  1 
ATOM   545 O OH  . TYR B 2 59 ? 10.452  2.173   8.827   1.00 38.94 ? 59  TYR B OH  1 
ATOM   546 N N   . TRP B 2 60 ? 4.816   5.810   4.127   1.00 21.36 ? 60  TRP B N   1 
ATOM   547 C CA  . TRP B 2 60 ? 3.845   6.610   3.391   1.00 23.19 ? 60  TRP B CA  1 
ATOM   548 C C   . TRP B 2 60 ? 4.490   7.586   2.418   1.00 20.06 ? 60  TRP B C   1 
ATOM   549 O O   . TRP B 2 60 ? 3.776   8.162   1.590   1.00 23.18 ? 60  TRP B O   1 
ATOM   550 C CB  . TRP B 2 60 ? 2.890   7.344   4.357   1.00 20.12 ? 60  TRP B CB  1 
ATOM   551 C CG  . TRP B 2 60 ? 3.480   8.244   5.416   1.00 21.74 ? 60  TRP B CG  1 
ATOM   552 C CD1 . TRP B 2 60 ? 4.616   9.005   5.333   1.00 22.42 ? 60  TRP B CD1 1 
ATOM   553 C CD2 . TRP B 2 60 ? 2.922   8.496   6.717   1.00 22.77 ? 60  TRP B CD2 1 
ATOM   554 N NE1 . TRP B 2 60 ? 4.792   9.715   6.504   1.00 23.03 ? 60  TRP B NE1 1 
ATOM   555 C CE2 . TRP B 2 60 ? 3.770   9.412   7.369   1.00 23.50 ? 60  TRP B CE2 1 
ATOM   556 C CE3 . TRP B 2 60 ? 1.790   8.022   7.395   1.00 17.37 ? 60  TRP B CE3 1 
ATOM   557 C CZ2 . TRP B 2 60 ? 3.519   9.871   8.666   1.00 25.14 ? 60  TRP B CZ2 1 
ATOM   558 C CZ3 . TRP B 2 60 ? 1.546   8.470   8.679   1.00 21.29 ? 60  TRP B CZ3 1 
ATOM   559 C CH2 . TRP B 2 60 ? 2.403   9.392   9.301   1.00 20.83 ? 60  TRP B CH2 1 
ATOM   560 N N   . ASP B 2 61 ? 5.811   7.772   2.468   1.00 18.26 ? 61  ASP B N   1 
ATOM   561 C CA  . ASP B 2 61 ? 6.472   8.599   1.468   1.00 23.16 ? 61  ASP B CA  1 
ATOM   562 C C   . ASP B 2 61 ? 7.172   7.767   0.400   1.00 22.22 ? 61  ASP B C   1 
ATOM   563 O O   . ASP B 2 61 ? 7.924   8.318   -0.407  1.00 24.94 ? 61  ASP B O   1 
ATOM   564 C CB  . ASP B 2 61 ? 7.454   9.583   2.122   1.00 22.61 ? 61  ASP B CB  1 
ATOM   565 C CG  . ASP B 2 61 ? 8.291   8.958   3.220   1.00 33.08 ? 61  ASP B CG  1 
ATOM   566 O OD1 . ASP B 2 61 ? 8.082   7.765   3.541   1.00 32.03 ? 61  ASP B OD1 1 
ATOM   567 O OD2 . ASP B 2 61 ? 9.164   9.678   3.763   1.00 28.65 ? 61  ASP B OD2 1 
ATOM   568 N N   . SER B 2 62 ? 6.892   6.469   0.342   1.00 20.10 ? 62  SER B N   1 
ATOM   569 C CA  . SER B 2 62 ? 7.532   5.567   -0.600  1.00 21.77 ? 62  SER B CA  1 
ATOM   570 C C   . SER B 2 62 ? 7.011   5.755   -2.015  1.00 21.37 ? 62  SER B C   1 
ATOM   571 O O   . SER B 2 62 ? 5.836   6.052   -2.239  1.00 17.99 ? 62  SER B O   1 
ATOM   572 C CB  . SER B 2 62 ? 7.297   4.121   -0.182  1.00 19.13 ? 62  SER B CB  1 
ATOM   573 O OG  . SER B 2 62 ? 7.964   3.229   -1.045  1.00 22.95 ? 62  SER B OG  1 
ATOM   574 N N   . ASN B 2 63 ? 7.889   5.534   -2.979  1.00 18.46 ? 63  ASN B N   1 
ATOM   575 C CA  . ASN B 2 63 ? 7.467   5.501   -4.365  1.00 21.74 ? 63  ASN B CA  1 
ATOM   576 C C   . ASN B 2 63 ? 6.995   4.115   -4.788  1.00 23.36 ? 63  ASN B C   1 
ATOM   577 O O   . ASN B 2 63 ? 6.808   3.876   -5.987  1.00 18.51 ? 63  ASN B O   1 
ATOM   578 C CB  . ASN B 2 63 ? 8.586   6.021   -5.260  1.00 30.23 ? 63  ASN B CB  1 
ATOM   579 C CG  . ASN B 2 63 ? 8.659   7.548   -5.239  1.00 35.16 ? 63  ASN B CG  1 
ATOM   580 O OD1 . ASN B 2 63 ? 7.623   8.228   -5.224  1.00 30.92 ? 63  ASN B OD1 1 
ATOM   581 N ND2 . ASN B 2 63 ? 9.862   8.086   -5.213  1.00 32.10 ? 63  ASN B ND2 1 
ATOM   582 N N   . ARG B 2 64 ? 6.775   3.208   -3.825  1.00 17.60 ? 64  ARG B N   1 
ATOM   583 C CA  . ARG B 2 64 ? 5.981   2.007   -4.083  1.00 16.48 ? 64  ARG B CA  1 
ATOM   584 C C   . ARG B 2 64 ? 4.485   2.300   -4.071  1.00 16.87 ? 64  ARG B C   1 
ATOM   585 O O   . ARG B 2 64 ? 3.683   1.391   -4.321  1.00 19.54 ? 64  ARG B O   1 
ATOM   586 C CB  . ARG B 2 64 ? 6.297   0.913   -3.047  1.00 17.19 ? 64  ARG B CB  1 
ATOM   587 C CG  . ARG B 2 64 ? 7.771   0.509   -3.006  1.00 19.17 ? 64  ARG B CG  1 
ATOM   588 C CD  . ARG B 2 64 ? 8.035   -0.481  -1.893  1.00 22.69 ? 64  ARG B CD  1 
ATOM   589 N NE  . ARG B 2 64 ? 7.187   -1.661  -2.021  1.00 20.23 ? 64  ARG B NE  1 
ATOM   590 C CZ  . ARG B 2 64 ? 7.176   -2.651  -1.138  1.00 26.32 ? 64  ARG B CZ  1 
ATOM   591 N NH1 . ARG B 2 64 ? 6.383   -3.697  -1.319  1.00 26.43 ? 64  ARG B NH1 1 
ATOM   592 N NH2 . ARG B 2 64 ? 7.959   -2.587  -0.065  1.00 18.98 ? 64  ARG B NH2 1 
ATOM   593 N N   . LEU B 2 65 ? 4.098   3.542   -3.799  1.00 19.38 ? 65  LEU B N   1 
ATOM   594 C CA  . LEU B 2 65 ? 2.710   3.981   -3.818  1.00 20.04 ? 65  LEU B CA  1 
ATOM   595 C C   . LEU B 2 65 ? 2.518   5.011   -4.920  1.00 22.01 ? 65  LEU B C   1 
ATOM   596 O O   . LEU B 2 65 ? 3.330   5.929   -5.056  1.00 19.40 ? 65  LEU B O   1 
ATOM   597 C CB  . LEU B 2 65 ? 2.321   4.605   -2.474  1.00 13.85 ? 65  LEU B CB  1 
ATOM   598 C CG  . LEU B 2 65 ? 2.615   3.714   -1.271  1.00 17.23 ? 65  LEU B CG  1 
ATOM   599 C CD1 . LEU B 2 65 ? 2.298   4.438   0.038   1.00 17.74 ? 65  LEU B CD1 1 
ATOM   600 C CD2 . LEU B 2 65 ? 1.806   2.426   -1.413  1.00 16.92 ? 65  LEU B CD2 1 
ATOM   601 N N   . ARG B 2 66 ? 1.427   4.902   -5.677  1.00 18.53 ? 66  ARG B N   1 
ATOM   602 C CA  . ARG B 2 66 ? 1.168   5.900   -6.705  1.00 15.39 ? 66  ARG B CA  1 
ATOM   603 C C   . ARG B 2 66 ? -0.332  5.985   -6.946  1.00 20.23 ? 66  ARG B C   1 
ATOM   604 O O   . ARG B 2 66 ? -1.084  5.101   -6.517  1.00 19.76 ? 66  ARG B O   1 
ATOM   605 C CB  . ARG B 2 66 ? 1.934   5.581   -7.999  1.00 18.63 ? 66  ARG B CB  1 
ATOM   606 C CG  . ARG B 2 66 ? 1.369   4.450   -8.819  1.00 14.27 ? 66  ARG B CG  1 
ATOM   607 C CD  . ARG B 2 66 ? 2.202   4.226   -10.082 1.00 13.09 ? 66  ARG B CD  1 
ATOM   608 N NE  . ARG B 2 66 ? 1.602   3.174   -10.915 1.00 15.28 ? 66  ARG B NE  1 
ATOM   609 C CZ  . ARG B 2 66 ? 2.208   2.567   -11.934 1.00 21.43 ? 66  ARG B CZ  1 
ATOM   610 N NH1 . ARG B 2 66 ? 3.455   2.887   -12.261 1.00 22.06 ? 66  ARG B NH1 1 
ATOM   611 N NH2 . ARG B 2 66 ? 1.571   1.624   -12.623 1.00 19.81 ? 66  ARG B NH2 1 
ATOM   612 N N   . PRO B 2 67 ? -0.808  7.055   -7.585  1.00 18.02 ? 67  PRO B N   1 
ATOM   613 C CA  . PRO B 2 67 ? -2.256  7.231   -7.715  1.00 17.35 ? 67  PRO B CA  1 
ATOM   614 C C   . PRO B 2 67 ? -2.890  6.115   -8.534  1.00 21.24 ? 67  PRO B C   1 
ATOM   615 O O   . PRO B 2 67 ? -2.300  5.595   -9.485  1.00 18.83 ? 67  PRO B O   1 
ATOM   616 C CB  . PRO B 2 67 ? -2.389  8.586   -8.422  1.00 22.09 ? 67  PRO B CB  1 
ATOM   617 C CG  . PRO B 2 67 ? -1.151  9.311   -8.066  1.00 21.55 ? 67  PRO B CG  1 
ATOM   618 C CD  . PRO B 2 67 ? -0.075  8.258   -8.027  1.00 18.74 ? 67  PRO B CD  1 
ATOM   619 N N   . LEU B 2 68 ? -4.100  5.740   -8.128  1.00 20.82 ? 68  LEU B N   1 
ATOM   620 C CA  . LEU B 2 68 ? -4.945  4.830   -8.886  1.00 27.66 ? 68  LEU B CA  1 
ATOM   621 C C   . LEU B 2 68 ? -5.857  5.670   -9.764  1.00 34.05 ? 68  LEU B C   1 
ATOM   622 O O   . LEU B 2 68 ? -6.661  6.463   -9.260  1.00 40.20 ? 68  LEU B O   1 
ATOM   623 C CB  . LEU B 2 68 ? -5.765  3.938   -7.957  1.00 26.86 ? 68  LEU B CB  1 
ATOM   624 C CG  . LEU B 2 68 ? -6.695  2.976   -8.692  1.00 32.03 ? 68  LEU B CG  1 
ATOM   625 C CD1 . LEU B 2 68 ? -5.878  1.964   -9.477  1.00 25.19 ? 68  LEU B CD1 1 
ATOM   626 C CD2 . LEU B 2 68 ? -7.640  2.282   -7.714  1.00 34.36 ? 68  LEU B CD2 1 
ATOM   627 N N   . GLU B 2 69 ? -5.711  5.525   -11.067 1.00 27.97 ? 69  GLU B N   1 
ATOM   628 C CA  . GLU B 2 69 ? -6.467  6.364   -11.980 1.00 34.38 ? 69  GLU B CA  1 
ATOM   629 C C   . GLU B 2 69 ? -7.935  5.971   -11.963 1.00 32.88 ? 69  GLU B C   1 
ATOM   630 O O   . GLU B 2 69 ? -8.800  6.823   -11.760 1.00 40.20 ? 69  GLU B O   1 
ATOM   631 C CB  . GLU B 2 69 ? -5.897  6.260   -13.386 1.00 43.53 ? 69  GLU B CB  1 
ATOM   632 C CG  . GLU B 2 69 ? -4.618  7.046   -13.593 1.00 53.60 ? 69  GLU B CG  1 
ATOM   633 C CD  . GLU B 2 69 ? -3.785  6.491   -14.730 1.00 62.40 ? 69  GLU B CD  1 
ATOM   634 O OE1 . GLU B 2 69 ? -3.250  7.294   -15.514 1.00 63.92 ? 69  GLU B OE1 1 
ATOM   635 O OE2 . GLU B 2 69 ? -3.666  5.247   -14.838 1.00 67.57 ? 69  GLU B OE2 1 
HETATM 636 O O   . HOH C 3 .  ? 5.740   10.566  -4.509  1.00 37.40 ? 101 HOH B O   1 
HETATM 637 O O   . HOH C 3 .  ? -11.945 10.998  1.621   1.00 31.60 ? 102 HOH B O   1 
HETATM 638 O O   . HOH C 3 .  ? 2.744   -9.042  -1.039  1.00 21.36 ? 103 HOH B O   1 
HETATM 639 O O   . HOH C 3 .  ? -4.957  9.172   8.168   1.00 18.64 ? 104 HOH B O   1 
HETATM 640 O O   . HOH C 3 .  ? -5.944  8.873   -8.471  1.00 45.50 ? 105 HOH B O   1 
HETATM 641 O O   . HOH C 3 .  ? -2.498  13.626  -0.047  1.00 27.01 ? 106 HOH B O   1 
HETATM 642 O O   . HOH C 3 .  ? 2.774   -10.501 -7.560  1.00 27.00 ? 107 HOH B O   1 
HETATM 643 O O   . HOH C 3 .  ? -5.392  6.801   -5.676  1.00 24.16 ? 108 HOH B O   1 
HETATM 644 O O   . HOH C 3 .  ? 8.874   -3.770  -4.406  1.00 35.44 ? 109 HOH B O   1 
HETATM 645 O O   . HOH C 3 .  ? 3.395   -9.924  3.186   1.00 31.72 ? 110 HOH B O   1 
HETATM 646 O O   . HOH C 3 .  ? 10.393  2.458   0.008   1.00 42.07 ? 111 HOH B O   1 
HETATM 647 O O   . HOH C 3 .  ? -5.818  14.167  -0.618  1.00 29.78 ? 112 HOH B O   1 
HETATM 648 O O   . HOH C 3 .  ? 3.198   -4.192  -12.628 1.00 24.92 ? 113 HOH B O   1 
HETATM 649 O O   . HOH C 3 .  ? -2.677  -8.325  -0.363  1.00 20.05 ? 114 HOH B O   1 
HETATM 650 O O   . HOH C 3 .  ? -1.637  12.093  13.106  1.00 33.21 ? 115 HOH B O   1 
HETATM 651 O O   . HOH C 3 .  ? 1.827   11.463  -6.139  1.00 33.91 ? 116 HOH B O   1 
HETATM 652 O O   . HOH C 3 .  ? 11.514  -5.823  -4.334  1.00 21.70 ? 117 HOH B O   1 
HETATM 653 O O   . HOH C 3 .  ? 5.537   -5.729  5.294   1.00 20.75 ? 118 HOH B O   1 
HETATM 654 O O   . HOH C 3 .  ? -7.438  -12.911 3.073   1.00 32.42 ? 119 HOH B O   1 
HETATM 655 O O   . HOH C 3 .  ? -10.602 -7.153  -11.282 1.00 42.13 ? 120 HOH B O   1 
HETATM 656 O O   . HOH C 3 .  ? -12.863 11.227  4.473   1.00 46.44 ? 121 HOH B O   1 
HETATM 657 O O   . HOH C 3 .  ? -0.330  6.494   -11.435 1.00 32.28 ? 122 HOH B O   1 
HETATM 658 O O   . HOH C 3 .  ? 8.287   1.268   2.149   1.00 26.85 ? 123 HOH B O   1 
HETATM 659 O O   . HOH C 3 .  ? -2.009  14.035  4.060   1.00 34.36 ? 124 HOH B O   1 
HETATM 660 O O   . HOH C 3 .  ? -3.806  12.634  2.256   1.00 24.63 ? 125 HOH B O   1 
HETATM 661 O O   . HOH C 3 .  ? -4.933  2.573   11.498  1.00 28.01 ? 126 HOH B O   1 
HETATM 662 O O   . HOH C 3 .  ? -2.206  -2.695  -12.168 1.00 52.46 ? 127 HOH B O   1 
HETATM 663 O O   . HOH C 3 .  ? -0.330  4.830   15.140  1.00 25.89 ? 128 HOH B O   1 
HETATM 664 O O   . HOH C 3 .  ? -9.333  5.711   -7.392  1.00 47.63 ? 129 HOH B O   1 
HETATM 665 O O   . HOH C 3 .  ? 7.681   0.366   -12.777 1.00 43.59 ? 130 HOH B O   1 
HETATM 666 O O   . HOH C 3 .  ? 11.183  4.530   -1.980  1.00 30.19 ? 131 HOH B O   1 
HETATM 667 O O   . HOH C 3 .  ? -9.677  7.269   -2.482  1.00 42.03 ? 132 HOH B O   1 
# 
loop_
_atom_site_anisotrop.id 
_atom_site_anisotrop.type_symbol 
_atom_site_anisotrop.pdbx_label_atom_id 
_atom_site_anisotrop.pdbx_label_alt_id 
_atom_site_anisotrop.pdbx_label_comp_id 
_atom_site_anisotrop.pdbx_label_asym_id 
_atom_site_anisotrop.pdbx_label_seq_id 
_atom_site_anisotrop.pdbx_PDB_ins_code 
_atom_site_anisotrop.U[1][1] 
_atom_site_anisotrop.U[2][2] 
_atom_site_anisotrop.U[3][3] 
_atom_site_anisotrop.U[1][2] 
_atom_site_anisotrop.U[1][3] 
_atom_site_anisotrop.U[2][3] 
_atom_site_anisotrop.pdbx_auth_seq_id 
_atom_site_anisotrop.pdbx_auth_comp_id 
_atom_site_anisotrop.pdbx_auth_asym_id 
_atom_site_anisotrop.pdbx_auth_atom_id 
1   N N   . ARG A 1  ? 0.7569 0.6453 0.9583 -0.0526 -0.0128 -0.1028 140 ARG A N   
2   C CA  . ARG A 1  ? 0.6943 0.6101 0.8542 -0.0380 -0.0157 -0.0904 140 ARG A CA  
3   C C   . ARG A 1  ? 0.6903 0.6061 0.8318 -0.0282 0.0103  -0.0683 140 ARG A C   
4   O O   . ARG A 1  ? 0.6203 0.5346 0.7855 -0.0363 0.0254  -0.0552 140 ARG A O   
5   C CB  . ARG A 1  ? 0.6916 0.6417 0.8707 -0.0455 -0.0331 -0.0870 140 ARG A CB  
6   C CG  . ARG A 1  ? 0.7673 0.7228 1.0084 -0.0618 -0.0271 -0.0830 140 ARG A CG  
7   C CD  . ARG A 1  ? 0.7871 0.7714 1.0557 -0.0689 -0.0523 -0.0871 140 ARG A CD  
8   N NE  . ARG A 1  ? 0.7626 0.7682 0.9832 -0.0578 -0.0639 -0.0801 140 ARG A NE  
9   C CZ  . ARG A 1  ? 0.7151 0.7409 0.9396 -0.0595 -0.0886 -0.0837 140 ARG A CZ  
10  N NH1 . ARG A 1  ? 0.7089 0.7407 0.9892 -0.0711 -0.1070 -0.0935 140 ARG A NH1 
11  N NH2 . ARG A 1  ? 0.6387 0.6780 0.8133 -0.0499 -0.0951 -0.0770 140 ARG A NH2 
12  N N   . SER A 2  ? 0.6986 0.6129 0.7973 -0.0105 0.0151  -0.0643 141 SER A N   
13  C CA  . SER A 2  ? 0.5859 0.5044 0.6657 0.0005  0.0329  -0.0429 141 SER A CA  
14  C C   . SER A 2  ? 0.4803 0.4332 0.5292 0.0130  0.0262  -0.0347 141 SER A C   
15  O O   . SER A 2  ? 0.5114 0.4747 0.5459 0.0153  0.0121  -0.0472 141 SER A O   
16  C CB  . SER A 2  ? 0.6159 0.4975 0.6826 0.0117  0.0484  -0.0437 141 SER A CB  
17  O OG  . SER A 2  ? 0.6320 0.5128 0.6686 0.0294  0.0455  -0.0514 141 SER A OG  
18  N N   . MLZ A 3  ? 0.3842 0.3516 0.4209 0.0198  0.0360  -0.0137 142 MLZ A N   
19  C CA  . MLZ A 3  ? 0.3543 0.3585 0.3691 0.0280  0.0311  -0.0040 142 MLZ A CA  
20  C CB  . MLZ A 3  ? 0.2774 0.3028 0.2941 0.0169  0.0302  0.0148  142 MLZ A CB  
21  C CG  . MLZ A 3  ? 0.2862 0.3148 0.3195 0.0012  0.0206  0.0073  142 MLZ A CG  
22  C CD  . MLZ A 3  ? 0.2618 0.3133 0.2853 -0.0064 0.0190  0.0245  142 MLZ A CD  
23  C CE  . MLZ A 3  ? 0.2093 0.2622 0.2531 -0.0196 0.0109  0.0185  142 MLZ A CE  
24  N NZ  . MLZ A 3  ? 0.2204 0.2903 0.2486 -0.0261 0.0104  0.0347  142 MLZ A NZ  
25  C CM  . MLZ A 3  ? 0.2763 0.3517 0.3212 -0.0346 0.0008  0.0290  142 MLZ A CM  
26  C C   . MLZ A 3  ? 0.4501 0.4613 0.4477 0.0481  0.0404  0.0053  142 MLZ A C   
27  O O   . MLZ A 3  ? 0.4244 0.4696 0.4109 0.0541  0.0395  0.0168  142 MLZ A O   
28  N N   . SER A 4  ? 0.4623 0.4423 0.4606 0.0583  0.0497  0.0006  143 SER A N   
29  C CA  . SER A 4  ? 0.4274 0.4119 0.4147 0.0805  0.0583  0.0073  143 SER A CA  
30  C C   . SER A 4  ? 0.4824 0.4299 0.4607 0.0918  0.0647  -0.0114 143 SER A C   
31  O O   . SER A 4  ? 0.4929 0.4077 0.4760 0.0803  0.0623  -0.0268 143 SER A O   
32  C CB  . SER A 4  ? 0.4777 0.4587 0.4694 0.0851  0.0635  0.0293  143 SER A CB  
33  O OG  . SER A 4  ? 0.4775 0.4117 0.4720 0.0799  0.0702  0.0266  143 SER A OG  
34  N N   . ASP A 5  ? 0.5275 0.4802 0.4938 0.1142  0.0735  -0.0101 144 ASP A N   
35  C CA  . ASP A 5  ? 0.5707 0.4848 0.5195 0.1275  0.0817  -0.0278 144 ASP A CA  
36  C C   . ASP A 5  ? 0.6790 0.5872 0.6285 0.1527  0.0957  -0.0153 144 ASP A C   
37  O O   . ASP A 5  ? 0.7005 0.6415 0.6523 0.1704  0.1021  -0.0052 144 ASP A O   
38  C CB  . ASP A 5  ? 0.5292 0.4492 0.4544 0.1316  0.0799  -0.0430 144 ASP A CB  
39  C CG  . ASP A 5  ? 0.6901 0.5606 0.5885 0.1426  0.0872  -0.0629 144 ASP A CG  
40  O OD1 . ASP A 5  ? 0.8341 0.7034 0.7100 0.1624  0.0997  -0.0658 144 ASP A OD1 
41  O OD2 . ASP A 5  ? 0.7745 0.6049 0.6740 0.1308  0.0823  -0.0753 144 ASP A OD2 
42  N N   . GLY A 6  ? 0.7707 0.6368 0.7201 0.1544  0.1009  -0.0152 145 GLY A N   
43  C CA  . GLY A 6  ? 0.8222 0.6759 0.7708 0.1786  0.1114  -0.0023 145 GLY A CA  
44  C C   . GLY A 6  ? 0.7871 0.6710 0.7529 0.1797  0.1048  0.0237  145 GLY A C   
45  O O   . GLY A 6  ? 0.7956 0.7052 0.7709 0.2013  0.1070  0.0385  145 GLY A O   
46  N N   . HIS B 3  ? 0.5634 0.5441 0.4802 0.0114  -0.0341 -0.0798 3   HIS B N   
47  C CA  . HIS B 3  ? 0.5409 0.5099 0.4724 0.0035  -0.0328 -0.0811 3   HIS B CA  
48  C C   . HIS B 3  ? 0.4856 0.4453 0.4211 0.0070  -0.0243 -0.0719 3   HIS B C   
49  O O   . HIS B 3  ? 0.3693 0.3368 0.3018 0.0128  -0.0206 -0.0632 3   HIS B O   
50  C CB  . HIS B 3  ? 0.5937 0.5734 0.5397 -0.0041 -0.0375 -0.0779 3   HIS B CB  
51  C CG  . HIS B 3  ? 0.6831 0.6749 0.6283 -0.0075 -0.0470 -0.0877 3   HIS B CG  
52  N ND1 . HIS B 3  ? 0.6792 0.6889 0.6199 -0.0031 -0.0523 -0.0839 3   HIS B ND1 
53  C CD2 . HIS B 3  ? 0.7026 0.6915 0.6508 -0.0146 -0.0525 -0.1013 3   HIS B CD2 
54  C CE1 . HIS B 3  ? 0.7404 0.7604 0.6813 -0.0063 -0.0615 -0.0948 3   HIS B CE1 
55  N NE2 . HIS B 3  ? 0.7359 0.7440 0.6821 -0.0141 -0.0619 -0.1062 3   HIS B NE2 
56  N N   . MET B 4  ? 0.4872 0.4306 0.4294 0.0031  -0.0214 -0.0740 4   MET B N   
57  C CA  . MET B 4  ? 0.4561 0.3919 0.4008 0.0080  -0.0142 -0.0651 4   MET B CA  
58  C C   . MET B 4  ? 0.4102 0.3481 0.3683 0.0026  -0.0131 -0.0563 4   MET B C   
59  O O   . MET B 4  ? 0.3731 0.3087 0.3398 -0.0062 -0.0154 -0.0589 4   MET B O   
60  C CB  . MET B 4  ? 0.5188 0.4324 0.4585 0.0110  -0.0101 -0.0711 4   MET B CB  
61  C CG  . MET B 4  ? 0.5990 0.5091 0.5240 0.0183  -0.0101 -0.0806 4   MET B CG  
62  S SD  . MET B 4  ? 0.6835 0.5623 0.6021 0.0210  -0.0059 -0.0898 4   MET B SD  
63  C CE  . MET B 4  ? 0.7342 0.5996 0.6656 0.0049  -0.0087 -0.0933 4   MET B CE  
64  N N   . PRO B 5  ? 0.3587 0.3021 0.3186 0.0074  -0.0095 -0.0463 5   PRO B N   
65  C CA  . PRO B 5  ? 0.3227 0.2685 0.2927 0.0036  -0.0085 -0.0382 5   PRO B CA  
66  C C   . PRO B 5  ? 0.4292 0.3571 0.4027 0.0009  -0.0045 -0.0379 5   PRO B C   
67  O O   . PRO B 5  ? 0.3689 0.2807 0.3361 0.0045  -0.0016 -0.0419 5   PRO B O   
68  C CB  . PRO B 5  ? 0.3381 0.2926 0.3069 0.0104  -0.0059 -0.0300 5   PRO B CB  
69  C CG  . PRO B 5  ? 0.4105 0.3703 0.3705 0.0165  -0.0053 -0.0332 5   PRO B CG  
70  C CD  . PRO B 5  ? 0.4155 0.3629 0.3688 0.0167  -0.0059 -0.0430 5   PRO B CD  
71  N N   . PRO B 6  ? 0.4359 0.3647 0.4182 -0.0048 -0.0035 -0.0330 6   PRO B N   
72  C CA  . PRO B 6  ? 0.4000 0.3106 0.3846 -0.0077 0.0017  -0.0307 6   PRO B CA  
73  C C   . PRO B 6  ? 0.3733 0.2772 0.3523 0.0020  0.0064  -0.0223 6   PRO B C   
74  O O   . PRO B 6  ? 0.4416 0.3588 0.4188 0.0084  0.0051  -0.0179 6   PRO B O   
75  C CB  . PRO B 6  ? 0.4737 0.3930 0.4697 -0.0162 0.0016  -0.0275 6   PRO B CB  
76  C CG  . PRO B 6  ? 0.4516 0.3908 0.4483 -0.0122 -0.0020 -0.0231 6   PRO B CG  
77  C CD  . PRO B 6  ? 0.4242 0.3697 0.4135 -0.0077 -0.0061 -0.0282 6   PRO B CD  
78  N N   . ASN B 7  ? 0.3328 0.2158 0.3089 0.0027  0.0118  -0.0201 7   ASN B N   
79  C CA  . ASN B 7  ? 0.3281 0.2046 0.2983 0.0126  0.0160  -0.0111 7   ASN B CA  
80  C C   . ASN B 7  ? 0.4404 0.3199 0.4151 0.0091  0.0187  -0.0025 7   ASN B C   
81  O O   . ASN B 7  ? 0.5343 0.4035 0.5136 0.0003  0.0223  -0.0019 7   ASN B O   
82  C CB  . ASN B 7  ? 0.4839 0.3335 0.4454 0.0182  0.0211  -0.0117 7   ASN B CB  
83  C CG  . ASN B 7  ? 0.5525 0.3956 0.5069 0.0301  0.0251  -0.0013 7   ASN B CG  
84  O OD1 . ASN B 7  ? 0.6872 0.5061 0.6356 0.0322  0.0309  0.0031  7   ASN B OD1 
85  N ND2 . ASN B 7  ? 0.6086 0.4730 0.5633 0.0378  0.0218  0.0025  7   ASN B ND2 
86  N N   . ARG B 8  ? 0.3759 0.2701 0.3495 0.0155  0.0171  0.0036  8   ARG B N   
87  C CA  . ARG B 8  ? 0.3598 0.2570 0.3346 0.0144  0.0198  0.0114  8   ARG B CA  
88  C C   . ARG B 8  ? 0.3454 0.2440 0.3117 0.0266  0.0204  0.0184  8   ARG B C   
89  O O   . ARG B 8  ? 0.3985 0.3089 0.3635 0.0335  0.0162  0.0165  8   ARG B O   
90  C CB  . ARG B 8  ? 0.3821 0.2999 0.3652 0.0084  0.0157  0.0100  8   ARG B CB  
91  C CG  . ARG B 8  ? 0.3882 0.3093 0.3802 -0.0020 0.0137  0.0030  8   ARG B CG  
92  C CD  . ARG B 8  ? 0.5353 0.4767 0.5328 -0.0040 0.0085  0.0014  8   ARG B CD  
93  N NE  . ARG B 8  ? 0.5150 0.4627 0.5177 -0.0070 0.0108  0.0058  8   ARG B NE  
94  C CZ  . ARG B 8  ? 0.4797 0.4425 0.4865 -0.0074 0.0076  0.0056  8   ARG B CZ  
95  N NH1 . ARG B 8  ? 0.2395 0.2113 0.2455 -0.0056 0.0019  0.0022  8   ARG B NH1 
96  N NH2 . ARG B 8  ? 0.3861 0.3537 0.3970 -0.0090 0.0110  0.0093  8   ARG B NH2 
97  N N   . PRO B 9  ? 0.3624 0.2502 0.3228 0.0298  0.0255  0.0265  9   PRO B N   
98  C CA  . PRO B 9  ? 0.3045 0.1942 0.2551 0.0431  0.0252  0.0330  9   PRO B CA  
99  C C   . PRO B 9  ? 0.3539 0.2684 0.3072 0.0453  0.0189  0.0322  9   PRO B C   
100 O O   . PRO B 9  ? 0.3863 0.3110 0.3453 0.0379  0.0177  0.0309  9   PRO B O   
101 C CB  . PRO B 9  ? 0.3350 0.2076 0.2776 0.0445  0.0327  0.0425  9   PRO B CB  
102 C CG  . PRO B 9  ? 0.4235 0.2951 0.3754 0.0301  0.0362  0.0409  9   PRO B CG  
103 C CD  . PRO B 9  ? 0.4591 0.3338 0.4212 0.0216  0.0322  0.0305  9   PRO B CD  
104 N N   . GLY B 10 ? 0.3413 0.2655 0.2910 0.0558  0.0151  0.0324  10  GLY B N   
105 C CA  . GLY B 10 ? 0.3717 0.3188 0.3244 0.0575  0.0090  0.0308  10  GLY B CA  
106 C C   . GLY B 10 ? 0.3865 0.3485 0.3495 0.0500  0.0046  0.0235  10  GLY B C   
107 O O   . GLY B 10 ? 0.3870 0.3663 0.3532 0.0501  -0.0001 0.0215  10  GLY B O   
108 N N   . ILE B 11 ? 0.3053 0.2606 0.2725 0.0434  0.0060  0.0192  11  ILE B N   
109 C CA  . ILE B 11 ? 0.2982 0.2654 0.2726 0.0369  0.0028  0.0135  11  ILE B CA  
110 C C   . ILE B 11 ? 0.3408 0.3050 0.3150 0.0396  0.0036  0.0094  11  ILE B C   
111 O O   . ILE B 11 ? 0.3570 0.3046 0.3270 0.0414  0.0070  0.0089  11  ILE B O   
112 C CB  . ILE B 11 ? 0.3349 0.2998 0.3135 0.0268  0.0028  0.0117  11  ILE B CB  
113 C CG1 . ILE B 11 ? 0.4480 0.4174 0.4266 0.0251  0.0024  0.0149  11  ILE B CG1 
114 C CG2 . ILE B 11 ? 0.3370 0.3113 0.3200 0.0220  -0.0003 0.0068  11  ILE B CG2 
115 C CD1 . ILE B 11 ? 0.4817 0.4500 0.4652 0.0172  0.0032  0.0137  11  ILE B CD1 
116 N N   . THR B 12 ? 0.2833 0.2629 0.2615 0.0397  0.0013  0.0064  12  THR B N   
117 C CA  . THR B 12 ? 0.2971 0.2765 0.2746 0.0413  0.0025  0.0018  12  THR B CA  
118 C C   . THR B 12 ? 0.2969 0.2847 0.2776 0.0332  0.0007  -0.0012 12  THR B C   
119 O O   . THR B 12 ? 0.2648 0.2659 0.2500 0.0301  -0.0011 0.0002  12  THR B O   
120 C CB  . THR B 12 ? 0.3026 0.2944 0.2813 0.0509  0.0030  0.0020  12  THR B CB  
121 O OG1 . THR B 12 ? 0.3709 0.3522 0.3443 0.0608  0.0045  0.0052  12  THR B OG1 
122 C CG2 . THR B 12 ? 0.2805 0.2748 0.2583 0.0526  0.0051  -0.0030 12  THR B CG2 
123 N N   . PHE B 13 ? 0.2705 0.2496 0.2482 0.0300  0.0013  -0.0054 13  PHE B N   
124 C CA  . PHE B 13 ? 0.2842 0.2698 0.2623 0.0238  -0.0005 -0.0077 13  PHE B CA  
125 C C   . PHE B 13 ? 0.2757 0.2706 0.2512 0.0274  0.0011  -0.0098 13  PHE B C   
126 O O   . PHE B 13 ? 0.3466 0.3366 0.3162 0.0294  0.0021  -0.0148 13  PHE B O   
127 C CB  . PHE B 13 ? 0.3221 0.2970 0.2983 0.0188  -0.0019 -0.0118 13  PHE B CB  
128 C CG  . PHE B 13 ? 0.3802 0.3497 0.3609 0.0142  -0.0025 -0.0092 13  PHE B CG  
129 C CD1 . PHE B 13 ? 0.4282 0.4056 0.4128 0.0101  -0.0047 -0.0064 13  PHE B CD1 
130 C CD2 . PHE B 13 ? 0.4382 0.3936 0.4185 0.0146  0.0003  -0.0088 13  PHE B CD2 
131 C CE1 . PHE B 13 ? 0.4224 0.3970 0.4111 0.0070  -0.0043 -0.0041 13  PHE B CE1 
132 C CE2 . PHE B 13 ? 0.3885 0.3403 0.3729 0.0103  0.0012  -0.0055 13  PHE B CE2 
133 C CZ  . PHE B 13 ? 0.3980 0.3607 0.3868 0.0067  -0.0010 -0.0034 13  PHE B CZ  
134 N N   . GLU B 14 ? 0.2710 0.2802 0.2511 0.0279  0.0019  -0.0066 14  GLU B N   
135 C CA  . GLU B 14 ? 0.2510 0.2726 0.2310 0.0301  0.0048  -0.0073 14  GLU B CA  
136 C C   . GLU B 14 ? 0.2368 0.2714 0.2232 0.0242  0.0046  -0.0034 14  GLU B C   
137 O O   . GLU B 14 ? 0.2488 0.2839 0.2400 0.0208  0.0019  -0.0011 14  GLU B O   
138 C CB  . GLU B 14 ? 0.2927 0.3195 0.2739 0.0397  0.0078  -0.0087 14  GLU B CB  
139 C CG  . GLU B 14 ? 0.2707 0.3107 0.2606 0.0425  0.0069  -0.0054 14  GLU B CG  
140 C CD  . GLU B 14 ? 0.4162 0.4642 0.4077 0.0540  0.0096  -0.0067 14  GLU B CD  
141 O OE1 . GLU B 14 ? 0.4614 0.5124 0.4496 0.0587  0.0136  -0.0097 14  GLU B OE1 
142 O OE2 . GLU B 14 ? 0.4767 0.5290 0.4719 0.0598  0.0076  -0.0045 14  GLU B OE2 
143 N N   . ILE B 15 ? 0.2520 0.2961 0.2373 0.0227  0.0082  -0.0028 15  ILE B N   
144 C CA  . ILE B 15 ? 0.2702 0.3233 0.2607 0.0154  0.0093  0.0012  15  ILE B CA  
145 C C   . ILE B 15 ? 0.2367 0.3028 0.2390 0.0147  0.0086  0.0018  15  ILE B C   
146 O O   . ILE B 15 ? 0.2207 0.2986 0.2281 0.0211  0.0101  0.0001  15  ILE B O   
147 C CB  . ILE B 15 ? 0.2102 0.2709 0.1967 0.0144  0.0150  0.0026  15  ILE B CB  
148 C CG1 . ILE B 15 ? 0.2384 0.2872 0.2111 0.0164  0.0143  0.0012  15  ILE B CG1 
149 C CG2 . ILE B 15 ? 0.1701 0.2362 0.1615 0.0054  0.0174  0.0076  15  ILE B CG2 
150 C CD1 . ILE B 15 ? 0.2662 0.3045 0.2346 0.0109  0.0106  0.0041  15  ILE B CD1 
151 N N   . GLY B 16 ? 0.2264 0.2916 0.2329 0.0077  0.0058  0.0034  16  GLY B N   
152 C CA  . GLY B 16 ? 0.2253 0.3039 0.2428 0.0059  0.0038  0.0027  16  GLY B CA  
153 C C   . GLY B 16 ? 0.2265 0.3019 0.2436 0.0120  -0.0011 0.0013  16  GLY B C   
154 O O   . GLY B 16 ? 0.1987 0.2853 0.2229 0.0114  -0.0042 0.0000  16  GLY B O   
155 N N   . ALA B 17 ? 0.1827 0.2437 0.1914 0.0177  -0.0016 0.0012  17  ALA B N   
156 C CA  . ALA B 17 ? 0.2392 0.2945 0.2458 0.0232  -0.0047 0.0015  17  ALA B CA  
157 C C   . ALA B 17 ? 0.2403 0.2906 0.2464 0.0176  -0.0082 0.0021  17  ALA B C   
158 O O   . ALA B 17 ? 0.2324 0.2756 0.2367 0.0109  -0.0081 0.0026  17  ALA B O   
159 C CB  . ALA B 17 ? 0.2531 0.2916 0.2515 0.0282  -0.0033 0.0016  17  ALA B CB  
160 N N   . ARG B 18 ? 0.2028 0.2568 0.2091 0.0218  -0.0113 0.0022  18  ARG B N   
161 C CA  . ARG B 18 ? 0.2252 0.2760 0.2298 0.0181  -0.0146 0.0018  18  ARG B CA  
162 C C   . ARG B 18 ? 0.2116 0.2483 0.2079 0.0224  -0.0142 0.0043  18  ARG B C   
163 O O   . ARG B 18 ? 0.2309 0.2628 0.2233 0.0296  -0.0125 0.0065  18  ARG B O   
164 C CB  . ARG B 18 ? 0.3256 0.3930 0.3355 0.0190  -0.0189 -0.0008 18  ARG B CB  
165 C CG  . ARG B 18 ? 0.4082 0.4897 0.4288 0.0109  -0.0187 -0.0035 18  ARG B CG  
166 C CD  . ARG B 18 ? 0.4704 0.5705 0.4984 0.0100  -0.0240 -0.0078 18  ARG B CD  
167 N NE  . ARG B 18 ? 0.5099 0.6026 0.5339 0.0048  -0.0279 -0.0108 18  ARG B NE  
168 C CZ  . ARG B 18 ? 0.4700 0.5731 0.4939 0.0070  -0.0339 -0.0149 18  ARG B CZ  
169 N NH1 . ARG B 18 ? 0.4513 0.5456 0.4696 0.0027  -0.0370 -0.0186 18  ARG B NH1 
170 N NH2 . ARG B 18 ? 0.4023 0.5249 0.4306 0.0148  -0.0373 -0.0158 18  ARG B NH2 
171 N N   . LEU B 19 ? 0.1832 0.2124 0.1769 0.0180  -0.0149 0.0042  19  LEU B N   
172 C CA  . LEU B 19 ? 0.1573 0.1755 0.1445 0.0207  -0.0135 0.0067  19  LEU B CA  
173 C C   . LEU B 19 ? 0.2416 0.2588 0.2268 0.0176  -0.0155 0.0050  19  LEU B C   
174 O O   . LEU B 19 ? 0.2402 0.2629 0.2285 0.0133  -0.0183 0.0017  19  LEU B O   
175 C CB  . LEU B 19 ? 0.2037 0.2113 0.1909 0.0187  -0.0101 0.0080  19  LEU B CB  
176 C CG  . LEU B 19 ? 0.2441 0.2511 0.2343 0.0130  -0.0100 0.0062  19  LEU B CG  
177 C CD1 . LEU B 19 ? 0.3433 0.3491 0.3335 0.0089  -0.0116 0.0055  19  LEU B CD1 
178 C CD2 . LEU B 19 ? 0.2859 0.2850 0.2756 0.0124  -0.0078 0.0062  19  LEU B CD2 
179 N N   . GLU B 20 ? 0.2372 0.2468 0.2177 0.0195  -0.0135 0.0071  20  GLU B N   
180 C CA  . GLU B 20 ? 0.2496 0.2566 0.2274 0.0178  -0.0143 0.0053  20  GLU B CA  
181 C C   . GLU B 20 ? 0.3294 0.3299 0.3099 0.0145  -0.0118 0.0062  20  GLU B C   
182 O O   . GLU B 20 ? 0.2317 0.2294 0.2144 0.0146  -0.0088 0.0087  20  GLU B O   
183 C CB  . GLU B 20 ? 0.3248 0.3311 0.2944 0.0235  -0.0134 0.0069  20  GLU B CB  
184 C CG  . GLU B 20 ? 0.3662 0.3748 0.3313 0.0236  -0.0170 0.0021  20  GLU B CG  
185 C CD  . GLU B 20 ? 0.5267 0.5375 0.4810 0.0310  -0.0171 0.0029  20  GLU B CD  
186 O OE1 . GLU B 20 ? 0.3938 0.4009 0.3438 0.0355  -0.0122 0.0090  20  GLU B OE1 
187 O OE2 . GLU B 20 ? 0.6220 0.6379 0.5719 0.0319  -0.0220 -0.0025 20  GLU B OE2 
188 N N   . ALA B 21 ? 0.2526 0.2510 0.2336 0.0117  -0.0133 0.0039  21  ALA B N   
189 C CA  . ALA B 21 ? 0.2232 0.2180 0.2070 0.0102  -0.0120 0.0047  21  ALA B CA  
190 C C   . ALA B 21 ? 0.2619 0.2530 0.2425 0.0122  -0.0119 0.0033  21  ALA B C   
191 O O   . ALA B 21 ? 0.2507 0.2388 0.2272 0.0123  -0.0139 0.0003  21  ALA B O   
192 C CB  . ALA B 21 ? 0.2376 0.2317 0.2237 0.0065  -0.0133 0.0045  21  ALA B CB  
193 N N   . LEU B 22 ? 0.2216 0.2135 0.2051 0.0140  -0.0098 0.0048  22  LEU B N   
194 C CA  . LEU B 22 ? 0.1586 0.1489 0.1402 0.0178  -0.0090 0.0037  22  LEU B CA  
195 C C   . LEU B 22 ? 0.1801 0.1654 0.1619 0.0179  -0.0112 0.0033  22  LEU B C   
196 O O   . LEU B 22 ? 0.2410 0.2300 0.2273 0.0171  -0.0118 0.0050  22  LEU B O   
197 C CB  . LEU B 22 ? 0.2622 0.2593 0.2488 0.0200  -0.0050 0.0057  22  LEU B CB  
198 C CG  . LEU B 22 ? 0.2850 0.2837 0.2694 0.0257  -0.0026 0.0047  22  LEU B CG  
199 C CD1 . LEU B 22 ? 0.2416 0.2367 0.2160 0.0285  -0.0016 0.0032  22  LEU B CD1 
200 C CD2 . LEU B 22 ? 0.3116 0.3212 0.3050 0.0263  0.0021  0.0070  22  LEU B CD2 
201 N N   . ASP B 23 ? 0.2250 0.2011 0.2006 0.0193  -0.0126 0.0009  23  ASP B N   
202 C CA  . ASP B 23 ? 0.2158 0.1836 0.1893 0.0206  -0.0137 0.0019  23  ASP B CA  
203 C C   . ASP B 23 ? 0.2612 0.2322 0.2365 0.0283  -0.0127 0.0026  23  ASP B C   
204 O O   . ASP B 23 ? 0.2597 0.2401 0.2386 0.0313  -0.0103 0.0020  23  ASP B O   
205 C CB  . ASP B 23 ? 0.2347 0.1882 0.2014 0.0182  -0.0148 -0.0007 23  ASP B CB  
206 C CG  . ASP B 23 ? 0.3146 0.2607 0.2750 0.0230  -0.0144 -0.0053 23  ASP B CG  
207 O OD1 . ASP B 23 ? 0.2909 0.2447 0.2521 0.0288  -0.0126 -0.0058 23  ASP B OD1 
208 O OD2 . ASP B 23 ? 0.2900 0.2217 0.2445 0.0208  -0.0154 -0.0086 23  ASP B OD2 
209 N N   . TYR B 24 ? 0.2436 0.2074 0.2157 0.0322  -0.0140 0.0042  24  TYR B N   
210 C CA  . TYR B 24 ? 0.2267 0.1973 0.2019 0.0409  -0.0137 0.0050  24  TYR B CA  
211 C C   . TYR B 24 ? 0.2839 0.2501 0.2551 0.0480  -0.0113 0.0019  24  TYR B C   
212 O O   . TYR B 24 ? 0.2500 0.2259 0.2257 0.0560  -0.0100 0.0020  24  TYR B O   
213 C CB  . TYR B 24 ? 0.2226 0.1870 0.1940 0.0453  -0.0162 0.0084  24  TYR B CB  
214 C CG  . TYR B 24 ? 0.3016 0.2440 0.2614 0.0495  -0.0157 0.0088  24  TYR B CG  
215 C CD1 . TYR B 24 ? 0.3040 0.2298 0.2570 0.0420  -0.0152 0.0094  24  TYR B CD1 
216 C CD2 . TYR B 24 ? 0.3009 0.2388 0.2574 0.0611  -0.0152 0.0085  24  TYR B CD2 
217 C CE1 . TYR B 24 ? 0.3449 0.2476 0.2875 0.0443  -0.0142 0.0094  24  TYR B CE1 
218 C CE2 . TYR B 24 ? 0.3955 0.3092 0.3402 0.0654  -0.0144 0.0087  24  TYR B CE2 
219 C CZ  . TYR B 24 ? 0.4168 0.3115 0.3544 0.0563  -0.0138 0.0091  24  TYR B CZ  
220 O OH  . TYR B 24 ? 0.4873 0.3550 0.4134 0.0589  -0.0123 0.0091  24  TYR B OH  
221 N N   . LEU B 25 ? 0.2785 0.2317 0.2416 0.0456  -0.0108 -0.0017 25  LEU B N   
222 C CA  . LEU B 25 ? 0.3049 0.2543 0.2622 0.0517  -0.0085 -0.0063 25  LEU B CA  
223 C C   . LEU B 25 ? 0.2344 0.1981 0.1949 0.0501  -0.0058 -0.0073 25  LEU B C   
224 O O   . LEU B 25 ? 0.2688 0.2301 0.2223 0.0545  -0.0037 -0.0112 25  LEU B O   
225 C CB  . LEU B 25 ? 0.2602 0.1886 0.2063 0.0491  -0.0101 -0.0111 25  LEU B CB  
226 C CG  . LEU B 25 ? 0.3653 0.2745 0.3062 0.0503  -0.0113 -0.0093 25  LEU B CG  
227 C CD1 . LEU B 25 ? 0.4748 0.3625 0.4063 0.0450  -0.0123 -0.0151 25  LEU B CD1 
228 C CD2 . LEU B 25 ? 0.4392 0.3467 0.3783 0.0636  -0.0098 -0.0079 25  LEU B CD2 
229 N N   . GLN B 26 ? 0.1952 0.1716 0.1644 0.0443  -0.0054 -0.0036 26  GLN B N   
230 C CA  . GLN B 26 ? 0.1934 0.1804 0.1647 0.0426  -0.0020 -0.0026 26  GLN B CA  
231 C C   . GLN B 26 ? 0.3251 0.3052 0.2861 0.0411  -0.0030 -0.0060 26  GLN B C   
232 O O   . GLN B 26 ? 0.2717 0.2561 0.2276 0.0447  0.0003  -0.0066 26  GLN B O   
233 C CB  . GLN B 26 ? 0.3038 0.3026 0.2793 0.0493  0.0034  -0.0018 26  GLN B CB  
234 C CG  . GLN B 26 ? 0.3110 0.3208 0.2985 0.0513  0.0034  0.0004  26  GLN B CG  
235 C CD  . GLN B 26 ? 0.3620 0.3881 0.3572 0.0569  0.0094  0.0011  26  GLN B CD  
236 O OE1 . GLN B 26 ? 0.3950 0.4232 0.3898 0.0662  0.0103  -0.0007 26  GLN B OE1 
237 N NE2 . GLN B 26 ? 0.2544 0.2921 0.2572 0.0514  0.0142  0.0040  26  GLN B NE2 
238 N N   . LYS B 27 ? 0.2512 0.2224 0.2093 0.0356  -0.0076 -0.0081 27  LYS B N   
239 C CA  . LYS B 27 ? 0.2246 0.1934 0.1757 0.0328  -0.0101 -0.0118 27  LYS B CA  
240 C C   . LYS B 27 ? 0.2626 0.2375 0.2197 0.0263  -0.0120 -0.0088 27  LYS B C   
241 O O   . LYS B 27 ? 0.2869 0.2606 0.2502 0.0219  -0.0129 -0.0064 27  LYS B O   
242 C CB  . LYS B 27 ? 0.2992 0.2538 0.2436 0.0311  -0.0138 -0.0184 27  LYS B CB  
243 C CG  . LYS B 27 ? 0.4686 0.4140 0.4034 0.0387  -0.0125 -0.0237 27  LYS B CG  
244 C CD  . LYS B 27 ? 0.6355 0.5648 0.5628 0.0348  -0.0168 -0.0318 27  LYS B CD  
245 C CE  . LYS B 27 ? 0.7454 0.6577 0.6640 0.0419  -0.0153 -0.0365 27  LYS B CE  
246 N NZ  . LYS B 27 ? 0.7201 0.6110 0.6362 0.0357  -0.0177 -0.0401 27  LYS B NZ  
247 N N   . TRP B 28 ? 0.2704 0.2518 0.2243 0.0268  -0.0124 -0.0087 28  TRP B N   
248 C CA  . TRP B 28 ? 0.2573 0.2447 0.2159 0.0228  -0.0138 -0.0060 28  TRP B CA  
249 C C   . TRP B 28 ? 0.3020 0.2889 0.2607 0.0179  -0.0191 -0.0108 28  TRP B C   
250 O O   . TRP B 28 ? 0.3410 0.3261 0.2935 0.0183  -0.0222 -0.0167 28  TRP B O   
251 C CB  . TRP B 28 ? 0.2994 0.2931 0.2534 0.0273  -0.0116 -0.0028 28  TRP B CB  
252 C CG  . TRP B 28 ? 0.3295 0.3244 0.2861 0.0295  -0.0054 0.0029  28  TRP B CG  
253 C CD1 . TRP B 28 ? 0.2589 0.2551 0.2106 0.0345  -0.0005 0.0044  28  TRP B CD1 
254 C CD2 . TRP B 28 ? 0.2928 0.2889 0.2584 0.0259  -0.0028 0.0074  28  TRP B CD2 
255 N NE1 . TRP B 28 ? 0.3111 0.3099 0.2701 0.0330  0.0053  0.0098  28  TRP B NE1 
256 C CE2 . TRP B 28 ? 0.2623 0.2602 0.2295 0.0276  0.0034  0.0112  28  TRP B CE2 
257 C CE3 . TRP B 28 ? 0.2690 0.2647 0.2409 0.0214  -0.0049 0.0079  28  TRP B CE3 
258 C CZ2 . TRP B 28 ? 0.2572 0.2563 0.2335 0.0235  0.0069  0.0147  28  TRP B CZ2 
259 C CZ3 . TRP B 28 ? 0.3302 0.3259 0.3087 0.0188  -0.0018 0.0110  28  TRP B CZ3 
260 C CH2 . TRP B 28 ? 0.2988 0.2958 0.2801 0.0192  0.0036  0.0140  28  TRP B CH2 
261 N N   . TYR B 29 ? 0.3122 0.3020 0.2785 0.0128  -0.0198 -0.0087 29  TYR B N   
262 C CA  . TYR B 29 ? 0.3300 0.3236 0.2998 0.0069  -0.0237 -0.0125 29  TYR B CA  
263 C C   . TYR B 29 ? 0.2784 0.2828 0.2546 0.0063  -0.0235 -0.0092 29  TYR B C   
264 O O   . TYR B 29 ? 0.2503 0.2536 0.2294 0.0070  -0.0204 -0.0046 29  TYR B O   
265 C CB  . TYR B 29 ? 0.3380 0.3221 0.3107 0.0003  -0.0235 -0.0138 29  TYR B CB  
266 C CG  . TYR B 29 ? 0.3227 0.2935 0.2883 0.0016  -0.0238 -0.0177 29  TYR B CG  
267 C CD1 . TYR B 29 ? 0.3647 0.3327 0.3260 -0.0007 -0.0275 -0.0255 29  TYR B CD1 
268 C CD2 . TYR B 29 ? 0.2569 0.2184 0.2199 0.0058  -0.0208 -0.0146 29  TYR B CD2 
269 C CE1 . TYR B 29 ? 0.3793 0.3324 0.3325 0.0014  -0.0274 -0.0301 29  TYR B CE1 
270 C CE2 . TYR B 29 ? 0.3184 0.2670 0.2744 0.0089  -0.0206 -0.0182 29  TYR B CE2 
271 C CZ  . TYR B 29 ? 0.3597 0.3027 0.3103 0.0069  -0.0236 -0.0260 29  TYR B CZ  
272 O OH  . TYR B 29 ? 0.3203 0.2479 0.2623 0.0110  -0.0231 -0.0305 29  TYR B OH  
273 N N   . PRO B 30 ? 0.2834 0.2986 0.2618 0.0053  -0.0273 -0.0124 30  PRO B N   
274 C CA  . PRO B 30 ? 0.2055 0.2313 0.1913 0.0048  -0.0269 -0.0101 30  PRO B CA  
275 C C   . PRO B 30 ? 0.2038 0.2259 0.1960 -0.0023 -0.0243 -0.0087 30  PRO B C   
276 O O   . PRO B 30 ? 0.2221 0.2382 0.2153 -0.0089 -0.0248 -0.0115 30  PRO B O   
277 C CB  . PRO B 30 ? 0.2688 0.3093 0.2577 0.0041  -0.0324 -0.0154 30  PRO B CB  
278 C CG  . PRO B 30 ? 0.2983 0.3347 0.2775 0.0068  -0.0357 -0.0200 30  PRO B CG  
279 C CD  . PRO B 30 ? 0.2108 0.2302 0.1865 0.0039  -0.0325 -0.0196 30  PRO B CD  
280 N N   . SER B 31 ? 0.1794 0.2028 0.1739 -0.0004 -0.0212 -0.0044 31  SER B N   
281 C CA  . SER B 31 ? 0.2373 0.2556 0.2339 -0.0048 -0.0182 -0.0021 31  SER B CA  
282 C C   . SER B 31 ? 0.2296 0.2575 0.2310 -0.0038 -0.0161 -0.0004 31  SER B C   
283 O O   . SER B 31 ? 0.2237 0.2603 0.2266 0.0015  -0.0170 -0.0007 31  SER B O   
284 C CB  . SER B 31 ? 0.1615 0.1683 0.1531 -0.0023 -0.0164 0.0006  31  SER B CB  
285 O OG  . SER B 31 ? 0.2632 0.2623 0.2506 -0.0020 -0.0177 -0.0012 31  SER B OG  
286 N N   . ARG B 32 ? 0.1623 0.1879 0.1646 -0.0076 -0.0131 0.0014  32  ARG B N   
287 C CA  . ARG B 32 ? 0.2455 0.2804 0.2514 -0.0067 -0.0103 0.0026  32  ARG B CA  
288 C C   . ARG B 32 ? 0.2234 0.2496 0.2233 -0.0059 -0.0076 0.0052  32  ARG B C   
289 O O   . ARG B 32 ? 0.2672 0.2841 0.2629 -0.0088 -0.0074 0.0069  32  ARG B O   
290 C CB  . ARG B 32 ? 0.3043 0.3506 0.3181 -0.0136 -0.0088 0.0016  32  ARG B CB  
291 C CG  . ARG B 32 ? 0.4333 0.4935 0.4523 -0.0121 -0.0049 0.0024  32  ARG B CG  
292 C CD  . ARG B 32 ? 0.5111 0.5791 0.5376 -0.0217 -0.0013 0.0031  32  ARG B CD  
293 N NE  . ARG B 32 ? 0.5993 0.6848 0.6326 -0.0205 0.0034  0.0037  32  ARG B NE  
294 C CZ  . ARG B 32 ? 0.5754 0.6593 0.6040 -0.0202 0.0094  0.0073  32  ARG B CZ  
295 N NH1 . ARG B 32 ? 0.5054 0.5714 0.5221 -0.0209 0.0106  0.0107  32  ARG B NH1 
296 N NH2 . ARG B 32 ? 0.5223 0.6243 0.5576 -0.0183 0.0142  0.0073  32  ARG B NH2 
297 N N   . ILE B 33 ? 0.1840 0.2131 0.1825 -0.0011 -0.0060 0.0051  33  ILE B N   
298 C CA  . ILE B 33 ? 0.1604 0.1836 0.1527 -0.0002 -0.0043 0.0060  33  ILE B CA  
299 C C   . ILE B 33 ? 0.2274 0.2559 0.2189 -0.0034 -0.0004 0.0081  33  ILE B C   
300 O O   . ILE B 33 ? 0.2361 0.2763 0.2323 -0.0027 0.0026  0.0076  33  ILE B O   
301 C CB  . ILE B 33 ? 0.2815 0.3037 0.2716 0.0056  -0.0040 0.0037  33  ILE B CB  
302 C CG1 . ILE B 33 ? 0.3037 0.3182 0.2938 0.0077  -0.0063 0.0030  33  ILE B CG1 
303 C CG2 . ILE B 33 ? 0.2274 0.2456 0.2104 0.0064  -0.0030 0.0028  33  ILE B CG2 
304 C CD1 . ILE B 33 ? 0.3129 0.3225 0.3010 0.0124  -0.0053 0.0009  33  ILE B CD1 
305 N N   . GLU B 34 ? 0.2090 0.2296 0.1945 -0.0063 0.0002  0.0112  34  GLU B N   
306 C CA  . GLU B 34 ? 0.2382 0.2610 0.2209 -0.0098 0.0053  0.0150  34  GLU B CA  
307 C C   . GLU B 34 ? 0.2386 0.2620 0.2117 -0.0051 0.0074  0.0156  34  GLU B C   
308 O O   . GLU B 34 ? 0.2415 0.2731 0.2138 -0.0055 0.0128  0.0171  34  GLU B O   
309 C CB  . GLU B 34 ? 0.3149 0.3255 0.2933 -0.0144 0.0055  0.0191  34  GLU B CB  
310 C CG  . GLU B 34 ? 0.3251 0.3335 0.3112 -0.0199 0.0038  0.0176  34  GLU B CG  
311 C CD  . GLU B 34 ? 0.4276 0.4469 0.4233 -0.0274 0.0077  0.0174  34  GLU B CD  
312 O OE1 . GLU B 34 ? 0.4865 0.5066 0.4803 -0.0313 0.0137  0.0218  34  GLU B OE1 
313 O OE2 . GLU B 34 ? 0.4987 0.5270 0.5040 -0.0292 0.0048  0.0129  34  GLU B OE2 
314 N N   . LYS B 35 ? 0.1987 0.2150 0.1649 -0.0009 0.0033  0.0138  35  LYS B N   
315 C CA  . LYS B 35 ? 0.2312 0.2477 0.1867 0.0037  0.0036  0.0129  35  LYS B CA  
316 C C   . LYS B 35 ? 0.2505 0.2639 0.2060 0.0070  -0.0020 0.0071  35  LYS B C   
317 O O   . LYS B 35 ? 0.2595 0.2687 0.2202 0.0058  -0.0057 0.0066  35  LYS B O   
318 C CB  . LYS B 35 ? 0.2948 0.3053 0.2392 0.0039  0.0046  0.0187  35  LYS B CB  
319 C CG  . LYS B 35 ? 0.4058 0.4175 0.3483 -0.0003 0.0120  0.0253  35  LYS B CG  
320 C CD  . LYS B 35 ? 0.5206 0.5207 0.4516 0.0000  0.0128  0.0326  35  LYS B CD  
321 C CE  . LYS B 35 ? 0.5824 0.5813 0.5120 -0.0061 0.0217  0.0401  35  LYS B CE  
322 N NZ  . LYS B 35 ? 0.6687 0.6787 0.5928 -0.0041 0.0282  0.0410  35  LYS B NZ  
323 N N   . ILE B 36 ? 0.2682 0.2834 0.2176 0.0109  -0.0021 0.0024  36  ILE B N   
324 C CA  . ILE B 36 ? 0.2185 0.2300 0.1680 0.0123  -0.0072 -0.0040 36  ILE B CA  
325 C C   . ILE B 36 ? 0.2459 0.2583 0.1834 0.0153  -0.0101 -0.0068 36  ILE B C   
326 O O   . ILE B 36 ? 0.2660 0.2815 0.1938 0.0186  -0.0070 -0.0075 36  ILE B O   
327 C CB  . ILE B 36 ? 0.2620 0.2717 0.2153 0.0141  -0.0058 -0.0094 36  ILE B CB  
328 C CG1 . ILE B 36 ? 0.1807 0.1907 0.1446 0.0126  -0.0041 -0.0063 36  ILE B CG1 
329 C CG2 . ILE B 36 ? 0.2868 0.2902 0.2402 0.0135  -0.0102 -0.0162 36  ILE B CG2 
330 C CD1 . ILE B 36 ? 0.1940 0.2018 0.1603 0.0167  -0.0020 -0.0098 36  ILE B CD1 
331 N N   . ASP B 37 ? 0.2566 0.2685 0.1948 0.0148  -0.0161 -0.0085 37  ASP B N   
332 C CA  . ASP B 37 ? 0.3408 0.3561 0.2689 0.0180  -0.0213 -0.0127 37  ASP B CA  
333 C C   . ASP B 37 ? 0.2994 0.3135 0.2320 0.0160  -0.0251 -0.0231 37  ASP B C   
334 O O   . ASP B 37 ? 0.2515 0.2659 0.1945 0.0122  -0.0289 -0.0258 37  ASP B O   
335 C CB  . ASP B 37 ? 0.3206 0.3382 0.2485 0.0192  -0.0260 -0.0084 37  ASP B CB  
336 C CG  . ASP B 37 ? 0.3940 0.4182 0.3105 0.0242  -0.0324 -0.0120 37  ASP B CG  
337 O OD1 . ASP B 37 ? 0.4102 0.4377 0.3240 0.0240  -0.0359 -0.0214 37  ASP B OD1 
338 O OD2 . ASP B 37 ? 0.3953 0.4208 0.3048 0.0287  -0.0343 -0.0056 37  ASP B OD2 
339 N N   . TYR B 38 ? 0.3050 0.3168 0.2297 0.0184  -0.0231 -0.0291 38  TYR B N   
340 C CA  . TYR B 38 ? 0.3017 0.3080 0.2295 0.0161  -0.0258 -0.0396 38  TYR B CA  
341 C C   . TYR B 38 ? 0.3641 0.3756 0.2883 0.0150  -0.0341 -0.0480 38  TYR B C   
342 O O   . TYR B 38 ? 0.3646 0.3713 0.2943 0.0104  -0.0372 -0.0574 38  TYR B O   
343 C CB  . TYR B 38 ? 0.2807 0.2815 0.1999 0.0205  -0.0208 -0.0442 38  TYR B CB  
344 C CG  . TYR B 38 ? 0.2478 0.2471 0.1722 0.0223  -0.0133 -0.0374 38  TYR B CG  
345 C CD1 . TYR B 38 ? 0.2390 0.2299 0.1733 0.0208  -0.0111 -0.0380 38  TYR B CD1 
346 C CD2 . TYR B 38 ? 0.2640 0.2713 0.1836 0.0255  -0.0082 -0.0302 38  TYR B CD2 
347 C CE1 . TYR B 38 ? 0.2178 0.2106 0.1569 0.0237  -0.0055 -0.0322 38  TYR B CE1 
348 C CE2 . TYR B 38 ? 0.2956 0.3054 0.2222 0.0266  -0.0021 -0.0250 38  TYR B CE2 
349 C CZ  . TYR B 38 ? 0.2752 0.2788 0.2114 0.0262  -0.0015 -0.0264 38  TYR B CZ  
350 O OH  . TYR B 38 ? 0.2931 0.3025 0.2364 0.0283  0.0034  -0.0216 38  TYR B OH  
351 N N   . GLU B 39 ? 0.3328 0.3539 0.2480 0.0190  -0.0380 -0.0449 39  GLU B N   
352 C CA  . GLU B 39 ? 0.2513 0.2815 0.1647 0.0188  -0.0476 -0.0528 39  GLU B CA  
353 C C   . GLU B 39 ? 0.3554 0.3911 0.2868 0.0130  -0.0516 -0.0521 39  GLU B C   
354 O O   . GLU B 39 ? 0.4442 0.4842 0.3847 0.0074  -0.0573 -0.0618 39  GLU B O   
355 C CB  . GLU B 39 ? 0.3149 0.3537 0.2110 0.0271  -0.0504 -0.0483 39  GLU B CB  
356 N N   . GLU B 40 ? 0.3716 0.4076 0.3086 0.0141  -0.0484 -0.0413 40  GLU B N   
357 C CA  . GLU B 40 ? 0.4120 0.4543 0.3653 0.0104  -0.0509 -0.0397 40  GLU B CA  
358 C C   . GLU B 40 ? 0.3478 0.3812 0.3151 0.0034  -0.0453 -0.0393 40  GLU B C   
359 O O   . GLU B 40 ? 0.3250 0.3637 0.3065 -0.0013 -0.0468 -0.0407 40  GLU B O   
360 C CB  . GLU B 40 ? 0.4898 0.5346 0.4404 0.0161  -0.0502 -0.0289 40  GLU B CB  
361 C CG  . GLU B 40 ? 0.6640 0.7132 0.5971 0.0249  -0.0535 -0.0253 40  GLU B CG  
362 C CD  . GLU B 40 ? 0.7625 0.8277 0.6969 0.0291  -0.0633 -0.0293 40  GLU B CD  
363 O OE1 . GLU B 40 ? 0.7841 0.8575 0.7346 0.0264  -0.0660 -0.0309 40  GLU B OE1 
364 O OE2 . GLU B 40 ? 0.8260 0.8970 0.7447 0.0357  -0.0682 -0.0310 40  GLU B OE2 
365 N N   . GLY B 41 ? 0.2706 0.2919 0.2339 0.0034  -0.0387 -0.0369 41  GLY B N   
366 C CA  . GLY B 41 ? 0.2422 0.2552 0.2161 -0.0009 -0.0333 -0.0345 41  GLY B CA  
367 C C   . GLY B 41 ? 0.3012 0.3154 0.2802 0.0002  -0.0306 -0.0253 41  GLY B C   
368 O O   . GLY B 41 ? 0.3025 0.3152 0.2920 -0.0033 -0.0286 -0.0239 41  GLY B O   
369 N N   . LYS B 42 ? 0.2571 0.2732 0.2284 0.0050  -0.0301 -0.0191 42  LYS B N   
370 C CA  . LYS B 42 ? 0.2792 0.2937 0.2539 0.0058  -0.0274 -0.0116 42  LYS B CA  
371 C C   . LYS B 42 ? 0.2768 0.2862 0.2446 0.0073  -0.0227 -0.0066 42  LYS B C   
372 O O   . LYS B 42 ? 0.3522 0.3617 0.3113 0.0092  -0.0216 -0.0076 42  LYS B O   
373 C CB  . LYS B 42 ? 0.3922 0.4128 0.3666 0.0092  -0.0312 -0.0085 42  LYS B CB  
374 C CG  . LYS B 42 ? 0.3834 0.4078 0.3457 0.0144  -0.0349 -0.0077 42  LYS B CG  
375 C CD  . LYS B 42 ? 0.3963 0.4270 0.3598 0.0193  -0.0392 -0.0048 42  LYS B CD  
376 C CE  . LYS B 42 ? 0.5118 0.5476 0.4621 0.0262  -0.0440 -0.0042 42  LYS B CE  
377 N NZ  . LYS B 42 ? 0.5645 0.6085 0.5167 0.0330  -0.0492 -0.0018 42  LYS B NZ  
378 N N   . MET B 43 ? 0.2383 0.2444 0.2104 0.0063  -0.0198 -0.0021 43  MET B N   
379 C CA  . MET B 43 ? 0.2583 0.2623 0.2281 0.0059  -0.0155 0.0015  43  MET B CA  
380 C C   . MET B 43 ? 0.3285 0.3294 0.2978 0.0053  -0.0146 0.0069  43  MET B C   
381 O O   . MET B 43 ? 0.3102 0.3092 0.2830 0.0058  -0.0165 0.0075  43  MET B O   
382 C CB  . MET B 43 ? 0.2365 0.2393 0.2127 0.0047  -0.0131 -0.0001 43  MET B CB  
383 C CG  . MET B 43 ? 0.3109 0.3117 0.2875 0.0053  -0.0133 -0.0055 43  MET B CG  
384 S SD  . MET B 43 ? 0.3681 0.3654 0.3490 0.0067  -0.0098 -0.0051 43  MET B SD  
385 C CE  . MET B 43 ? 0.2902 0.2870 0.2771 0.0049  -0.0103 -0.0013 43  MET B CE  
386 N N   . LEU B 44 ? 0.2583 0.2580 0.2231 0.0042  -0.0112 0.0104  44  LEU B N   
387 C CA  . LEU B 44 ? 0.2663 0.2600 0.2308 0.0019  -0.0096 0.0149  44  LEU B CA  
388 C C   . LEU B 44 ? 0.2351 0.2304 0.2079 -0.0016 -0.0084 0.0132  44  LEU B C   
389 O O   . LEU B 44 ? 0.2099 0.2119 0.1862 -0.0033 -0.0060 0.0123  44  LEU B O   
390 C CB  . LEU B 44 ? 0.2271 0.2184 0.1840 0.0005  -0.0054 0.0199  44  LEU B CB  
391 C CG  . LEU B 44 ? 0.2027 0.1835 0.1579 -0.0029 -0.0031 0.0246  44  LEU B CG  
392 C CD1 . LEU B 44 ? 0.2546 0.2260 0.2060 0.0016  -0.0070 0.0258  44  LEU B CD1 
393 C CD2 . LEU B 44 ? 0.2098 0.1872 0.1566 -0.0048 0.0025  0.0308  44  LEU B CD2 
394 N N   . VAL B 45 ? 0.2128 0.2036 0.1883 -0.0017 -0.0103 0.0127  45  VAL B N   
395 C CA  . VAL B 45 ? 0.1981 0.1912 0.1798 -0.0036 -0.0105 0.0104  45  VAL B CA  
396 C C   . VAL B 45 ? 0.2437 0.2304 0.2250 -0.0080 -0.0097 0.0114  45  VAL B C   
397 O O   . VAL B 45 ? 0.2284 0.2048 0.2048 -0.0070 -0.0101 0.0132  45  VAL B O   
398 C CB  . VAL B 45 ? 0.2725 0.2653 0.2565 -0.0004 -0.0126 0.0084  45  VAL B CB  
399 C CG1 . VAL B 45 ? 0.2886 0.2822 0.2752 -0.0012 -0.0131 0.0066  45  VAL B CG1 
400 C CG2 . VAL B 45 ? 0.3108 0.3080 0.2966 0.0015  -0.0126 0.0068  45  VAL B CG2 
401 N N   . HIS B 46 ? 0.2644 0.2575 0.2511 -0.0124 -0.0087 0.0097  46  HIS B N   
402 C CA  . HIS B 46 ? 0.2630 0.2506 0.2511 -0.0187 -0.0083 0.0089  46  HIS B CA  
403 C C   . HIS B 46 ? 0.2605 0.2505 0.2515 -0.0182 -0.0119 0.0038  46  HIS B C   
404 O O   . HIS B 46 ? 0.2838 0.2863 0.2799 -0.0169 -0.0134 0.0014  46  HIS B O   
405 C CB  . HIS B 46 ? 0.3109 0.3071 0.3048 -0.0254 -0.0047 0.0098  46  HIS B CB  
406 C CG  . HIS B 46 ? 0.2487 0.2416 0.2470 -0.0341 -0.0045 0.0074  46  HIS B CG  
407 N ND1 . HIS B 46 ? 0.2722 0.2469 0.2648 -0.0384 -0.0026 0.0096  46  HIS B ND1 
408 C CD2 . HIS B 46 ? 0.3152 0.3205 0.3234 -0.0396 -0.0064 0.0023  46  HIS B CD2 
409 C CE1 . HIS B 46 ? 0.3279 0.3018 0.3269 -0.0474 -0.0029 0.0053  46  HIS B CE1 
410 N NE2 . HIS B 46 ? 0.3001 0.2941 0.3090 -0.0485 -0.0057 0.0005  46  HIS B NE2 
411 N N   . PHE B 47 ? 0.2794 0.2572 0.2659 -0.0182 -0.0133 0.0022  47  PHE B N   
412 C CA  . PHE B 47 ? 0.2401 0.2195 0.2270 -0.0173 -0.0167 -0.0034 47  PHE B CA  
413 C C   . PHE B 47 ? 0.3207 0.3031 0.3128 -0.0260 -0.0179 -0.0078 47  PHE B C   
414 O O   . PHE B 47 ? 0.3423 0.3129 0.3335 -0.0326 -0.0159 -0.0077 47  PHE B O   
415 C CB  . PHE B 47 ? 0.2280 0.1937 0.2073 -0.0125 -0.0174 -0.0042 47  PHE B CB  
416 C CG  . PHE B 47 ? 0.2025 0.1680 0.1795 -0.0055 -0.0161 0.0000  47  PHE B CG  
417 C CD1 . PHE B 47 ? 0.1819 0.1549 0.1598 -0.0002 -0.0166 -0.0003 47  PHE B CD1 
418 C CD2 . PHE B 47 ? 0.2284 0.1863 0.2024 -0.0044 -0.0144 0.0044  47  PHE B CD2 
419 C CE1 . PHE B 47 ? 0.2180 0.1928 0.1964 0.0044  -0.0154 0.0025  47  PHE B CE1 
420 C CE2 . PHE B 47 ? 0.2985 0.2596 0.2719 0.0017  -0.0145 0.0070  47  PHE B CE2 
421 C CZ  . PHE B 47 ? 0.2519 0.2221 0.2289 0.0053  -0.0151 0.0055  47  PHE B CZ  
422 N N   . GLU B 48 ? 0.2917 0.2900 0.2894 -0.0261 -0.0210 -0.0119 48  GLU B N   
423 C CA  . GLU B 48 ? 0.3466 0.3546 0.3533 -0.0353 -0.0224 -0.0164 48  GLU B CA  
424 C C   . GLU B 48 ? 0.2806 0.2752 0.2843 -0.0416 -0.0247 -0.0227 48  GLU B C   
425 O O   . GLU B 48 ? 0.3264 0.3106 0.3210 -0.0362 -0.0272 -0.0259 48  GLU B O   
426 C CB  . GLU B 48 ? 0.2996 0.3296 0.3126 -0.0318 -0.0264 -0.0196 48  GLU B CB  
427 C CG  . GLU B 48 ? 0.3354 0.3778 0.3529 -0.0273 -0.0233 -0.0143 48  GLU B CG  
428 C CD  . GLU B 48 ? 0.4864 0.5478 0.5076 -0.0204 -0.0270 -0.0163 48  GLU B CD  
429 O OE1 . GLU B 48 ? 0.5274 0.5953 0.5480 -0.0195 -0.0326 -0.0217 48  GLU B OE1 
430 O OE2 . GLU B 48 ? 0.5733 0.6427 0.5969 -0.0150 -0.0245 -0.0125 48  GLU B OE2 
431 N N   . ARG B 49 ? 0.2658 0.2597 0.2771 -0.0535 -0.0231 -0.0248 49  ARG B N   
432 C CA  . ARG B 49 ? 0.3490 0.3279 0.3591 -0.0625 -0.0246 -0.0316 49  ARG B CA  
433 C C   . ARG B 49 ? 0.3663 0.3154 0.3635 -0.0598 -0.0211 -0.0281 49  ARG B C   
434 O O   . ARG B 49 ? 0.3746 0.3060 0.3667 -0.0638 -0.0226 -0.0343 49  ARG B O   
435 C CB  . ARG B 49 ? 0.3708 0.3579 0.3798 -0.0611 -0.0325 -0.0422 49  ARG B CB  
436 C CG  . ARG B 49 ? 0.4424 0.4588 0.4657 -0.0662 -0.0371 -0.0477 49  ARG B CG  
437 C CD  . ARG B 49 ? 0.4976 0.5256 0.5157 -0.0584 -0.0453 -0.0554 49  ARG B CD  
438 N NE  . ARG B 49 ? 0.5700 0.5842 0.5818 -0.0638 -0.0497 -0.0659 49  ARG B NE  
439 C CZ  . ARG B 49 ? 0.6369 0.6489 0.6361 -0.0550 -0.0550 -0.0719 49  ARG B CZ  
440 N NH1 . ARG B 49 ? 0.5369 0.5590 0.5290 -0.0411 -0.0558 -0.0670 49  ARG B NH1 
441 N NH2 . ARG B 49 ? 0.6812 0.6795 0.6743 -0.0603 -0.0589 -0.0829 49  ARG B NH2 
442 N N   . TRP B 50 ? 0.2778 0.2215 0.2695 -0.0524 -0.0170 -0.0189 50  TRP B N   
443 C CA  . TRP B 50 ? 0.3205 0.2395 0.3015 -0.0490 -0.0133 -0.0137 50  TRP B CA  
444 C C   . TRP B 50 ? 0.3988 0.3133 0.3812 -0.0544 -0.0068 -0.0050 50  TRP B C   
445 O O   . TRP B 50 ? 0.3142 0.2474 0.3043 -0.0566 -0.0051 -0.0019 50  TRP B O   
446 C CB  . TRP B 50 ? 0.2668 0.1854 0.2402 -0.0351 -0.0141 -0.0100 50  TRP B CB  
447 C CG  . TRP B 50 ? 0.2929 0.2112 0.2618 -0.0285 -0.0182 -0.0167 50  TRP B CG  
448 C CD1 . TRP B 50 ? 0.2678 0.2039 0.2392 -0.0242 -0.0218 -0.0201 50  TRP B CD1 
449 C CD2 . TRP B 50 ? 0.3370 0.2354 0.2960 -0.0240 -0.0187 -0.0203 50  TRP B CD2 
450 N NE1 . TRP B 50 ? 0.3582 0.2878 0.3218 -0.0180 -0.0239 -0.0253 50  TRP B NE1 
451 C CE2 . TRP B 50 ? 0.3518 0.2589 0.3082 -0.0175 -0.0221 -0.0262 50  TRP B CE2 
452 C CE3 . TRP B 50 ? 0.3842 0.2568 0.3352 -0.0238 -0.0159 -0.0187 50  TRP B CE3 
453 C CZ2 . TRP B 50 ? 0.4388 0.3319 0.3852 -0.0108 -0.0228 -0.0313 50  TRP B CZ2 
454 C CZ3 . TRP B 50 ? 0.4700 0.3271 0.4115 -0.0166 -0.0170 -0.0242 50  TRP B CZ3 
455 C CH2 . TRP B 50 ? 0.4993 0.3677 0.4389 -0.0103 -0.0204 -0.0307 50  TRP B CH2 
456 N N   . SER B 51 ? 0.4130 0.3019 0.3861 -0.0551 -0.0030 -0.0007 51  SER B N   
457 C CA  . SER B 51 ? 0.3601 0.2422 0.3307 -0.0587 0.0039  0.0090  51  SER B CA  
458 C C   . SER B 51 ? 0.3303 0.2255 0.2976 -0.0482 0.0042  0.0158  51  SER B C   
459 O O   . SER B 51 ? 0.3360 0.2358 0.2998 -0.0373 0.0000  0.0144  51  SER B O   
460 C CB  . SER B 51 ? 0.4773 0.3261 0.4355 -0.0588 0.0079  0.0133  51  SER B CB  
461 O OG  . SER B 51 ? 0.5193 0.3605 0.4679 -0.0532 0.0130  0.0249  51  SER B OG  
462 N N   . HIS B 52 ? 0.3403 0.2423 0.3088 -0.0519 0.0096  0.0226  52  HIS B N   
463 C CA  . HIS B 52 ? 0.3218 0.2352 0.2858 -0.0423 0.0096  0.0277  52  HIS B CA  
464 C C   . HIS B 52 ? 0.3249 0.2217 0.2745 -0.0314 0.0088  0.0333  52  HIS B C   
465 O O   . HIS B 52 ? 0.2681 0.1749 0.2144 -0.0222 0.0063  0.0349  52  HIS B O   
466 C CB  . HIS B 52 ? 0.3582 0.2817 0.3244 -0.0479 0.0161  0.0334  52  HIS B CB  
467 C CG  . HIS B 52 ? 0.3807 0.3305 0.3612 -0.0519 0.0153  0.0282  52  HIS B CG  
468 N ND1 . HIS B 52 ? 0.3612 0.3277 0.3435 -0.0435 0.0117  0.0257  52  HIS B ND1 
469 C CD2 . HIS B 52 ? 0.3938 0.3560 0.3879 -0.0628 0.0174  0.0245  52  HIS B CD2 
470 C CE1 . HIS B 52 ? 0.3868 0.3732 0.3814 -0.0476 0.0119  0.0216  52  HIS B CE1 
471 N NE2 . HIS B 52 ? 0.4080 0.3946 0.4109 -0.0590 0.0150  0.0207  52  HIS B NE2 
472 N N   . ARG B 53 ? 0.3488 0.2206 0.2902 -0.0316 0.0106  0.0355  53  ARG B N   
473 C CA  . ARG B 53 ? 0.3965 0.2552 0.3251 -0.0186 0.0087  0.0400  53  ARG B CA  
474 C C   . ARG B 53 ? 0.3693 0.2381 0.3015 -0.0094 0.0019  0.0335  53  ARG B C   
475 O O   . ARG B 53 ? 0.4045 0.2718 0.3297 0.0022  -0.0004 0.0365  53  ARG B O   
476 C CB  . ARG B 53 ? 0.4483 0.2752 0.3662 -0.0195 0.0126  0.0441  53  ARG B CB  
477 C CG  . ARG B 53 ? 0.5053 0.3189 0.4222 -0.0156 0.0089  0.0369  53  ARG B CG  
478 C CD  . ARG B 53 ? 0.5989 0.3771 0.5041 -0.0170 0.0136  0.0408  53  ARG B CD  
479 N NE  . ARG B 53 ? 0.7491 0.5145 0.6568 -0.0209 0.0114  0.0306  53  ARG B NE  
480 C CZ  . ARG B 53 ? 0.8602 0.6179 0.7745 -0.0364 0.0134  0.0248  53  ARG B CZ  
481 N NH1 . ARG B 53 ? 0.8345 0.5970 0.7551 -0.0500 0.0187  0.0289  53  ARG B NH1 
482 N NH2 . ARG B 53 ? 0.8944 0.6409 0.8090 -0.0385 0.0103  0.0141  53  ARG B NH2 
483 N N   . TYR B 54 ? 0.2987 0.1795 0.2413 -0.0138 -0.0010 0.0251  54  TYR B N   
484 C CA  . TYR B 54 ? 0.3147 0.2071 0.2607 -0.0058 -0.0059 0.0200  54  TYR B CA  
485 C C   . TYR B 54 ? 0.3609 0.2771 0.3146 -0.0047 -0.0079 0.0190  54  TYR B C   
486 O O   . TYR B 54 ? 0.2837 0.2096 0.2412 0.0002  -0.0109 0.0153  54  TYR B O   
487 C CB  . TYR B 54 ? 0.3739 0.2626 0.3232 -0.0089 -0.0079 0.0117  54  TYR B CB  
488 C CG  . TYR B 54 ? 0.4975 0.3601 0.4383 -0.0089 -0.0064 0.0108  54  TYR B CG  
489 C CD1 . TYR B 54 ? 0.5364 0.3859 0.4681 0.0029  -0.0067 0.0131  54  TYR B CD1 
490 C CD2 . TYR B 54 ? 0.5915 0.4420 0.5335 -0.0205 -0.0047 0.0070  54  TYR B CD2 
491 C CE1 . TYR B 54 ? 0.6188 0.4409 0.5409 0.0044  -0.0049 0.0120  54  TYR B CE1 
492 C CE2 . TYR B 54 ? 0.6857 0.5081 0.6191 -0.0212 -0.0031 0.0054  54  TYR B CE2 
493 C CZ  . TYR B 54 ? 0.7121 0.5190 0.6346 -0.0081 -0.0030 0.0080  54  TYR B CZ  
494 O OH  . TYR B 54 ? 0.8296 0.6055 0.7419 -0.0074 -0.0010 0.0062  54  TYR B OH  
495 N N   . ASP B 55 ? 0.2894 0.2140 0.2449 -0.0091 -0.0056 0.0223  55  ASP B N   
496 C CA  . ASP B 55 ? 0.2237 0.1667 0.1840 -0.0067 -0.0073 0.0212  55  ASP B CA  
497 C C   . ASP B 55 ? 0.2573 0.2030 0.2140 0.0025  -0.0102 0.0224  55  ASP B C   
498 O O   . ASP B 55 ? 0.2909 0.2263 0.2394 0.0079  -0.0104 0.0265  55  ASP B O   
499 C CB  . ASP B 55 ? 0.2421 0.1917 0.2021 -0.0109 -0.0036 0.0246  55  ASP B CB  
500 C CG  . ASP B 55 ? 0.2666 0.2205 0.2343 -0.0206 -0.0006 0.0227  55  ASP B CG  
501 O OD1 . ASP B 55 ? 0.3334 0.2848 0.3061 -0.0244 -0.0023 0.0182  55  ASP B OD1 
502 O OD2 . ASP B 55 ? 0.2822 0.2432 0.2508 -0.0241 0.0035  0.0256  55  ASP B OD2 
503 N N   . GLU B 56 ? 0.2646 0.2239 0.2275 0.0044  -0.0126 0.0189  56  GLU B N   
504 C CA  . GLU B 56 ? 0.2437 0.2094 0.2072 0.0112  -0.0158 0.0183  56  GLU B CA  
505 C C   . GLU B 56 ? 0.2421 0.2204 0.2089 0.0104  -0.0169 0.0163  56  GLU B C   
506 O O   . GLU B 56 ? 0.2174 0.2005 0.1888 0.0063  -0.0155 0.0139  56  GLU B O   
507 C CB  . GLU B 56 ? 0.2501 0.2177 0.2191 0.0137  -0.0168 0.0148  56  GLU B CB  
508 C CG  . GLU B 56 ? 0.2631 0.2170 0.2270 0.0169  -0.0163 0.0156  56  GLU B CG  
509 C CD  . GLU B 56 ? 0.3280 0.2863 0.2959 0.0222  -0.0170 0.0125  56  GLU B CD  
510 O OE1 . GLU B 56 ? 0.2960 0.2471 0.2623 0.0217  -0.0159 0.0097  56  GLU B OE1 
511 O OE2 . GLU B 56 ? 0.2622 0.2325 0.2352 0.0265  -0.0185 0.0123  56  GLU B OE2 
512 N N   . TRP B 57 ? 0.2569 0.2405 0.2212 0.0151  -0.0199 0.0166  57  TRP B N   
513 C CA  . TRP B 57 ? 0.1995 0.1937 0.1668 0.0141  -0.0217 0.0129  57  TRP B CA  
514 C C   . TRP B 57 ? 0.2675 0.2694 0.2454 0.0135  -0.0233 0.0085  57  TRP B C   
515 O O   . TRP B 57 ? 0.3193 0.3253 0.3009 0.0173  -0.0254 0.0084  57  TRP B O   
516 C CB  . TRP B 57 ? 0.2650 0.2629 0.2242 0.0189  -0.0251 0.0140  57  TRP B CB  
517 C CG  . TRP B 57 ? 0.2923 0.2828 0.2397 0.0192  -0.0219 0.0192  57  TRP B CG  
518 C CD1 . TRP B 57 ? 0.2986 0.2776 0.2373 0.0217  -0.0198 0.0259  57  TRP B CD1 
519 C CD2 . TRP B 57 ? 0.3201 0.3136 0.2628 0.0168  -0.0195 0.0184  57  TRP B CD2 
520 N NE1 . TRP B 57 ? 0.2733 0.2484 0.2024 0.0200  -0.0156 0.0301  57  TRP B NE1 
521 C CE2 . TRP B 57 ? 0.2750 0.2604 0.2066 0.0175  -0.0153 0.0254  57  TRP B CE2 
522 C CE3 . TRP B 57 ? 0.3084 0.3092 0.2544 0.0146  -0.0198 0.0125  57  TRP B CE3 
523 C CZ2 . TRP B 57 ? 0.2843 0.2717 0.2090 0.0161  -0.0111 0.0268  57  TRP B CZ2 
524 C CZ3 . TRP B 57 ? 0.3934 0.3953 0.3318 0.0144  -0.0163 0.0130  57  TRP B CZ3 
525 C CH2 . TRP B 57 ? 0.3982 0.3949 0.3264 0.0151  -0.0118 0.0203  57  TRP B CH2 
526 N N   . ILE B 58 ? 0.1969 0.2010 0.1800 0.0093  -0.0216 0.0054  58  ILE B N   
527 C CA  . ILE B 58 ? 0.2002 0.2090 0.1927 0.0074  -0.0213 0.0025  58  ILE B CA  
528 C C   . ILE B 58 ? 0.2372 0.2487 0.2319 0.0042  -0.0220 -0.0019 58  ILE B C   
529 O O   . ILE B 58 ? 0.2702 0.2777 0.2599 0.0034  -0.0205 -0.0026 58  ILE B O   
530 C CB  . ILE B 58 ? 0.2239 0.2277 0.2181 0.0062  -0.0176 0.0039  58  ILE B CB  
531 C CG1 . ILE B 58 ? 0.2057 0.2053 0.1970 0.0091  -0.0175 0.0064  58  ILE B CG1 
532 C CG2 . ILE B 58 ? 0.2257 0.2327 0.2274 0.0042  -0.0157 0.0025  58  ILE B CG2 
533 C CD1 . ILE B 58 ? 0.2613 0.2561 0.2514 0.0081  -0.0151 0.0067  58  ILE B CD1 
534 N N   . TYR B 59 ? 0.2191 0.2380 0.2217 0.0022  -0.0239 -0.0056 59  TYR B N   
535 C CA  . TYR B 59 ? 0.2569 0.2757 0.2620 -0.0022 -0.0244 -0.0112 59  TYR B CA  
536 C C   . TYR B 59 ? 0.3217 0.3304 0.3272 -0.0045 -0.0194 -0.0103 59  TYR B C   
537 O O   . TYR B 59 ? 0.2349 0.2411 0.2433 -0.0044 -0.0158 -0.0065 59  TYR B O   
538 C CB  . TYR B 59 ? 0.2487 0.2781 0.2651 -0.0058 -0.0271 -0.0157 59  TYR B CB  
539 C CG  . TYR B 59 ? 0.2943 0.3356 0.3092 -0.0026 -0.0340 -0.0186 59  TYR B CG  
540 C CD1 . TYR B 59 ? 0.2293 0.2714 0.2374 -0.0030 -0.0382 -0.0242 59  TYR B CD1 
541 C CD2 . TYR B 59 ? 0.2773 0.3286 0.2955 0.0025  -0.0365 -0.0158 59  TYR B CD2 
542 C CE1 . TYR B 59 ? 0.2836 0.3374 0.2879 0.0015  -0.0452 -0.0266 59  TYR B CE1 
543 C CE2 . TYR B 59 ? 0.2968 0.3592 0.3119 0.0076  -0.0433 -0.0176 59  TYR B CE2 
544 C CZ  . TYR B 59 ? 0.3889 0.4531 0.3968 0.0070  -0.0478 -0.0228 59  TYR B CZ  
545 O OH  . TYR B 59 ? 0.4668 0.5431 0.4697 0.0134  -0.0552 -0.0245 59  TYR B OH  
546 N N   . TRP B 60 ? 0.2693 0.2718 0.2704 -0.0055 -0.0189 -0.0140 60  TRP B N   
547 C CA  . TRP B 60 ? 0.2965 0.2889 0.2958 -0.0050 -0.0142 -0.0122 60  TRP B CA  
548 C C   . TRP B 60 ? 0.2567 0.2429 0.2627 -0.0090 -0.0107 -0.0120 60  TRP B C   
549 O O   . TRP B 60 ? 0.3000 0.2773 0.3034 -0.0069 -0.0064 -0.0087 60  TRP B O   
550 C CB  . TRP B 60 ? 0.2620 0.2488 0.2537 -0.0029 -0.0141 -0.0160 60  TRP B CB  
551 C CG  . TRP B 60 ? 0.2835 0.2682 0.2743 -0.0059 -0.0167 -0.0241 60  TRP B CG  
552 C CD1 . TRP B 60 ? 0.2900 0.2732 0.2885 -0.0124 -0.0177 -0.0289 60  TRP B CD1 
553 C CD2 . TRP B 60 ? 0.2998 0.2842 0.2813 -0.0030 -0.0185 -0.0292 60  TRP B CD2 
554 N NE1 . TRP B 60 ? 0.2998 0.2809 0.2945 -0.0141 -0.0211 -0.0377 60  TRP B NE1 
555 C CE2 . TRP B 60 ? 0.3094 0.2910 0.2924 -0.0076 -0.0216 -0.0381 60  TRP B CE2 
556 C CE3 . TRP B 60 ? 0.2336 0.2207 0.2058 0.0026  -0.0174 -0.0274 60  TRP B CE3 
557 C CZ2 . TRP B 60 ? 0.3338 0.3143 0.3071 -0.0056 -0.0243 -0.0458 60  TRP B CZ2 
558 C CZ3 . TRP B 60 ? 0.2864 0.2731 0.2494 0.0051  -0.0188 -0.0338 60  TRP B CZ3 
559 C CH2 . TRP B 60 ? 0.2820 0.2650 0.2446 0.0015  -0.0226 -0.0433 60  TRP B CH2 
560 N N   . ASP B 61 ? 0.2289 0.2210 0.2438 -0.0144 -0.0118 -0.0148 61  ASP B N   
561 C CA  . ASP B 61 ? 0.2903 0.2771 0.3128 -0.0194 -0.0067 -0.0132 61  ASP B CA  
562 C C   . ASP B 61 ? 0.2734 0.2693 0.3016 -0.0186 -0.0046 -0.0080 61  ASP B C   
563 O O   . ASP B 61 ? 0.3057 0.3010 0.3411 -0.0231 0.0003  -0.0061 61  ASP B O   
564 C CB  . ASP B 61 ? 0.2805 0.2674 0.3114 -0.0280 -0.0078 -0.0205 61  ASP B CB  
565 C CG  . ASP B 61 ? 0.4058 0.4095 0.4415 -0.0293 -0.0153 -0.0266 61  ASP B CG  
566 O OD1 . ASP B 61 ? 0.3912 0.4038 0.4221 -0.0228 -0.0191 -0.0242 61  ASP B OD1 
567 O OD2 . ASP B 61 ? 0.3454 0.3531 0.3898 -0.0369 -0.0177 -0.0340 61  ASP B OD2 
568 N N   . SER B 62 ? 0.2457 0.2485 0.2698 -0.0128 -0.0072 -0.0055 62  SER B N   
569 C CA  . SER B 62 ? 0.2632 0.2735 0.2907 -0.0104 -0.0056 -0.0018 62  SER B CA  
570 C C   . SER B 62 ? 0.2622 0.2649 0.2851 -0.0081 0.0002  0.0037  62  SER B C   
571 O O   . SER B 62 ? 0.2252 0.2185 0.2398 -0.0053 0.0008  0.0055  62  SER B O   
572 C CB  . SER B 62 ? 0.2298 0.2452 0.2522 -0.0048 -0.0100 -0.0012 62  SER B CB  
573 O OG  . SER B 62 ? 0.2754 0.2965 0.3002 -0.0015 -0.0085 0.0013  62  SER B OG  
574 N N   . ASN B 63 ? 0.2217 0.2302 0.2495 -0.0081 0.0041  0.0064  63  ASN B N   
575 C CA  . ASN B 63 ? 0.2674 0.2703 0.2881 -0.0041 0.0090  0.0116  63  ASN B CA  
576 C C   . ASN B 63 ? 0.2896 0.2951 0.3030 0.0026  0.0061  0.0119  63  ASN B C   
577 O O   . ASN B 63 ? 0.2308 0.2346 0.2379 0.0066  0.0092  0.0148  63  ASN B O   
578 C CB  . ASN B 63 ? 0.3714 0.3783 0.3990 -0.0072 0.0163  0.0147  63  ASN B CB  
579 C CG  . ASN B 63 ? 0.4363 0.4329 0.4668 -0.0139 0.0214  0.0162  63  ASN B CG  
580 O OD1 . ASN B 63 ? 0.3902 0.3729 0.4118 -0.0121 0.0216  0.0177  63  ASN B OD1 
581 N ND2 . ASN B 63 ? 0.3909 0.3941 0.4345 -0.0216 0.0257  0.0155  63  ASN B ND2 
582 N N   . ARG B 64 ? 0.2159 0.2241 0.2288 0.0038  0.0003  0.0088  64  ARG B N   
583 C CA  . ARG B 64 ? 0.2054 0.2107 0.2102 0.0082  -0.0025 0.0087  64  ARG B CA  
584 C C   . ARG B 64 ? 0.2146 0.2134 0.2129 0.0083  -0.0039 0.0090  64  ARG B C   
585 O O   . ARG B 64 ? 0.2508 0.2479 0.2436 0.0102  -0.0061 0.0083  64  ARG B O   
586 C CB  . ARG B 64 ? 0.2132 0.2212 0.2188 0.0095  -0.0070 0.0067  64  ARG B CB  
587 C CG  . ARG B 64 ? 0.2326 0.2501 0.2457 0.0115  -0.0067 0.0061  64  ARG B CG  
588 C CD  . ARG B 64 ? 0.2770 0.2961 0.2888 0.0146  -0.0115 0.0051  64  ARG B CD  
589 N NE  . ARG B 64 ? 0.2527 0.2610 0.2547 0.0176  -0.0128 0.0060  64  ARG B NE  
590 C CZ  . ARG B 64 ? 0.3328 0.3370 0.3301 0.0207  -0.0158 0.0066  64  ARG B CZ  
591 N NH1 . ARG B 64 ? 0.3411 0.3331 0.3300 0.0217  -0.0159 0.0074  64  ARG B NH1 
592 N NH2 . ARG B 64 ? 0.2362 0.2482 0.2368 0.0225  -0.0189 0.0066  64  ARG B NH2 
593 N N   . LEU B 65 ? 0.2472 0.2427 0.2462 0.0063  -0.0024 0.0096  65  LEU B N   
594 C CA  . LEU B 65 ? 0.2588 0.2503 0.2525 0.0081  -0.0031 0.0100  65  LEU B CA  
595 C C   . LEU B 65 ? 0.2865 0.2730 0.2766 0.0109  0.0009  0.0137  65  LEU B C   
596 O O   . LEU B 65 ? 0.2541 0.2362 0.2468 0.0086  0.0052  0.0155  65  LEU B O   
597 C CB  . LEU B 65 ? 0.1803 0.1702 0.1758 0.0059  -0.0045 0.0077  65  LEU B CB  
598 C CG  . LEU B 65 ? 0.2211 0.2155 0.2182 0.0039  -0.0080 0.0052  65  LEU B CG  
599 C CD1 . LEU B 65 ? 0.2281 0.2213 0.2247 0.0026  -0.0089 0.0024  65  LEU B CD1 
600 C CD2 . LEU B 65 ? 0.2178 0.2139 0.2113 0.0053  -0.0099 0.0059  65  LEU B CD2 
601 N N   . ARG B 66 ? 0.2444 0.2316 0.2280 0.0157  -0.0003 0.0149  66  ARG B N   
602 C CA  . ARG B 66 ? 0.2086 0.1903 0.1860 0.0204  0.0033  0.0194  66  ARG B CA  
603 C C   . ARG B 66 ? 0.2703 0.2556 0.2429 0.0261  -0.0001 0.0192  66  ARG B C   
604 O O   . ARG B 66 ? 0.2607 0.2541 0.2359 0.0249  -0.0047 0.0153  66  ARG B O   
605 C CB  . ARG B 66 ? 0.2510 0.2334 0.2237 0.0226  0.0065  0.0224  66  ARG B CB  
606 C CG  . ARG B 66 ? 0.1954 0.1847 0.1621 0.0266  0.0025  0.0201  66  ARG B CG  
607 C CD  . ARG B 66 ? 0.1826 0.1720 0.1427 0.0299  0.0065  0.0226  66  ARG B CD  
608 N NE  . ARG B 66 ? 0.2112 0.2059 0.1635 0.0341  0.0019  0.0188  66  ARG B NE  
609 C CZ  . ARG B 66 ? 0.2909 0.2871 0.2362 0.0376  0.0037  0.0182  66  ARG B CZ  
610 N NH1 . ARG B 66 ? 0.2991 0.2939 0.2452 0.0377  0.0110  0.0222  66  ARG B NH1 
611 N NH2 . ARG B 66 ? 0.2718 0.2715 0.2094 0.0409  -0.0015 0.0129  66  ARG B NH2 
612 N N   . PRO B 67 ? 0.2463 0.2259 0.2124 0.0325  0.0023  0.0236  67  PRO B N   
613 C CA  . PRO B 67 ? 0.2367 0.2228 0.1999 0.0393  -0.0015 0.0230  67  PRO B CA  
614 C C   . PRO B 67 ? 0.2822 0.2814 0.2433 0.0414  -0.0069 0.0203  67  PRO B C   
615 O O   . PRO B 67 ? 0.2535 0.2528 0.2092 0.0418  -0.0065 0.0209  67  PRO B O   
616 C CB  . PRO B 67 ? 0.3034 0.2784 0.2576 0.0473  0.0028  0.0297  67  PRO B CB  
617 C CG  . PRO B 67 ? 0.3009 0.2610 0.2569 0.0415  0.0094  0.0320  67  PRO B CG  
618 C CD  . PRO B 67 ? 0.2612 0.2275 0.2232 0.0336  0.0090  0.0293  67  PRO B CD  
619 N N   . LEU B 68 ? 0.2714 0.2824 0.2372 0.0420  -0.0117 0.0164  68  LEU B N   
620 C CA  . LEU B 68 ? 0.3535 0.3786 0.3188 0.0434  -0.0178 0.0125  68  LEU B CA  
621 C C   . LEU B 68 ? 0.4346 0.4661 0.3931 0.0547  -0.0198 0.0154  68  LEU B C   
622 O O   . LEU B 68 ? 0.5102 0.5452 0.4719 0.0597  -0.0196 0.0167  68  LEU B O   
623 C CB  . LEU B 68 ? 0.3360 0.3725 0.3123 0.0364  -0.0212 0.0068  68  LEU B CB  
624 C CG  . LEU B 68 ? 0.3956 0.4474 0.3740 0.0355  -0.0277 0.0013  68  LEU B CG  
625 C CD1 . LEU B 68 ? 0.3131 0.3587 0.2855 0.0321  -0.0289 -0.0015 68  LEU B CD1 
626 C CD2 . LEU B 68 ? 0.4170 0.4806 0.4080 0.0279  -0.0294 -0.0032 68  LEU B CD2 
627 N N   . GLU B 69 ? 0.3606 0.3934 0.3087 0.0602  -0.0215 0.0166  69  GLU B N   
628 C CA  . GLU B 69 ? 0.4433 0.4812 0.3819 0.0730  -0.0236 0.0206  69  GLU B CA  
629 C C   . GLU B 69 ? 0.4141 0.4749 0.3604 0.0755  -0.0318 0.0147  69  GLU B C   
630 O O   . GLU B 69 ? 0.5041 0.5711 0.4520 0.0841  -0.0326 0.0171  69  GLU B O   
631 C CB  . GLU B 69 ? 0.5654 0.5997 0.4886 0.0787  -0.0231 0.0236  69  GLU B CB  
632 C CG  . GLU B 69 ? 0.7025 0.7164 0.6175 0.0793  -0.0135 0.0320  69  GLU B CG  
633 C CD  . GLU B 69 ? 0.8185 0.8304 0.7220 0.0804  -0.0117 0.0328  69  GLU B CD  
634 O OE1 . GLU B 69 ? 0.8457 0.8471 0.7360 0.0872  -0.0053 0.0415  69  GLU B OE1 
635 O OE2 . GLU B 69 ? 0.8802 0.9002 0.7869 0.0748  -0.0161 0.0250  69  GLU B OE2 
# 
loop_
_pdbx_poly_seq_scheme.asym_id 
_pdbx_poly_seq_scheme.entity_id 
_pdbx_poly_seq_scheme.seq_id 
_pdbx_poly_seq_scheme.mon_id 
_pdbx_poly_seq_scheme.ndb_seq_num 
_pdbx_poly_seq_scheme.pdb_seq_num 
_pdbx_poly_seq_scheme.auth_seq_num 
_pdbx_poly_seq_scheme.pdb_mon_id 
_pdbx_poly_seq_scheme.auth_mon_id 
_pdbx_poly_seq_scheme.pdb_strand_id 
_pdbx_poly_seq_scheme.pdb_ins_code 
_pdbx_poly_seq_scheme.hetero 
A 1 1  ARG 1  140 140 ARG ARG A . n 
A 1 2  SER 2  141 141 SER SER A . n 
A 1 3  MLZ 3  142 142 MLZ MLZ A . n 
A 1 4  SER 4  143 143 SER SER A . n 
A 1 5  ASP 5  144 144 ASP ASP A . n 
A 1 6  GLY 6  145 145 GLY GLY A . n 
B 2 1  GLY 1  1   ?   ?   ?   B . n 
B 2 2  SER 2  2   ?   ?   ?   B . n 
B 2 3  HIS 3  3   3   HIS HIS B . n 
B 2 4  MET 4  4   4   MET MET B . n 
B 2 5  PRO 5  5   5   PRO PRO B . n 
B 2 6  PRO 6  6   6   PRO PRO B . n 
B 2 7  ASN 7  7   7   ASN ASN B . n 
B 2 8  ARG 8  8   8   ARG ARG B . n 
B 2 9  PRO 9  9   9   PRO PRO B . n 
B 2 10 GLY 10 10  10  GLY GLY B . n 
B 2 11 ILE 11 11  11  ILE ILE B . n 
B 2 12 THR 12 12  12  THR THR B . n 
B 2 13 PHE 13 13  13  PHE PHE B . n 
B 2 14 GLU 14 14  14  GLU GLU B . n 
B 2 15 ILE 15 15  15  ILE ILE B . n 
B 2 16 GLY 16 16  16  GLY GLY B . n 
B 2 17 ALA 17 17  17  ALA ALA B . n 
B 2 18 ARG 18 18  18  ARG ARG B . n 
B 2 19 LEU 19 19  19  LEU LEU B . n 
B 2 20 GLU 20 20  20  GLU GLU B . n 
B 2 21 ALA 21 21  21  ALA ALA B . n 
B 2 22 LEU 22 22  22  LEU LEU B . n 
B 2 23 ASP 23 23  23  ASP ASP B . n 
B 2 24 TYR 24 24  24  TYR TYR B . n 
B 2 25 LEU 25 25  25  LEU LEU B . n 
B 2 26 GLN 26 26  26  GLN GLN B . n 
B 2 27 LYS 27 27  27  LYS LYS B . n 
B 2 28 TRP 28 28  28  TRP TRP B . n 
B 2 29 TYR 29 29  29  TYR TYR B . n 
B 2 30 PRO 30 30  30  PRO PRO B . n 
B 2 31 SER 31 31  31  SER SER B . n 
B 2 32 ARG 32 32  32  ARG ARG B . n 
B 2 33 ILE 33 33  33  ILE ILE B . n 
B 2 34 GLU 34 34  34  GLU GLU B . n 
B 2 35 LYS 35 35  35  LYS LYS B . n 
B 2 36 ILE 36 36  36  ILE ILE B . n 
B 2 37 ASP 37 37  37  ASP ASP B . n 
B 2 38 TYR 38 38  38  TYR TYR B . n 
B 2 39 GLU 39 39  39  GLU GLU B . n 
B 2 40 GLU 40 40  40  GLU GLU B . n 
B 2 41 GLY 41 41  41  GLY GLY B . n 
B 2 42 LYS 42 42  42  LYS LYS B . n 
B 2 43 MET 43 43  43  MET MET B . n 
B 2 44 LEU 44 44  44  LEU LEU B . n 
B 2 45 VAL 45 45  45  VAL VAL B . n 
B 2 46 HIS 46 46  46  HIS HIS B . n 
B 2 47 PHE 47 47  47  PHE PHE B . n 
B 2 48 GLU 48 48  48  GLU GLU B . n 
B 2 49 ARG 49 49  49  ARG ARG B . n 
B 2 50 TRP 50 50  50  TRP TRP B . n 
B 2 51 SER 51 51  51  SER SER B . n 
B 2 52 HIS 52 52  52  HIS HIS B . n 
B 2 53 ARG 53 53  53  ARG ARG B . n 
B 2 54 TYR 54 54  54  TYR TYR B . n 
B 2 55 ASP 55 55  55  ASP ASP B . n 
B 2 56 GLU 56 56  56  GLU GLU B . n 
B 2 57 TRP 57 57  57  TRP TRP B . n 
B 2 58 ILE 58 58  58  ILE ILE B . n 
B 2 59 TYR 59 59  59  TYR TYR B . n 
B 2 60 TRP 60 60  60  TRP TRP B . n 
B 2 61 ASP 61 61  61  ASP ASP B . n 
B 2 62 SER 62 62  62  SER SER B . n 
B 2 63 ASN 63 63  63  ASN ASN B . n 
B 2 64 ARG 64 64  64  ARG ARG B . n 
B 2 65 LEU 65 65  65  LEU LEU B . n 
B 2 66 ARG 66 66  66  ARG ARG B . n 
B 2 67 PRO 67 67  67  PRO PRO B . n 
B 2 68 LEU 68 68  68  LEU LEU B . n 
B 2 69 GLU 69 69  69  GLU GLU B . n 
B 2 70 ARG 70 70  ?   ?   ?   B . n 
# 
loop_
_pdbx_nonpoly_scheme.asym_id 
_pdbx_nonpoly_scheme.entity_id 
_pdbx_nonpoly_scheme.mon_id 
_pdbx_nonpoly_scheme.ndb_seq_num 
_pdbx_nonpoly_scheme.pdb_seq_num 
_pdbx_nonpoly_scheme.auth_seq_num 
_pdbx_nonpoly_scheme.pdb_mon_id 
_pdbx_nonpoly_scheme.auth_mon_id 
_pdbx_nonpoly_scheme.pdb_strand_id 
_pdbx_nonpoly_scheme.pdb_ins_code 
C 3 HOH 1  101 22 HOH HOH B . 
C 3 HOH 2  102 29 HOH HOH B . 
C 3 HOH 3  103 3  HOH HOH B . 
C 3 HOH 4  104 2  HOH HOH B . 
C 3 HOH 5  105 26 HOH HOH B . 
C 3 HOH 6  106 24 HOH HOH B . 
C 3 HOH 7  107 19 HOH HOH B . 
C 3 HOH 8  108 8  HOH HOH B . 
C 3 HOH 9  109 32 HOH HOH B . 
C 3 HOH 10 110 20 HOH HOH B . 
C 3 HOH 11 111 34 HOH HOH B . 
C 3 HOH 12 112 11 HOH HOH B . 
C 3 HOH 13 113 6  HOH HOH B . 
C 3 HOH 14 114 4  HOH HOH B . 
C 3 HOH 15 115 25 HOH HOH B . 
C 3 HOH 16 116 21 HOH HOH B . 
C 3 HOH 17 117 5  HOH HOH B . 
C 3 HOH 18 118 1  HOH HOH B . 
C 3 HOH 19 119 18 HOH HOH B . 
C 3 HOH 20 120 15 HOH HOH B . 
C 3 HOH 21 121 30 HOH HOH B . 
C 3 HOH 22 122 16 HOH HOH B . 
C 3 HOH 23 123 12 HOH HOH B . 
C 3 HOH 24 124 28 HOH HOH B . 
C 3 HOH 25 125 7  HOH HOH B . 
C 3 HOH 26 126 17 HOH HOH B . 
C 3 HOH 27 127 27 HOH HOH B . 
C 3 HOH 28 128 9  HOH HOH B . 
C 3 HOH 29 129 36 HOH HOH B . 
C 3 HOH 30 130 33 HOH HOH B . 
C 3 HOH 31 131 35 HOH HOH B . 
C 3 HOH 32 132 23 HOH HOH B . 
# 
_pdbx_struct_mod_residue.id               1 
_pdbx_struct_mod_residue.label_asym_id    A 
_pdbx_struct_mod_residue.label_comp_id    MLZ 
_pdbx_struct_mod_residue.label_seq_id     3 
_pdbx_struct_mod_residue.auth_asym_id     A 
_pdbx_struct_mod_residue.auth_comp_id     MLZ 
_pdbx_struct_mod_residue.auth_seq_id      142 
_pdbx_struct_mod_residue.PDB_ins_code     ? 
_pdbx_struct_mod_residue.parent_comp_id   LYS 
_pdbx_struct_mod_residue.details          'modified residue' 
# 
_pdbx_struct_assembly.id                   1 
_pdbx_struct_assembly.details              author_defined_assembly 
_pdbx_struct_assembly.method_details       ? 
_pdbx_struct_assembly.oligomeric_details   dimeric 
_pdbx_struct_assembly.oligomeric_count     2 
# 
_pdbx_struct_assembly_gen.assembly_id       1 
_pdbx_struct_assembly_gen.oper_expression   1 
_pdbx_struct_assembly_gen.asym_id_list      A,B,C 
# 
loop_
_pdbx_struct_assembly_prop.biol_id 
_pdbx_struct_assembly_prop.type 
_pdbx_struct_assembly_prop.value 
_pdbx_struct_assembly_prop.details 
1 'ABSA (A^2)' 640  ? 
1 MORE         -2   ? 
1 'SSA (A^2)'  5030 ? 
# 
_pdbx_struct_oper_list.id                   1 
_pdbx_struct_oper_list.type                 'identity operation' 
_pdbx_struct_oper_list.name                 1_555 
_pdbx_struct_oper_list.symmetry_operation   x,y,z 
_pdbx_struct_oper_list.matrix[1][1]         1.0000000000 
_pdbx_struct_oper_list.matrix[1][2]         0.0000000000 
_pdbx_struct_oper_list.matrix[1][3]         0.0000000000 
_pdbx_struct_oper_list.vector[1]            0.0000000000 
_pdbx_struct_oper_list.matrix[2][1]         0.0000000000 
_pdbx_struct_oper_list.matrix[2][2]         1.0000000000 
_pdbx_struct_oper_list.matrix[2][3]         0.0000000000 
_pdbx_struct_oper_list.vector[2]            0.0000000000 
_pdbx_struct_oper_list.matrix[3][1]         0.0000000000 
_pdbx_struct_oper_list.matrix[3][2]         0.0000000000 
_pdbx_struct_oper_list.matrix[3][3]         1.0000000000 
_pdbx_struct_oper_list.vector[3]            0.0000000000 
# 
loop_
_pdbx_audit_revision_history.ordinal 
_pdbx_audit_revision_history.data_content_type 
_pdbx_audit_revision_history.major_revision 
_pdbx_audit_revision_history.minor_revision 
_pdbx_audit_revision_history.revision_date 
1 'Structure model' 1 0 2020-09-23 
2 'Structure model' 1 1 2020-09-30 
3 'Structure model' 1 2 2023-11-22 
# 
_pdbx_audit_revision_details.ordinal             1 
_pdbx_audit_revision_details.revision_ordinal    1 
_pdbx_audit_revision_details.data_content_type   'Structure model' 
_pdbx_audit_revision_details.provider            repository 
_pdbx_audit_revision_details.type                'Initial release' 
_pdbx_audit_revision_details.description         ? 
_pdbx_audit_revision_details.details             ? 
# 
loop_
_pdbx_audit_revision_group.ordinal 
_pdbx_audit_revision_group.revision_ordinal 
_pdbx_audit_revision_group.data_content_type 
_pdbx_audit_revision_group.group 
1 2 'Structure model' 'Database references'    
2 3 'Structure model' 'Data collection'        
3 3 'Structure model' 'Database references'    
4 3 'Structure model' 'Refinement description' 
# 
loop_
_pdbx_audit_revision_category.ordinal 
_pdbx_audit_revision_category.revision_ordinal 
_pdbx_audit_revision_category.data_content_type 
_pdbx_audit_revision_category.category 
1 2 'Structure model' citation                      
2 2 'Structure model' citation_author               
3 3 'Structure model' chem_comp_atom                
4 3 'Structure model' chem_comp_bond                
5 3 'Structure model' database_2                    
6 3 'Structure model' pdbx_initial_refinement_model 
# 
loop_
_pdbx_audit_revision_item.ordinal 
_pdbx_audit_revision_item.revision_ordinal 
_pdbx_audit_revision_item.data_content_type 
_pdbx_audit_revision_item.item 
1 2 'Structure model' '_citation.journal_volume'            
2 2 'Structure model' '_citation_author.identifier_ORCID'   
3 3 'Structure model' '_database_2.pdbx_DOI'                
4 3 'Structure model' '_database_2.pdbx_database_accession' 
# 
loop_
_pdbx_refine_tls.id 
_pdbx_refine_tls.pdbx_refine_id 
_pdbx_refine_tls.details 
_pdbx_refine_tls.method 
_pdbx_refine_tls.origin_x 
_pdbx_refine_tls.origin_y 
_pdbx_refine_tls.origin_z 
_pdbx_refine_tls.T[1][1] 
_pdbx_refine_tls.T[1][1]_esd 
_pdbx_refine_tls.T[1][2] 
_pdbx_refine_tls.T[1][2]_esd 
_pdbx_refine_tls.T[1][3] 
_pdbx_refine_tls.T[1][3]_esd 
_pdbx_refine_tls.T[2][2] 
_pdbx_refine_tls.T[2][2]_esd 
_pdbx_refine_tls.T[2][3] 
_pdbx_refine_tls.T[2][3]_esd 
_pdbx_refine_tls.T[3][3] 
_pdbx_refine_tls.T[3][3]_esd 
_pdbx_refine_tls.L[1][1] 
_pdbx_refine_tls.L[1][1]_esd 
_pdbx_refine_tls.L[1][2] 
_pdbx_refine_tls.L[1][2]_esd 
_pdbx_refine_tls.L[1][3] 
_pdbx_refine_tls.L[1][3]_esd 
_pdbx_refine_tls.L[2][2] 
_pdbx_refine_tls.L[2][2]_esd 
_pdbx_refine_tls.L[2][3] 
_pdbx_refine_tls.L[2][3]_esd 
_pdbx_refine_tls.L[3][3] 
_pdbx_refine_tls.L[3][3]_esd 
_pdbx_refine_tls.S[1][1] 
_pdbx_refine_tls.S[1][1]_esd 
_pdbx_refine_tls.S[1][2] 
_pdbx_refine_tls.S[1][2]_esd 
_pdbx_refine_tls.S[1][3] 
_pdbx_refine_tls.S[1][3]_esd 
_pdbx_refine_tls.S[2][1] 
_pdbx_refine_tls.S[2][1]_esd 
_pdbx_refine_tls.S[2][2] 
_pdbx_refine_tls.S[2][2]_esd 
_pdbx_refine_tls.S[2][3] 
_pdbx_refine_tls.S[2][3]_esd 
_pdbx_refine_tls.S[3][1] 
_pdbx_refine_tls.S[3][1]_esd 
_pdbx_refine_tls.S[3][2] 
_pdbx_refine_tls.S[3][2]_esd 
_pdbx_refine_tls.S[3][3] 
_pdbx_refine_tls.S[3][3]_esd 
1 'X-RAY DIFFRACTION' ? refined 3.3732  -17.5002 -5.3660 0.3515 ? 0.0341 ? 0.0341  ? 0.3000 ? -0.0335 ? 0.3707 ? 0.1302 ? 0.0459  ? -0.5012 ? 5.4821 ? -0.3645 ? 2.6998 ? -0.1781 ? 0.3068  ? -0.8104 ? -0.4369 ? -0.3477 ? 0.3621 ? 0.6196 ? 0.1871  ? 0.1426  ? 
2 'X-RAY DIFFRACTION' ? refined -0.1474 0.8399   0.2622  0.1435 ? 0.0028 ? -0.0121 ? 0.1421 ? 0.0057  ? 0.1325 ? 1.5609 ? -0.5703 ? -0.3065 ? 1.3321 ? 0.2080  ? 2.1542 ? 0.0311  ? -0.0356 ? 0.0030  ? 0.0389  ? -0.0065 ? 0.0052 ? 0.0423 ? -0.0547 ? -0.0070 ? 
# 
loop_
_pdbx_refine_tls_group.id 
_pdbx_refine_tls_group.pdbx_refine_id 
_pdbx_refine_tls_group.refine_tls_id 
_pdbx_refine_tls_group.beg_label_asym_id 
_pdbx_refine_tls_group.beg_label_seq_id 
_pdbx_refine_tls_group.beg_auth_asym_id 
_pdbx_refine_tls_group.beg_auth_seq_id 
_pdbx_refine_tls_group.end_label_asym_id 
_pdbx_refine_tls_group.end_label_seq_id 
_pdbx_refine_tls_group.end_auth_asym_id 
_pdbx_refine_tls_group.end_auth_seq_id 
_pdbx_refine_tls_group.selection 
_pdbx_refine_tls_group.selection_details 
1 'X-RAY DIFFRACTION' 1 ? ? A 140 ? ? A 145 ? 
;(chain 'A' and resid 140 through 145)
;
2 'X-RAY DIFFRACTION' 2 ? ? B 3   ? ? B 69  ? 
;(chain 'B' and resid 3 through 69)
;
# 
loop_
_software.citation_id 
_software.classification 
_software.compiler_name 
_software.compiler_version 
_software.contact_author 
_software.contact_author_email 
_software.date 
_software.description 
_software.dependencies 
_software.hardware 
_software.language 
_software.location 
_software.mods 
_software.name 
_software.os 
_software.os_version 
_software.type 
_software.version 
_software.pdbx_ordinal 
? refinement        ? ? ? ? ? ? ? ? ? ? ? PHENIX      ? ? ? 1.16_3549 1 
? 'data scaling'    ? ? ? ? ? ? ? ? ? ? ? SCALA       ? ? ? .         2 
? 'data extraction' ? ? ? ? ? ? ? ? ? ? ? PDB_EXTRACT ? ? ? 3.25      3 
? 'data reduction'  ? ? ? ? ? ? ? ? ? ? ? HKL-2000    ? ? ? .         4 
? phasing           ? ? ? ? ? ? ? ? ? ? ? PHASER      ? ? ? .         5 
# 
_pdbx_entry_details.entry_id                 6L1F 
_pdbx_entry_details.has_ligand_of_interest   Y 
_pdbx_entry_details.compound_details         ? 
_pdbx_entry_details.source_details           ? 
_pdbx_entry_details.nonpolymer_details       ? 
_pdbx_entry_details.sequence_details         ? 
# 
loop_
_pdbx_unobs_or_zero_occ_atoms.id 
_pdbx_unobs_or_zero_occ_atoms.PDB_model_num 
_pdbx_unobs_or_zero_occ_atoms.polymer_flag 
_pdbx_unobs_or_zero_occ_atoms.occupancy_flag 
_pdbx_unobs_or_zero_occ_atoms.auth_asym_id 
_pdbx_unobs_or_zero_occ_atoms.auth_comp_id 
_pdbx_unobs_or_zero_occ_atoms.auth_seq_id 
_pdbx_unobs_or_zero_occ_atoms.PDB_ins_code 
_pdbx_unobs_or_zero_occ_atoms.auth_atom_id 
_pdbx_unobs_or_zero_occ_atoms.label_alt_id 
_pdbx_unobs_or_zero_occ_atoms.label_asym_id 
_pdbx_unobs_or_zero_occ_atoms.label_comp_id 
_pdbx_unobs_or_zero_occ_atoms.label_seq_id 
_pdbx_unobs_or_zero_occ_atoms.label_atom_id 
1 1 Y 1 B GLU 39 ? CG  ? B GLU 39 CG  
2 1 Y 1 B GLU 39 ? CD  ? B GLU 39 CD  
3 1 Y 1 B GLU 39 ? OE1 ? B GLU 39 OE1 
4 1 Y 1 B GLU 39 ? OE2 ? B GLU 39 OE2 
# 
loop_
_pdbx_unobs_or_zero_occ_residues.id 
_pdbx_unobs_or_zero_occ_residues.PDB_model_num 
_pdbx_unobs_or_zero_occ_residues.polymer_flag 
_pdbx_unobs_or_zero_occ_residues.occupancy_flag 
_pdbx_unobs_or_zero_occ_residues.auth_asym_id 
_pdbx_unobs_or_zero_occ_residues.auth_comp_id 
_pdbx_unobs_or_zero_occ_residues.auth_seq_id 
_pdbx_unobs_or_zero_occ_residues.PDB_ins_code 
_pdbx_unobs_or_zero_occ_residues.label_asym_id 
_pdbx_unobs_or_zero_occ_residues.label_comp_id 
_pdbx_unobs_or_zero_occ_residues.label_seq_id 
1 1 Y 1 B GLY 1  ? B GLY 1  
2 1 Y 1 B SER 2  ? B SER 2  
3 1 Y 1 B ARG 70 ? B ARG 70 
# 
loop_
_chem_comp_atom.comp_id 
_chem_comp_atom.atom_id 
_chem_comp_atom.type_symbol 
_chem_comp_atom.pdbx_aromatic_flag 
_chem_comp_atom.pdbx_stereo_config 
_chem_comp_atom.pdbx_ordinal 
ALA N    N N N 1   
ALA CA   C N S 2   
ALA C    C N N 3   
ALA O    O N N 4   
ALA CB   C N N 5   
ALA OXT  O N N 6   
ALA H    H N N 7   
ALA H2   H N N 8   
ALA HA   H N N 9   
ALA HB1  H N N 10  
ALA HB2  H N N 11  
ALA HB3  H N N 12  
ALA HXT  H N N 13  
ARG N    N N N 14  
ARG CA   C N S 15  
ARG C    C N N 16  
ARG O    O N N 17  
ARG CB   C N N 18  
ARG CG   C N N 19  
ARG CD   C N N 20  
ARG NE   N N N 21  
ARG CZ   C N N 22  
ARG NH1  N N N 23  
ARG NH2  N N N 24  
ARG OXT  O N N 25  
ARG H    H N N 26  
ARG H2   H N N 27  
ARG HA   H N N 28  
ARG HB2  H N N 29  
ARG HB3  H N N 30  
ARG HG2  H N N 31  
ARG HG3  H N N 32  
ARG HD2  H N N 33  
ARG HD3  H N N 34  
ARG HE   H N N 35  
ARG HH11 H N N 36  
ARG HH12 H N N 37  
ARG HH21 H N N 38  
ARG HH22 H N N 39  
ARG HXT  H N N 40  
ASN N    N N N 41  
ASN CA   C N S 42  
ASN C    C N N 43  
ASN O    O N N 44  
ASN CB   C N N 45  
ASN CG   C N N 46  
ASN OD1  O N N 47  
ASN ND2  N N N 48  
ASN OXT  O N N 49  
ASN H    H N N 50  
ASN H2   H N N 51  
ASN HA   H N N 52  
ASN HB2  H N N 53  
ASN HB3  H N N 54  
ASN HD21 H N N 55  
ASN HD22 H N N 56  
ASN HXT  H N N 57  
ASP N    N N N 58  
ASP CA   C N S 59  
ASP C    C N N 60  
ASP O    O N N 61  
ASP CB   C N N 62  
ASP CG   C N N 63  
ASP OD1  O N N 64  
ASP OD2  O N N 65  
ASP OXT  O N N 66  
ASP H    H N N 67  
ASP H2   H N N 68  
ASP HA   H N N 69  
ASP HB2  H N N 70  
ASP HB3  H N N 71  
ASP HD2  H N N 72  
ASP HXT  H N N 73  
GLN N    N N N 74  
GLN CA   C N S 75  
GLN C    C N N 76  
GLN O    O N N 77  
GLN CB   C N N 78  
GLN CG   C N N 79  
GLN CD   C N N 80  
GLN OE1  O N N 81  
GLN NE2  N N N 82  
GLN OXT  O N N 83  
GLN H    H N N 84  
GLN H2   H N N 85  
GLN HA   H N N 86  
GLN HB2  H N N 87  
GLN HB3  H N N 88  
GLN HG2  H N N 89  
GLN HG3  H N N 90  
GLN HE21 H N N 91  
GLN HE22 H N N 92  
GLN HXT  H N N 93  
GLU N    N N N 94  
GLU CA   C N S 95  
GLU C    C N N 96  
GLU O    O N N 97  
GLU CB   C N N 98  
GLU CG   C N N 99  
GLU CD   C N N 100 
GLU OE1  O N N 101 
GLU OE2  O N N 102 
GLU OXT  O N N 103 
GLU H    H N N 104 
GLU H2   H N N 105 
GLU HA   H N N 106 
GLU HB2  H N N 107 
GLU HB3  H N N 108 
GLU HG2  H N N 109 
GLU HG3  H N N 110 
GLU HE2  H N N 111 
GLU HXT  H N N 112 
GLY N    N N N 113 
GLY CA   C N N 114 
GLY C    C N N 115 
GLY O    O N N 116 
GLY OXT  O N N 117 
GLY H    H N N 118 
GLY H2   H N N 119 
GLY HA2  H N N 120 
GLY HA3  H N N 121 
GLY HXT  H N N 122 
HIS N    N N N 123 
HIS CA   C N S 124 
HIS C    C N N 125 
HIS O    O N N 126 
HIS CB   C N N 127 
HIS CG   C Y N 128 
HIS ND1  N Y N 129 
HIS CD2  C Y N 130 
HIS CE1  C Y N 131 
HIS NE2  N Y N 132 
HIS OXT  O N N 133 
HIS H    H N N 134 
HIS H2   H N N 135 
HIS HA   H N N 136 
HIS HB2  H N N 137 
HIS HB3  H N N 138 
HIS HD1  H N N 139 
HIS HD2  H N N 140 
HIS HE1  H N N 141 
HIS HE2  H N N 142 
HIS HXT  H N N 143 
HOH O    O N N 144 
HOH H1   H N N 145 
HOH H2   H N N 146 
ILE N    N N N 147 
ILE CA   C N S 148 
ILE C    C N N 149 
ILE O    O N N 150 
ILE CB   C N S 151 
ILE CG1  C N N 152 
ILE CG2  C N N 153 
ILE CD1  C N N 154 
ILE OXT  O N N 155 
ILE H    H N N 156 
ILE H2   H N N 157 
ILE HA   H N N 158 
ILE HB   H N N 159 
ILE HG12 H N N 160 
ILE HG13 H N N 161 
ILE HG21 H N N 162 
ILE HG22 H N N 163 
ILE HG23 H N N 164 
ILE HD11 H N N 165 
ILE HD12 H N N 166 
ILE HD13 H N N 167 
ILE HXT  H N N 168 
LEU N    N N N 169 
LEU CA   C N S 170 
LEU C    C N N 171 
LEU O    O N N 172 
LEU CB   C N N 173 
LEU CG   C N N 174 
LEU CD1  C N N 175 
LEU CD2  C N N 176 
LEU OXT  O N N 177 
LEU H    H N N 178 
LEU H2   H N N 179 
LEU HA   H N N 180 
LEU HB2  H N N 181 
LEU HB3  H N N 182 
LEU HG   H N N 183 
LEU HD11 H N N 184 
LEU HD12 H N N 185 
LEU HD13 H N N 186 
LEU HD21 H N N 187 
LEU HD22 H N N 188 
LEU HD23 H N N 189 
LEU HXT  H N N 190 
LYS N    N N N 191 
LYS CA   C N S 192 
LYS C    C N N 193 
LYS O    O N N 194 
LYS CB   C N N 195 
LYS CG   C N N 196 
LYS CD   C N N 197 
LYS CE   C N N 198 
LYS NZ   N N N 199 
LYS OXT  O N N 200 
LYS H    H N N 201 
LYS H2   H N N 202 
LYS HA   H N N 203 
LYS HB2  H N N 204 
LYS HB3  H N N 205 
LYS HG2  H N N 206 
LYS HG3  H N N 207 
LYS HD2  H N N 208 
LYS HD3  H N N 209 
LYS HE2  H N N 210 
LYS HE3  H N N 211 
LYS HZ1  H N N 212 
LYS HZ2  H N N 213 
LYS HZ3  H N N 214 
LYS HXT  H N N 215 
MET N    N N N 216 
MET CA   C N S 217 
MET C    C N N 218 
MET O    O N N 219 
MET CB   C N N 220 
MET CG   C N N 221 
MET SD   S N N 222 
MET CE   C N N 223 
MET OXT  O N N 224 
MET H    H N N 225 
MET H2   H N N 226 
MET HA   H N N 227 
MET HB2  H N N 228 
MET HB3  H N N 229 
MET HG2  H N N 230 
MET HG3  H N N 231 
MET HE1  H N N 232 
MET HE2  H N N 233 
MET HE3  H N N 234 
MET HXT  H N N 235 
MLZ N    N N N 236 
MLZ CA   C N S 237 
MLZ CB   C N N 238 
MLZ CG   C N N 239 
MLZ CD   C N N 240 
MLZ CE   C N N 241 
MLZ NZ   N N N 242 
MLZ CM   C N N 243 
MLZ C    C N N 244 
MLZ O    O N N 245 
MLZ OXT  O N N 246 
MLZ H    H N N 247 
MLZ H2   H N N 248 
MLZ HA   H N N 249 
MLZ HB2  H N N 250 
MLZ HB3  H N N 251 
MLZ HG2  H N N 252 
MLZ HG3  H N N 253 
MLZ HD2  H N N 254 
MLZ HD3  H N N 255 
MLZ HE2  H N N 256 
MLZ HE3  H N N 257 
MLZ HZ   H N N 258 
MLZ HCM1 H N N 259 
MLZ HCM2 H N N 260 
MLZ HCM3 H N N 261 
MLZ HXT  H N N 262 
PHE N    N N N 263 
PHE CA   C N S 264 
PHE C    C N N 265 
PHE O    O N N 266 
PHE CB   C N N 267 
PHE CG   C Y N 268 
PHE CD1  C Y N 269 
PHE CD2  C Y N 270 
PHE CE1  C Y N 271 
PHE CE2  C Y N 272 
PHE CZ   C Y N 273 
PHE OXT  O N N 274 
PHE H    H N N 275 
PHE H2   H N N 276 
PHE HA   H N N 277 
PHE HB2  H N N 278 
PHE HB3  H N N 279 
PHE HD1  H N N 280 
PHE HD2  H N N 281 
PHE HE1  H N N 282 
PHE HE2  H N N 283 
PHE HZ   H N N 284 
PHE HXT  H N N 285 
PRO N    N N N 286 
PRO CA   C N S 287 
PRO C    C N N 288 
PRO O    O N N 289 
PRO CB   C N N 290 
PRO CG   C N N 291 
PRO CD   C N N 292 
PRO OXT  O N N 293 
PRO H    H N N 294 
PRO HA   H N N 295 
PRO HB2  H N N 296 
PRO HB3  H N N 297 
PRO HG2  H N N 298 
PRO HG3  H N N 299 
PRO HD2  H N N 300 
PRO HD3  H N N 301 
PRO HXT  H N N 302 
SER N    N N N 303 
SER CA   C N S 304 
SER C    C N N 305 
SER O    O N N 306 
SER CB   C N N 307 
SER OG   O N N 308 
SER OXT  O N N 309 
SER H    H N N 310 
SER H2   H N N 311 
SER HA   H N N 312 
SER HB2  H N N 313 
SER HB3  H N N 314 
SER HG   H N N 315 
SER HXT  H N N 316 
THR N    N N N 317 
THR CA   C N S 318 
THR C    C N N 319 
THR O    O N N 320 
THR CB   C N R 321 
THR OG1  O N N 322 
THR CG2  C N N 323 
THR OXT  O N N 324 
THR H    H N N 325 
THR H2   H N N 326 
THR HA   H N N 327 
THR HB   H N N 328 
THR HG1  H N N 329 
THR HG21 H N N 330 
THR HG22 H N N 331 
THR HG23 H N N 332 
THR HXT  H N N 333 
TRP N    N N N 334 
TRP CA   C N S 335 
TRP C    C N N 336 
TRP O    O N N 337 
TRP CB   C N N 338 
TRP CG   C Y N 339 
TRP CD1  C Y N 340 
TRP CD2  C Y N 341 
TRP NE1  N Y N 342 
TRP CE2  C Y N 343 
TRP CE3  C Y N 344 
TRP CZ2  C Y N 345 
TRP CZ3  C Y N 346 
TRP CH2  C Y N 347 
TRP OXT  O N N 348 
TRP H    H N N 349 
TRP H2   H N N 350 
TRP HA   H N N 351 
TRP HB2  H N N 352 
TRP HB3  H N N 353 
TRP HD1  H N N 354 
TRP HE1  H N N 355 
TRP HE3  H N N 356 
TRP HZ2  H N N 357 
TRP HZ3  H N N 358 
TRP HH2  H N N 359 
TRP HXT  H N N 360 
TYR N    N N N 361 
TYR CA   C N S 362 
TYR C    C N N 363 
TYR O    O N N 364 
TYR CB   C N N 365 
TYR CG   C Y N 366 
TYR CD1  C Y N 367 
TYR CD2  C Y N 368 
TYR CE1  C Y N 369 
TYR CE2  C Y N 370 
TYR CZ   C Y N 371 
TYR OH   O N N 372 
TYR OXT  O N N 373 
TYR H    H N N 374 
TYR H2   H N N 375 
TYR HA   H N N 376 
TYR HB2  H N N 377 
TYR HB3  H N N 378 
TYR HD1  H N N 379 
TYR HD2  H N N 380 
TYR HE1  H N N 381 
TYR HE2  H N N 382 
TYR HH   H N N 383 
TYR HXT  H N N 384 
VAL N    N N N 385 
VAL CA   C N S 386 
VAL C    C N N 387 
VAL O    O N N 388 
VAL CB   C N N 389 
VAL CG1  C N N 390 
VAL CG2  C N N 391 
VAL OXT  O N N 392 
VAL H    H N N 393 
VAL H2   H N N 394 
VAL HA   H N N 395 
VAL HB   H N N 396 
VAL HG11 H N N 397 
VAL HG12 H N N 398 
VAL HG13 H N N 399 
VAL HG21 H N N 400 
VAL HG22 H N N 401 
VAL HG23 H N N 402 
VAL HXT  H N N 403 
# 
loop_
_chem_comp_bond.comp_id 
_chem_comp_bond.atom_id_1 
_chem_comp_bond.atom_id_2 
_chem_comp_bond.value_order 
_chem_comp_bond.pdbx_aromatic_flag 
_chem_comp_bond.pdbx_stereo_config 
_chem_comp_bond.pdbx_ordinal 
ALA N   CA   sing N N 1   
ALA N   H    sing N N 2   
ALA N   H2   sing N N 3   
ALA CA  C    sing N N 4   
ALA CA  CB   sing N N 5   
ALA CA  HA   sing N N 6   
ALA C   O    doub N N 7   
ALA C   OXT  sing N N 8   
ALA CB  HB1  sing N N 9   
ALA CB  HB2  sing N N 10  
ALA CB  HB3  sing N N 11  
ALA OXT HXT  sing N N 12  
ARG N   CA   sing N N 13  
ARG N   H    sing N N 14  
ARG N   H2   sing N N 15  
ARG CA  C    sing N N 16  
ARG CA  CB   sing N N 17  
ARG CA  HA   sing N N 18  
ARG C   O    doub N N 19  
ARG C   OXT  sing N N 20  
ARG CB  CG   sing N N 21  
ARG CB  HB2  sing N N 22  
ARG CB  HB3  sing N N 23  
ARG CG  CD   sing N N 24  
ARG CG  HG2  sing N N 25  
ARG CG  HG3  sing N N 26  
ARG CD  NE   sing N N 27  
ARG CD  HD2  sing N N 28  
ARG CD  HD3  sing N N 29  
ARG NE  CZ   sing N N 30  
ARG NE  HE   sing N N 31  
ARG CZ  NH1  sing N N 32  
ARG CZ  NH2  doub N N 33  
ARG NH1 HH11 sing N N 34  
ARG NH1 HH12 sing N N 35  
ARG NH2 HH21 sing N N 36  
ARG NH2 HH22 sing N N 37  
ARG OXT HXT  sing N N 38  
ASN N   CA   sing N N 39  
ASN N   H    sing N N 40  
ASN N   H2   sing N N 41  
ASN CA  C    sing N N 42  
ASN CA  CB   sing N N 43  
ASN CA  HA   sing N N 44  
ASN C   O    doub N N 45  
ASN C   OXT  sing N N 46  
ASN CB  CG   sing N N 47  
ASN CB  HB2  sing N N 48  
ASN CB  HB3  sing N N 49  
ASN CG  OD1  doub N N 50  
ASN CG  ND2  sing N N 51  
ASN ND2 HD21 sing N N 52  
ASN ND2 HD22 sing N N 53  
ASN OXT HXT  sing N N 54  
ASP N   CA   sing N N 55  
ASP N   H    sing N N 56  
ASP N   H2   sing N N 57  
ASP CA  C    sing N N 58  
ASP CA  CB   sing N N 59  
ASP CA  HA   sing N N 60  
ASP C   O    doub N N 61  
ASP C   OXT  sing N N 62  
ASP CB  CG   sing N N 63  
ASP CB  HB2  sing N N 64  
ASP CB  HB3  sing N N 65  
ASP CG  OD1  doub N N 66  
ASP CG  OD2  sing N N 67  
ASP OD2 HD2  sing N N 68  
ASP OXT HXT  sing N N 69  
GLN N   CA   sing N N 70  
GLN N   H    sing N N 71  
GLN N   H2   sing N N 72  
GLN CA  C    sing N N 73  
GLN CA  CB   sing N N 74  
GLN CA  HA   sing N N 75  
GLN C   O    doub N N 76  
GLN C   OXT  sing N N 77  
GLN CB  CG   sing N N 78  
GLN CB  HB2  sing N N 79  
GLN CB  HB3  sing N N 80  
GLN CG  CD   sing N N 81  
GLN CG  HG2  sing N N 82  
GLN CG  HG3  sing N N 83  
GLN CD  OE1  doub N N 84  
GLN CD  NE2  sing N N 85  
GLN NE2 HE21 sing N N 86  
GLN NE2 HE22 sing N N 87  
GLN OXT HXT  sing N N 88  
GLU N   CA   sing N N 89  
GLU N   H    sing N N 90  
GLU N   H2   sing N N 91  
GLU CA  C    sing N N 92  
GLU CA  CB   sing N N 93  
GLU CA  HA   sing N N 94  
GLU C   O    doub N N 95  
GLU C   OXT  sing N N 96  
GLU CB  CG   sing N N 97  
GLU CB  HB2  sing N N 98  
GLU CB  HB3  sing N N 99  
GLU CG  CD   sing N N 100 
GLU CG  HG2  sing N N 101 
GLU CG  HG3  sing N N 102 
GLU CD  OE1  doub N N 103 
GLU CD  OE2  sing N N 104 
GLU OE2 HE2  sing N N 105 
GLU OXT HXT  sing N N 106 
GLY N   CA   sing N N 107 
GLY N   H    sing N N 108 
GLY N   H2   sing N N 109 
GLY CA  C    sing N N 110 
GLY CA  HA2  sing N N 111 
GLY CA  HA3  sing N N 112 
GLY C   O    doub N N 113 
GLY C   OXT  sing N N 114 
GLY OXT HXT  sing N N 115 
HIS N   CA   sing N N 116 
HIS N   H    sing N N 117 
HIS N   H2   sing N N 118 
HIS CA  C    sing N N 119 
HIS CA  CB   sing N N 120 
HIS CA  HA   sing N N 121 
HIS C   O    doub N N 122 
HIS C   OXT  sing N N 123 
HIS CB  CG   sing N N 124 
HIS CB  HB2  sing N N 125 
HIS CB  HB3  sing N N 126 
HIS CG  ND1  sing Y N 127 
HIS CG  CD2  doub Y N 128 
HIS ND1 CE1  doub Y N 129 
HIS ND1 HD1  sing N N 130 
HIS CD2 NE2  sing Y N 131 
HIS CD2 HD2  sing N N 132 
HIS CE1 NE2  sing Y N 133 
HIS CE1 HE1  sing N N 134 
HIS NE2 HE2  sing N N 135 
HIS OXT HXT  sing N N 136 
HOH O   H1   sing N N 137 
HOH O   H2   sing N N 138 
ILE N   CA   sing N N 139 
ILE N   H    sing N N 140 
ILE N   H2   sing N N 141 
ILE CA  C    sing N N 142 
ILE CA  CB   sing N N 143 
ILE CA  HA   sing N N 144 
ILE C   O    doub N N 145 
ILE C   OXT  sing N N 146 
ILE CB  CG1  sing N N 147 
ILE CB  CG2  sing N N 148 
ILE CB  HB   sing N N 149 
ILE CG1 CD1  sing N N 150 
ILE CG1 HG12 sing N N 151 
ILE CG1 HG13 sing N N 152 
ILE CG2 HG21 sing N N 153 
ILE CG2 HG22 sing N N 154 
ILE CG2 HG23 sing N N 155 
ILE CD1 HD11 sing N N 156 
ILE CD1 HD12 sing N N 157 
ILE CD1 HD13 sing N N 158 
ILE OXT HXT  sing N N 159 
LEU N   CA   sing N N 160 
LEU N   H    sing N N 161 
LEU N   H2   sing N N 162 
LEU CA  C    sing N N 163 
LEU CA  CB   sing N N 164 
LEU CA  HA   sing N N 165 
LEU C   O    doub N N 166 
LEU C   OXT  sing N N 167 
LEU CB  CG   sing N N 168 
LEU CB  HB2  sing N N 169 
LEU CB  HB3  sing N N 170 
LEU CG  CD1  sing N N 171 
LEU CG  CD2  sing N N 172 
LEU CG  HG   sing N N 173 
LEU CD1 HD11 sing N N 174 
LEU CD1 HD12 sing N N 175 
LEU CD1 HD13 sing N N 176 
LEU CD2 HD21 sing N N 177 
LEU CD2 HD22 sing N N 178 
LEU CD2 HD23 sing N N 179 
LEU OXT HXT  sing N N 180 
LYS N   CA   sing N N 181 
LYS N   H    sing N N 182 
LYS N   H2   sing N N 183 
LYS CA  C    sing N N 184 
LYS CA  CB   sing N N 185 
LYS CA  HA   sing N N 186 
LYS C   O    doub N N 187 
LYS C   OXT  sing N N 188 
LYS CB  CG   sing N N 189 
LYS CB  HB2  sing N N 190 
LYS CB  HB3  sing N N 191 
LYS CG  CD   sing N N 192 
LYS CG  HG2  sing N N 193 
LYS CG  HG3  sing N N 194 
LYS CD  CE   sing N N 195 
LYS CD  HD2  sing N N 196 
LYS CD  HD3  sing N N 197 
LYS CE  NZ   sing N N 198 
LYS CE  HE2  sing N N 199 
LYS CE  HE3  sing N N 200 
LYS NZ  HZ1  sing N N 201 
LYS NZ  HZ2  sing N N 202 
LYS NZ  HZ3  sing N N 203 
LYS OXT HXT  sing N N 204 
MET N   CA   sing N N 205 
MET N   H    sing N N 206 
MET N   H2   sing N N 207 
MET CA  C    sing N N 208 
MET CA  CB   sing N N 209 
MET CA  HA   sing N N 210 
MET C   O    doub N N 211 
MET C   OXT  sing N N 212 
MET CB  CG   sing N N 213 
MET CB  HB2  sing N N 214 
MET CB  HB3  sing N N 215 
MET CG  SD   sing N N 216 
MET CG  HG2  sing N N 217 
MET CG  HG3  sing N N 218 
MET SD  CE   sing N N 219 
MET CE  HE1  sing N N 220 
MET CE  HE2  sing N N 221 
MET CE  HE3  sing N N 222 
MET OXT HXT  sing N N 223 
MLZ N   CA   sing N N 224 
MLZ N   H    sing N N 225 
MLZ N   H2   sing N N 226 
MLZ CA  CB   sing N N 227 
MLZ CA  C    sing N N 228 
MLZ CA  HA   sing N N 229 
MLZ CB  CG   sing N N 230 
MLZ CB  HB2  sing N N 231 
MLZ CB  HB3  sing N N 232 
MLZ CG  CD   sing N N 233 
MLZ CG  HG2  sing N N 234 
MLZ CG  HG3  sing N N 235 
MLZ CD  CE   sing N N 236 
MLZ CD  HD2  sing N N 237 
MLZ CD  HD3  sing N N 238 
MLZ CE  NZ   sing N N 239 
MLZ CE  HE2  sing N N 240 
MLZ CE  HE3  sing N N 241 
MLZ NZ  CM   sing N N 242 
MLZ NZ  HZ   sing N N 243 
MLZ CM  HCM1 sing N N 244 
MLZ CM  HCM2 sing N N 245 
MLZ CM  HCM3 sing N N 246 
MLZ C   O    doub N N 247 
MLZ C   OXT  sing N N 248 
MLZ OXT HXT  sing N N 249 
PHE N   CA   sing N N 250 
PHE N   H    sing N N 251 
PHE N   H2   sing N N 252 
PHE CA  C    sing N N 253 
PHE CA  CB   sing N N 254 
PHE CA  HA   sing N N 255 
PHE C   O    doub N N 256 
PHE C   OXT  sing N N 257 
PHE CB  CG   sing N N 258 
PHE CB  HB2  sing N N 259 
PHE CB  HB3  sing N N 260 
PHE CG  CD1  doub Y N 261 
PHE CG  CD2  sing Y N 262 
PHE CD1 CE1  sing Y N 263 
PHE CD1 HD1  sing N N 264 
PHE CD2 CE2  doub Y N 265 
PHE CD2 HD2  sing N N 266 
PHE CE1 CZ   doub Y N 267 
PHE CE1 HE1  sing N N 268 
PHE CE2 CZ   sing Y N 269 
PHE CE2 HE2  sing N N 270 
PHE CZ  HZ   sing N N 271 
PHE OXT HXT  sing N N 272 
PRO N   CA   sing N N 273 
PRO N   CD   sing N N 274 
PRO N   H    sing N N 275 
PRO CA  C    sing N N 276 
PRO CA  CB   sing N N 277 
PRO CA  HA   sing N N 278 
PRO C   O    doub N N 279 
PRO C   OXT  sing N N 280 
PRO CB  CG   sing N N 281 
PRO CB  HB2  sing N N 282 
PRO CB  HB3  sing N N 283 
PRO CG  CD   sing N N 284 
PRO CG  HG2  sing N N 285 
PRO CG  HG3  sing N N 286 
PRO CD  HD2  sing N N 287 
PRO CD  HD3  sing N N 288 
PRO OXT HXT  sing N N 289 
SER N   CA   sing N N 290 
SER N   H    sing N N 291 
SER N   H2   sing N N 292 
SER CA  C    sing N N 293 
SER CA  CB   sing N N 294 
SER CA  HA   sing N N 295 
SER C   O    doub N N 296 
SER C   OXT  sing N N 297 
SER CB  OG   sing N N 298 
SER CB  HB2  sing N N 299 
SER CB  HB3  sing N N 300 
SER OG  HG   sing N N 301 
SER OXT HXT  sing N N 302 
THR N   CA   sing N N 303 
THR N   H    sing N N 304 
THR N   H2   sing N N 305 
THR CA  C    sing N N 306 
THR CA  CB   sing N N 307 
THR CA  HA   sing N N 308 
THR C   O    doub N N 309 
THR C   OXT  sing N N 310 
THR CB  OG1  sing N N 311 
THR CB  CG2  sing N N 312 
THR CB  HB   sing N N 313 
THR OG1 HG1  sing N N 314 
THR CG2 HG21 sing N N 315 
THR CG2 HG22 sing N N 316 
THR CG2 HG23 sing N N 317 
THR OXT HXT  sing N N 318 
TRP N   CA   sing N N 319 
TRP N   H    sing N N 320 
TRP N   H2   sing N N 321 
TRP CA  C    sing N N 322 
TRP CA  CB   sing N N 323 
TRP CA  HA   sing N N 324 
TRP C   O    doub N N 325 
TRP C   OXT  sing N N 326 
TRP CB  CG   sing N N 327 
TRP CB  HB2  sing N N 328 
TRP CB  HB3  sing N N 329 
TRP CG  CD1  doub Y N 330 
TRP CG  CD2  sing Y N 331 
TRP CD1 NE1  sing Y N 332 
TRP CD1 HD1  sing N N 333 
TRP CD2 CE2  doub Y N 334 
TRP CD2 CE3  sing Y N 335 
TRP NE1 CE2  sing Y N 336 
TRP NE1 HE1  sing N N 337 
TRP CE2 CZ2  sing Y N 338 
TRP CE3 CZ3  doub Y N 339 
TRP CE3 HE3  sing N N 340 
TRP CZ2 CH2  doub Y N 341 
TRP CZ2 HZ2  sing N N 342 
TRP CZ3 CH2  sing Y N 343 
TRP CZ3 HZ3  sing N N 344 
TRP CH2 HH2  sing N N 345 
TRP OXT HXT  sing N N 346 
TYR N   CA   sing N N 347 
TYR N   H    sing N N 348 
TYR N   H2   sing N N 349 
TYR CA  C    sing N N 350 
TYR CA  CB   sing N N 351 
TYR CA  HA   sing N N 352 
TYR C   O    doub N N 353 
TYR C   OXT  sing N N 354 
TYR CB  CG   sing N N 355 
TYR CB  HB2  sing N N 356 
TYR CB  HB3  sing N N 357 
TYR CG  CD1  doub Y N 358 
TYR CG  CD2  sing Y N 359 
TYR CD1 CE1  sing Y N 360 
TYR CD1 HD1  sing N N 361 
TYR CD2 CE2  doub Y N 362 
TYR CD2 HD2  sing N N 363 
TYR CE1 CZ   doub Y N 364 
TYR CE1 HE1  sing N N 365 
TYR CE2 CZ   sing Y N 366 
TYR CE2 HE2  sing N N 367 
TYR CZ  OH   sing N N 368 
TYR OH  HH   sing N N 369 
TYR OXT HXT  sing N N 370 
VAL N   CA   sing N N 371 
VAL N   H    sing N N 372 
VAL N   H2   sing N N 373 
VAL CA  C    sing N N 374 
VAL CA  CB   sing N N 375 
VAL CA  HA   sing N N 376 
VAL C   O    doub N N 377 
VAL C   OXT  sing N N 378 
VAL CB  CG1  sing N N 379 
VAL CB  CG2  sing N N 380 
VAL CB  HB   sing N N 381 
VAL CG1 HG11 sing N N 382 
VAL CG1 HG12 sing N N 383 
VAL CG1 HG13 sing N N 384 
VAL CG2 HG21 sing N N 385 
VAL CG2 HG22 sing N N 386 
VAL CG2 HG23 sing N N 387 
VAL OXT HXT  sing N N 388 
# 
_pdbx_entity_instance_feature.ordinal        1 
_pdbx_entity_instance_feature.comp_id        MLZ 
_pdbx_entity_instance_feature.asym_id        ? 
_pdbx_entity_instance_feature.seq_num        ? 
_pdbx_entity_instance_feature.auth_comp_id   MLZ 
_pdbx_entity_instance_feature.auth_asym_id   ? 
_pdbx_entity_instance_feature.auth_seq_num   ? 
_pdbx_entity_instance_feature.feature_type   'SUBJECT OF INVESTIGATION' 
_pdbx_entity_instance_feature.details        ? 
# 
_pdbx_entity_nonpoly.entity_id   3 
_pdbx_entity_nonpoly.name        water 
_pdbx_entity_nonpoly.comp_id     HOH 
# 
_pdbx_initial_refinement_model.id               1 
_pdbx_initial_refinement_model.entity_id_list   ? 
_pdbx_initial_refinement_model.type             'experimental model' 
_pdbx_initial_refinement_model.source_name      PDB 
_pdbx_initial_refinement_model.accession_code   3SD4 
_pdbx_initial_refinement_model.details          ? 
# 
_pdbx_struct_assembly_auth_evidence.id                     1 
_pdbx_struct_assembly_auth_evidence.assembly_id            1 
_pdbx_struct_assembly_auth_evidence.experimental_support   'gel filtration' 
_pdbx_struct_assembly_auth_evidence.details                ? 
# 
